data_7KI6
#
_entry.id   7KI6
#
loop_
_entity.id
_entity.type
_entity.pdbx_description
1 polymer 'Fusion glycoprotein F0'
2 polymer '1F5 Fab light chain'
3 polymer '1F5 heavy chain'
4 branched 2-acetamido-2-deoxy-beta-D-glucopyranose-(1-4)-2-acetamido-2-deoxy-beta-D-glucopyranose
5 non-polymer 2-acetamido-2-deoxy-beta-D-glucopyranose
#
loop_
_entity_poly.entity_id
_entity_poly.type
_entity_poly.pdbx_seq_one_letter_code
_entity_poly.pdbx_strand_id
1 'polypeptide(L)'
;MATQEVRLKCLLCGIIVLVLSLEGLGILHYEKLSKIGLVKGITRKYKIKSNPLTKDIVIKMIPNVSNVSKCTGTVMENYK
SRLTGILSPIKGAIELYNNNTHDLVGDVKLAGVVMAGIAIGIATAAQITAGVALYEAMKNADNINKLKSSIESTNEAVVK
LQETAEKTVYVLTALQDYINTNLVPTIDQISCKQTELALDLALSKYLSDLLFVFGPNLQDPVSNSMTIQAISQAFGGNYE
TLLRTLGYATEDFDDLLESDSIAGQIVYVDLSSYYIIVRVYFPILTEIQQAYVQELLPVSFNNDNSEWISIVPNFVLIRN
TLISNIEVKYCLITKKSVICNQDYATPMTASVRECLTGSTDKCPRELVVSSHVPRFALSGGVLFANCISVTCQCQTTGRA
ISQSGEQTLLMIDNTTCTTVVLGNIIISLGKYLGSINYNSESIAVGPPVYTDKVDISSQISSMNQSLQQSKDYIKEAQKI
LDTVNPSMKQIEDKIEEILSKIYHIENEIARIKKLIGEAPGGIEGRKLKETAAAKFERQHMDS
;
A,B,E
2 'polypeptide(L)'
;QIVLTQSPAIMSASLGEAITLTCSASSSVSYMHWYQQKSGTSPKLLIYSTSNLASGVPSRFSGSGSGTFYSLTISSVEAE
DAADYYCHQWYSYPWTFGGGTKLEIKRADAAPTVSIFPPSSEQLTSGGASVVCFLNNFYPKDINVKWKIDGSERQNGVLN
SWTDQDSKDSTYSMSSTLTLTKDEYERHNSYTCEATHKTSTSPIVKSFNRNEC
;
L,C,F
3 'polypeptide(L)'
;DVQLQESGPGLVKPSQSLSLTCSVTGYSITSDYYWNWIRQFPGNKLEWMGYVTYDGSNNYNPSLKNRISITRDSSKNQFF
LKLNSVISEDTATYYCARFGSSYWAMDYWGQGTSLTVSSAKTTPPSVYPLAPGSAAQTNSMVTLGCLVKGYFPEPVTVTW
NSGSLSSGVHTFPAVLQSDLYTLSSSVTVPSSTWPSETVTCNVAHPASSTKVDKKIVPRDCGCKPCICTVPEVSSVFIFP
PKPKDVLTITLTPKVTCVVVDISKDDPEVQFSWFVDDVEVHTAQTQPREEQFNSTFRSVSELPIMHQDWLNGKEFKCRVN
SAAFPAPIEKTISKTKGRPKAPQVYTIPPPKEQMAKDKVSLTCMITDFFPEDITVEWQWNGQPAENYKNTQPIMDTDGSY
FVYSKLNVQKSNWEAGNTFTCSVLHEGLHNHHTEKSLSHSPGK
;
H,D,G
#
# COMPACT_ATOMS: atom_id res chain seq x y z
N GLY A 26 17.01 -26.53 -24.81
CA GLY A 26 17.72 -25.73 -25.78
C GLY A 26 18.97 -25.08 -25.16
N ILE A 27 18.91 -23.76 -24.95
CA ILE A 27 19.99 -22.95 -24.37
C ILE A 27 20.24 -23.23 -22.88
N LEU A 28 19.19 -23.54 -22.13
CA LEU A 28 19.38 -23.92 -20.73
C LEU A 28 19.42 -25.43 -20.70
N HIS A 29 20.29 -26.00 -19.88
CA HIS A 29 20.37 -27.45 -19.85
C HIS A 29 19.27 -27.97 -18.95
N TYR A 30 18.08 -28.09 -19.52
CA TYR A 30 16.89 -28.38 -18.75
C TYR A 30 16.93 -29.74 -18.08
N GLU A 31 17.58 -30.73 -18.70
CA GLU A 31 17.58 -32.05 -18.09
C GLU A 31 18.39 -32.07 -16.78
N LYS A 32 19.60 -31.52 -16.79
CA LYS A 32 20.37 -31.46 -15.56
C LYS A 32 19.76 -30.51 -14.53
N LEU A 33 19.13 -29.44 -15.01
CA LEU A 33 18.52 -28.50 -14.08
C LEU A 33 17.35 -29.14 -13.35
N SER A 34 16.56 -29.95 -14.06
CA SER A 34 15.43 -30.58 -13.39
C SER A 34 15.90 -31.50 -12.29
N LYS A 35 17.09 -32.10 -12.45
CA LYS A 35 17.64 -33.02 -11.45
C LYS A 35 18.04 -32.35 -10.13
N ILE A 36 18.10 -31.02 -10.11
CA ILE A 36 18.43 -30.30 -8.89
C ILE A 36 17.24 -29.44 -8.48
N GLY A 37 16.05 -29.84 -8.90
CA GLY A 37 14.87 -29.15 -8.46
C GLY A 37 14.49 -27.95 -9.28
N LEU A 38 15.01 -27.81 -10.49
CA LEU A 38 14.65 -26.66 -11.29
C LEU A 38 13.91 -27.13 -12.52
N VAL A 39 12.61 -27.32 -12.34
CA VAL A 39 11.78 -27.93 -13.36
C VAL A 39 11.36 -26.88 -14.35
N LYS A 40 11.54 -27.15 -15.64
CA LYS A 40 11.20 -26.14 -16.63
C LYS A 40 9.75 -25.69 -16.45
N GLY A 41 9.55 -24.39 -16.28
CA GLY A 41 8.23 -23.82 -16.13
C GLY A 41 7.76 -23.19 -17.44
N ILE A 42 6.89 -22.20 -17.31
CA ILE A 42 6.31 -21.53 -18.46
C ILE A 42 7.32 -20.65 -19.18
N THR A 43 7.37 -20.78 -20.51
CA THR A 43 8.22 -19.92 -21.30
C THR A 43 7.37 -18.74 -21.73
N ARG A 44 7.78 -17.55 -21.34
CA ARG A 44 7.03 -16.35 -21.64
C ARG A 44 7.78 -15.47 -22.60
N LYS A 45 7.07 -14.72 -23.41
CA LYS A 45 7.74 -13.79 -24.31
C LYS A 45 7.93 -12.43 -23.63
N TYR A 46 8.93 -11.70 -24.09
CA TYR A 46 9.37 -10.46 -23.42
C TYR A 46 8.88 -9.21 -24.14
N LYS A 47 8.22 -8.31 -23.42
CA LYS A 47 7.70 -7.07 -23.99
C LYS A 47 8.15 -5.83 -23.23
N ILE A 48 8.41 -4.75 -23.96
CA ILE A 48 8.70 -3.45 -23.35
C ILE A 48 7.87 -2.34 -23.99
N LYS A 49 7.26 -1.50 -23.14
CA LYS A 49 6.47 -0.35 -23.61
C LYS A 49 7.33 0.65 -24.37
N SER A 50 6.78 1.16 -25.48
CA SER A 50 7.48 2.14 -26.30
C SER A 50 6.56 2.95 -27.23
N ASN A 51 7.13 3.93 -27.92
CA ASN A 51 6.41 4.78 -28.87
C ASN A 51 5.05 5.28 -28.41
N PRO A 52 5.02 6.10 -27.36
CA PRO A 52 3.75 6.61 -26.85
C PRO A 52 3.18 7.83 -27.58
N LEU A 53 1.85 7.85 -27.69
CA LEU A 53 1.12 8.97 -28.28
C LEU A 53 0.56 9.76 -27.09
N THR A 54 0.43 11.07 -27.20
CA THR A 54 -0.02 11.79 -26.03
C THR A 54 -1.31 12.59 -26.18
N LYS A 55 -2.02 12.73 -25.06
CA LYS A 55 -3.19 13.58 -24.98
C LYS A 55 -3.18 14.43 -23.73
N ASP A 56 -3.78 15.60 -23.79
CA ASP A 56 -3.85 16.45 -22.61
C ASP A 56 -5.24 16.42 -21.99
N ILE A 57 -5.29 16.34 -20.67
CA ILE A 57 -6.56 16.42 -19.96
C ILE A 57 -6.43 17.41 -18.81
N VAL A 58 -7.50 18.12 -18.52
CA VAL A 58 -7.48 19.07 -17.43
C VAL A 58 -8.11 18.50 -16.19
N ILE A 59 -7.41 18.56 -15.07
CA ILE A 59 -8.03 18.13 -13.83
C ILE A 59 -8.23 19.35 -12.97
N LYS A 60 -9.48 19.61 -12.65
CA LYS A 60 -9.86 20.74 -11.82
C LYS A 60 -9.77 20.24 -10.39
N MET A 61 -8.90 20.89 -9.63
CA MET A 61 -8.52 20.44 -8.30
C MET A 61 -9.47 20.97 -7.24
N ILE A 62 -10.44 21.76 -7.69
CA ILE A 62 -11.40 22.41 -6.82
C ILE A 62 -12.81 22.37 -7.42
N PRO A 63 -13.81 21.88 -6.68
CA PRO A 63 -15.18 21.73 -7.13
C PRO A 63 -15.90 23.06 -7.29
N ASN A 64 -16.94 23.03 -8.11
CA ASN A 64 -17.83 24.15 -8.34
C ASN A 64 -18.95 24.09 -7.33
N VAL A 65 -18.99 25.07 -6.44
CA VAL A 65 -19.94 25.07 -5.34
C VAL A 65 -21.05 26.10 -5.54
N SER A 66 -21.24 26.55 -6.76
CA SER A 66 -22.27 27.55 -7.01
C SER A 66 -23.66 27.14 -6.49
N ASN A 67 -24.06 25.88 -6.72
CA ASN A 67 -25.38 25.37 -6.37
C ASN A 67 -25.53 25.05 -4.87
N VAL A 68 -24.46 25.24 -4.07
CA VAL A 68 -24.46 25.07 -2.62
C VAL A 68 -23.87 26.31 -1.95
N SER A 69 -23.62 27.37 -2.75
CA SER A 69 -22.79 28.51 -2.33
C SER A 69 -23.28 29.23 -1.09
N LYS A 70 -24.58 29.24 -0.88
CA LYS A 70 -25.11 29.94 0.29
C LYS A 70 -24.64 29.32 1.62
N CYS A 71 -24.26 28.03 1.60
CA CYS A 71 -23.88 27.26 2.79
C CYS A 71 -22.41 26.79 2.77
N THR A 72 -21.52 27.45 1.99
CA THR A 72 -20.10 27.06 1.94
C THR A 72 -19.28 27.75 3.03
N GLY A 73 -19.79 28.84 3.57
CA GLY A 73 -19.08 29.54 4.63
C GLY A 73 -17.68 29.96 4.25
N THR A 74 -16.72 29.62 5.09
CA THR A 74 -15.32 29.88 4.89
C THR A 74 -14.50 28.70 4.32
N VAL A 75 -15.23 27.62 4.06
CA VAL A 75 -14.64 26.38 3.60
C VAL A 75 -13.81 26.44 2.33
N MET A 76 -14.34 27.08 1.30
CA MET A 76 -13.61 27.13 0.04
C MET A 76 -12.39 28.04 0.18
N GLU A 77 -12.46 29.04 1.04
CA GLU A 77 -11.34 29.95 1.21
C GLU A 77 -10.17 29.23 1.86
N ASN A 78 -10.48 28.40 2.87
CA ASN A 78 -9.45 27.64 3.57
C ASN A 78 -8.93 26.53 2.67
N TYR A 79 -9.82 25.96 1.86
CA TYR A 79 -9.45 24.90 0.95
C TYR A 79 -8.45 25.40 -0.08
N LYS A 80 -8.75 26.54 -0.70
CA LYS A 80 -7.89 27.12 -1.70
C LYS A 80 -6.52 27.45 -1.15
N SER A 81 -6.46 27.95 0.09
CA SER A 81 -5.18 28.27 0.68
C SER A 81 -4.33 27.01 0.88
N ARG A 82 -4.96 25.96 1.42
CA ARG A 82 -4.26 24.71 1.65
C ARG A 82 -3.79 24.10 0.33
N LEU A 83 -4.67 24.14 -0.67
CA LEU A 83 -4.40 23.58 -1.98
C LEU A 83 -3.27 24.34 -2.68
N THR A 84 -3.25 25.66 -2.55
CA THR A 84 -2.18 26.45 -3.16
C THR A 84 -0.85 26.01 -2.58
N GLY A 85 -0.80 25.80 -1.27
CA GLY A 85 0.44 25.35 -0.65
C GLY A 85 0.93 24.03 -1.26
N ILE A 86 -0.01 23.15 -1.61
CA ILE A 86 0.31 21.85 -2.22
C ILE A 86 0.77 21.98 -3.67
N LEU A 87 0.03 22.77 -4.46
CA LEU A 87 0.32 22.93 -5.89
C LEU A 87 1.47 23.89 -6.20
N SER A 88 1.70 24.88 -5.35
CA SER A 88 2.71 25.89 -5.61
C SER A 88 4.11 25.35 -5.94
N PRO A 89 4.71 24.43 -5.15
CA PRO A 89 6.02 23.86 -5.42
C PRO A 89 6.04 22.99 -6.69
N ILE A 90 4.87 22.56 -7.15
CA ILE A 90 4.81 21.76 -8.36
C ILE A 90 4.95 22.73 -9.53
N LYS A 91 4.18 23.82 -9.45
CA LYS A 91 4.23 24.86 -10.47
C LYS A 91 5.64 25.42 -10.59
N GLY A 92 6.28 25.65 -9.45
CA GLY A 92 7.63 26.21 -9.42
C GLY A 92 8.63 25.33 -10.17
N ALA A 93 8.63 24.03 -9.86
CA ALA A 93 9.54 23.10 -10.51
C ALA A 93 9.29 23.02 -12.02
N ILE A 94 8.03 23.10 -12.42
CA ILE A 94 7.67 23.09 -13.83
C ILE A 94 8.17 24.36 -14.54
N GLU A 95 7.97 25.51 -13.90
CA GLU A 95 8.43 26.77 -14.46
C GLU A 95 9.94 26.80 -14.63
N LEU A 96 10.67 26.17 -13.70
CA LEU A 96 12.12 26.16 -13.81
C LEU A 96 12.57 25.71 -15.19
N TYR A 97 11.95 24.65 -15.71
CA TYR A 97 12.31 24.16 -17.04
C TYR A 97 11.69 25.00 -18.14
N ASN A 98 10.44 25.45 -17.96
CA ASN A 98 9.81 26.25 -19.00
C ASN A 98 10.54 27.57 -19.28
N ASN A 99 11.16 28.16 -18.25
CA ASN A 99 11.94 29.41 -18.35
C ASN A 99 13.35 29.19 -18.90
N ASN A 100 13.81 27.92 -19.01
CA ASN A 100 15.15 27.56 -19.47
C ASN A 100 15.16 26.97 -20.87
N THR A 101 14.00 26.56 -21.38
CA THR A 101 13.95 25.98 -22.72
C THR A 101 13.40 27.00 -23.71
N HIS A 102 14.16 27.23 -24.79
CA HIS A 102 13.78 28.23 -25.77
C HIS A 102 13.90 27.73 -27.22
N ASP A 103 13.12 28.34 -28.13
CA ASP A 103 13.10 28.04 -29.55
C ASP A 103 13.00 29.34 -30.35
N VAL A 113 14.72 23.58 -30.20
CA VAL A 113 14.38 23.42 -28.78
C VAL A 113 15.69 23.19 -28.00
N VAL A 114 16.25 24.27 -27.45
CA VAL A 114 17.51 24.27 -26.71
C VAL A 114 17.30 24.52 -25.23
N MET A 115 17.85 23.65 -24.41
CA MET A 115 17.71 23.78 -22.97
C MET A 115 18.95 24.43 -22.37
N ALA A 116 18.73 25.39 -21.48
CA ALA A 116 19.82 26.11 -20.85
C ALA A 116 20.48 25.27 -19.76
N GLY A 117 21.46 24.49 -20.16
CA GLY A 117 22.16 23.60 -19.23
C GLY A 117 22.75 24.38 -18.06
N ILE A 118 23.18 25.61 -18.29
CA ILE A 118 23.75 26.44 -17.23
C ILE A 118 22.70 26.78 -16.17
N ALA A 119 21.53 27.22 -16.63
CA ALA A 119 20.45 27.60 -15.74
C ALA A 119 19.87 26.41 -14.98
N ILE A 120 19.84 25.26 -15.62
CA ILE A 120 19.34 24.04 -14.97
C ILE A 120 20.37 23.58 -13.94
N GLY A 121 21.63 23.57 -14.33
CA GLY A 121 22.74 23.26 -13.44
C GLY A 121 22.91 21.76 -13.24
N ILE A 122 21.96 21.16 -12.54
CA ILE A 122 22.03 19.73 -12.25
C ILE A 122 20.79 19.01 -12.72
N ALA A 123 20.99 17.99 -13.55
CA ALA A 123 19.87 17.18 -13.99
C ALA A 123 20.35 15.82 -14.48
N THR A 124 19.48 14.84 -14.37
CA THR A 124 19.72 13.51 -14.92
C THR A 124 19.21 13.50 -16.35
N ALA A 125 19.59 12.48 -17.11
CA ALA A 125 19.10 12.38 -18.47
C ALA A 125 17.58 12.31 -18.49
N ALA A 126 17.01 11.63 -17.50
CA ALA A 126 15.55 11.48 -17.41
C ALA A 126 14.86 12.82 -17.19
N GLN A 127 15.46 13.68 -16.36
CA GLN A 127 14.90 14.99 -16.07
C GLN A 127 14.99 15.90 -17.29
N ILE A 128 16.08 15.75 -18.03
CA ILE A 128 16.30 16.54 -19.24
C ILE A 128 15.31 16.13 -20.32
N THR A 129 15.14 14.82 -20.51
CA THR A 129 14.20 14.30 -21.49
C THR A 129 12.78 14.72 -21.15
N ALA A 130 12.40 14.62 -19.87
CA ALA A 130 11.08 15.03 -19.44
C ALA A 130 10.90 16.53 -19.66
N GLY A 131 11.99 17.30 -19.47
CA GLY A 131 11.98 18.74 -19.70
C GLY A 131 11.71 19.08 -21.16
N VAL A 132 12.22 18.26 -22.09
CA VAL A 132 11.95 18.48 -23.50
C VAL A 132 10.48 18.21 -23.77
N ALA A 133 9.97 17.10 -23.23
CA ALA A 133 8.57 16.74 -23.41
C ALA A 133 7.67 17.85 -22.84
N LEU A 134 8.10 18.44 -21.72
CA LEU A 134 7.38 19.53 -21.10
C LEU A 134 7.29 20.72 -22.03
N TYR A 135 8.41 21.09 -22.64
CA TYR A 135 8.43 22.20 -23.57
C TYR A 135 7.43 21.97 -24.70
N GLU A 136 7.47 20.78 -25.30
CA GLU A 136 6.59 20.48 -26.41
C GLU A 136 5.13 20.53 -25.97
N ALA A 137 4.87 20.04 -24.77
CA ALA A 137 3.52 20.02 -24.21
C ALA A 137 2.93 21.43 -24.09
N MET A 138 3.78 22.41 -23.81
CA MET A 138 3.29 23.78 -23.63
C MET A 138 2.67 24.36 -24.88
N LYS A 139 3.02 23.80 -26.04
CA LYS A 139 2.45 24.30 -27.28
C LYS A 139 0.94 24.12 -27.26
N ASN A 140 0.48 23.06 -26.56
CA ASN A 140 -0.93 22.76 -26.46
C ASN A 140 -1.51 23.31 -25.16
N ALA A 141 -0.70 23.36 -24.10
CA ALA A 141 -1.19 23.88 -22.83
C ALA A 141 -1.64 25.32 -23.02
N ASP A 142 -0.93 26.05 -23.89
CA ASP A 142 -1.27 27.42 -24.21
C ASP A 142 -2.65 27.57 -24.86
N ASN A 143 -3.14 26.55 -25.55
CA ASN A 143 -4.47 26.63 -26.15
C ASN A 143 -5.51 26.32 -25.09
N ILE A 144 -5.19 25.35 -24.24
CA ILE A 144 -6.08 24.93 -23.18
C ILE A 144 -6.31 26.08 -22.22
N ASN A 145 -5.25 26.82 -21.95
CA ASN A 145 -5.29 27.93 -21.01
C ASN A 145 -6.22 29.06 -21.48
N LYS A 146 -6.58 29.08 -22.76
CA LYS A 146 -7.46 30.13 -23.27
C LYS A 146 -8.91 29.81 -22.93
N LEU A 147 -9.11 28.63 -22.35
CA LEU A 147 -10.40 28.16 -21.89
C LEU A 147 -10.50 28.35 -20.40
N LYS A 148 -9.56 29.09 -19.83
CA LYS A 148 -9.49 29.31 -18.39
C LYS A 148 -10.86 29.62 -17.76
N SER A 149 -11.64 30.52 -18.37
CA SER A 149 -12.94 30.88 -17.82
C SER A 149 -13.97 29.77 -18.04
N SER A 150 -13.74 28.93 -19.05
CA SER A 150 -14.65 27.85 -19.37
C SER A 150 -14.33 26.64 -18.49
N ILE A 151 -13.11 26.62 -17.95
CA ILE A 151 -12.71 25.59 -17.01
C ILE A 151 -13.28 25.97 -15.65
N GLU A 152 -13.14 27.24 -15.27
CA GLU A 152 -13.67 27.72 -14.01
C GLU A 152 -15.17 27.46 -13.86
N SER A 153 -15.92 27.61 -14.95
CA SER A 153 -17.37 27.47 -14.94
C SER A 153 -17.88 26.02 -14.94
N THR A 154 -17.02 25.04 -15.14
CA THR A 154 -17.52 23.68 -15.28
C THR A 154 -18.17 23.24 -13.97
N ASN A 155 -19.37 22.65 -14.08
CA ASN A 155 -20.15 22.22 -12.92
C ASN A 155 -20.57 20.75 -12.97
N GLU A 156 -19.84 19.94 -13.73
CA GLU A 156 -20.09 18.52 -13.84
C GLU A 156 -18.77 17.79 -13.69
N ALA A 157 -18.81 16.55 -13.24
CA ALA A 157 -17.57 15.81 -13.02
C ALA A 157 -16.75 15.71 -14.30
N VAL A 158 -17.43 15.53 -15.44
CA VAL A 158 -16.72 15.47 -16.71
C VAL A 158 -17.38 16.34 -17.77
N VAL A 159 -16.63 17.30 -18.33
CA VAL A 159 -17.18 18.10 -19.41
C VAL A 159 -16.25 18.19 -20.60
N LYS A 160 -16.83 18.46 -21.75
CA LYS A 160 -16.11 18.58 -23.01
C LYS A 160 -15.96 20.03 -23.48
N LEU A 161 -14.72 20.52 -23.51
CA LEU A 161 -14.44 21.87 -24.00
C LEU A 161 -13.68 21.80 -25.31
N GLN A 162 -13.80 22.81 -26.15
CA GLN A 162 -13.04 22.83 -27.40
C GLN A 162 -11.72 23.55 -27.25
N GLU A 163 -10.62 22.84 -27.48
CA GLU A 163 -9.28 23.43 -27.42
C GLU A 163 -9.07 24.24 -28.68
N THR A 164 -9.36 23.58 -29.80
CA THR A 164 -9.29 24.15 -31.14
C THR A 164 -10.52 23.60 -31.84
N ALA A 165 -10.86 24.10 -33.02
CA ALA A 165 -12.03 23.56 -33.70
C ALA A 165 -11.90 22.05 -33.93
N GLU A 166 -10.67 21.57 -34.13
CA GLU A 166 -10.39 20.16 -34.41
C GLU A 166 -9.98 19.34 -33.19
N LYS A 167 -9.96 19.94 -32.01
CA LYS A 167 -9.51 19.24 -30.80
C LYS A 167 -10.37 19.49 -29.59
N THR A 168 -10.60 18.43 -28.83
CA THR A 168 -11.33 18.57 -27.59
C THR A 168 -10.41 18.32 -26.42
N VAL A 169 -10.69 19.00 -25.33
CA VAL A 169 -10.01 18.77 -24.07
C VAL A 169 -11.07 18.56 -23.01
N TYR A 170 -10.89 17.56 -22.18
CA TYR A 170 -11.86 17.31 -21.15
C TYR A 170 -11.42 17.84 -19.81
N VAL A 171 -12.40 18.29 -19.05
CA VAL A 171 -12.13 18.75 -17.70
C VAL A 171 -12.75 17.78 -16.71
N LEU A 172 -11.92 17.19 -15.87
CA LEU A 172 -12.34 16.27 -14.83
C LEU A 172 -12.35 17.05 -13.53
N THR A 173 -13.48 17.10 -12.84
CA THR A 173 -13.51 17.92 -11.64
C THR A 173 -13.64 17.11 -10.35
N ALA A 174 -12.71 17.34 -9.44
CA ALA A 174 -12.70 16.65 -8.16
C ALA A 174 -13.94 16.99 -7.36
N LEU A 175 -14.55 15.96 -6.77
CA LEU A 175 -15.71 16.09 -5.89
C LEU A 175 -16.93 16.75 -6.52
N GLN A 176 -16.95 16.93 -7.84
CA GLN A 176 -18.11 17.58 -8.41
C GLN A 176 -19.34 16.70 -8.33
N ASP A 177 -19.16 15.39 -8.43
CA ASP A 177 -20.30 14.49 -8.38
C ASP A 177 -20.82 14.45 -6.95
N TYR A 178 -19.91 14.45 -6.00
CA TYR A 178 -20.29 14.46 -4.60
C TYR A 178 -21.22 15.63 -4.33
N ILE A 179 -20.82 16.80 -4.77
CA ILE A 179 -21.65 17.97 -4.53
C ILE A 179 -22.96 17.86 -5.29
N ASN A 180 -22.90 17.51 -6.58
CA ASN A 180 -24.11 17.48 -7.40
C ASN A 180 -25.16 16.46 -6.94
N THR A 181 -24.73 15.33 -6.37
CA THR A 181 -25.72 14.33 -5.97
C THR A 181 -25.91 14.20 -4.45
N ASN A 182 -24.93 14.61 -3.65
CA ASN A 182 -25.07 14.46 -2.20
C ASN A 182 -25.36 15.77 -1.46
N LEU A 183 -24.85 16.91 -1.96
CA LEU A 183 -25.11 18.15 -1.21
C LEU A 183 -26.22 18.98 -1.83
N VAL A 184 -26.24 19.12 -3.15
CA VAL A 184 -27.24 19.99 -3.76
C VAL A 184 -28.68 19.55 -3.45
N PRO A 185 -29.05 18.26 -3.56
CA PRO A 185 -30.38 17.76 -3.29
C PRO A 185 -30.77 17.86 -1.82
N THR A 186 -29.79 18.10 -0.95
CA THR A 186 -30.03 18.12 0.49
C THR A 186 -30.10 19.52 1.08
N ILE A 187 -30.01 20.56 0.25
CA ILE A 187 -29.95 21.91 0.80
C ILE A 187 -31.11 22.26 1.72
N ASP A 188 -32.32 21.83 1.38
CA ASP A 188 -33.46 22.13 2.24
C ASP A 188 -33.87 20.96 3.14
N GLN A 189 -33.02 19.93 3.24
CA GLN A 189 -33.31 18.76 4.08
C GLN A 189 -32.48 18.75 5.35
N ILE A 190 -31.26 19.26 5.26
CA ILE A 190 -30.37 19.34 6.41
C ILE A 190 -30.11 20.80 6.67
N SER A 191 -29.66 21.15 7.87
CA SER A 191 -29.45 22.57 8.11
C SER A 191 -28.32 23.05 7.24
N CYS A 192 -28.28 24.38 7.00
CA CYS A 192 -27.25 25.02 6.18
C CYS A 192 -25.83 24.74 6.74
N LYS A 193 -25.68 24.77 8.08
CA LYS A 193 -24.41 24.51 8.76
C LYS A 193 -23.94 23.08 8.51
N GLN A 194 -24.88 22.13 8.44
CA GLN A 194 -24.49 20.75 8.18
C GLN A 194 -23.95 20.59 6.77
N THR A 195 -24.49 21.37 5.83
CA THR A 195 -23.98 21.32 4.47
C THR A 195 -22.53 21.80 4.45
N GLU A 196 -22.27 22.88 5.20
CA GLU A 196 -20.91 23.43 5.28
C GLU A 196 -19.94 22.38 5.79
N LEU A 197 -20.33 21.68 6.86
CA LEU A 197 -19.47 20.66 7.44
C LEU A 197 -19.24 19.49 6.49
N ALA A 198 -20.29 19.08 5.78
CA ALA A 198 -20.20 17.99 4.84
C ALA A 198 -19.23 18.32 3.71
N LEU A 199 -19.27 19.57 3.24
CA LEU A 199 -18.38 20.02 2.19
C LEU A 199 -16.94 20.06 2.69
N ASP A 200 -16.76 20.57 3.90
CA ASP A 200 -15.44 20.71 4.48
C ASP A 200 -14.77 19.35 4.61
N LEU A 201 -15.53 18.35 5.10
CA LEU A 201 -14.99 17.01 5.24
C LEU A 201 -14.68 16.36 3.90
N ALA A 202 -15.53 16.57 2.89
CA ALA A 202 -15.27 15.99 1.57
C ALA A 202 -13.98 16.54 0.98
N LEU A 203 -13.77 17.84 1.17
CA LEU A 203 -12.58 18.52 0.68
C LEU A 203 -11.35 18.09 1.44
N SER A 204 -11.48 17.94 2.76
CA SER A 204 -10.35 17.54 3.57
C SER A 204 -9.93 16.09 3.29
N LYS A 205 -10.89 15.19 3.08
CA LYS A 205 -10.53 13.82 2.76
C LYS A 205 -9.82 13.78 1.42
N TYR A 206 -10.32 14.57 0.47
CA TYR A 206 -9.69 14.66 -0.83
C TYR A 206 -8.22 15.04 -0.69
N LEU A 207 -7.94 16.09 0.08
CA LEU A 207 -6.56 16.53 0.25
C LEU A 207 -5.71 15.50 0.99
N SER A 208 -6.29 14.83 1.98
CA SER A 208 -5.52 13.83 2.73
C SER A 208 -5.03 12.72 1.81
N ASP A 209 -5.87 12.32 0.87
CA ASP A 209 -5.49 11.30 -0.10
C ASP A 209 -4.56 11.88 -1.16
N LEU A 210 -4.81 13.13 -1.55
CA LEU A 210 -4.07 13.80 -2.60
C LEU A 210 -2.59 13.95 -2.24
N LEU A 211 -2.31 14.29 -0.98
CA LEU A 211 -0.96 14.58 -0.52
C LEU A 211 0.03 13.44 -0.71
N PHE A 212 -0.39 12.19 -0.58
CA PHE A 212 0.57 11.12 -0.77
C PHE A 212 1.33 11.30 -2.08
N VAL A 213 0.61 11.68 -3.13
CA VAL A 213 1.22 11.82 -4.44
C VAL A 213 1.65 13.24 -4.78
N PHE A 214 0.81 14.22 -4.50
CA PHE A 214 1.07 15.61 -4.93
C PHE A 214 1.71 16.45 -3.84
N GLY A 215 2.06 15.82 -2.74
CA GLY A 215 2.72 16.49 -1.63
C GLY A 215 4.23 16.48 -1.88
N PRO A 216 5.02 16.66 -0.82
CA PRO A 216 6.49 16.78 -0.78
C PRO A 216 7.22 15.61 -1.44
N ASN A 217 6.55 14.48 -1.61
CA ASN A 217 7.16 13.32 -2.24
C ASN A 217 7.48 13.59 -3.71
N LEU A 218 6.72 14.52 -4.31
CA LEU A 218 6.88 14.83 -5.72
C LEU A 218 7.92 15.91 -5.95
N GLN A 219 9.19 15.56 -5.72
CA GLN A 219 10.28 16.52 -5.93
C GLN A 219 10.57 16.69 -7.42
N ASP A 220 10.08 15.74 -8.24
CA ASP A 220 10.30 15.74 -9.68
C ASP A 220 9.02 15.64 -10.49
N PRO A 221 8.19 16.71 -10.57
CA PRO A 221 7.00 16.79 -11.39
C PRO A 221 7.39 16.85 -12.86
N VAL A 222 8.65 17.21 -13.12
CA VAL A 222 9.14 17.22 -14.48
C VAL A 222 9.60 15.80 -14.79
N SER A 223 8.62 14.95 -15.03
CA SER A 223 8.82 13.53 -15.25
C SER A 223 7.70 12.95 -16.11
N ASN A 224 8.07 11.99 -16.95
CA ASN A 224 7.10 11.29 -17.78
C ASN A 224 7.05 9.81 -17.43
N SER A 225 7.47 9.49 -16.19
CA SER A 225 7.47 8.12 -15.69
C SER A 225 6.44 7.90 -14.57
N MET A 226 5.72 8.95 -14.22
CA MET A 226 4.74 8.89 -13.13
C MET A 226 3.46 8.24 -13.64
N THR A 227 3.03 7.18 -12.97
CA THR A 227 1.90 6.40 -13.46
C THR A 227 0.60 7.16 -13.45
N ILE A 228 -0.29 6.81 -14.36
CA ILE A 228 -1.58 7.47 -14.44
C ILE A 228 -2.45 7.18 -13.22
N GLN A 229 -2.32 5.99 -12.64
CA GLN A 229 -3.08 5.67 -11.44
C GLN A 229 -2.69 6.59 -10.27
N ALA A 230 -1.52 7.22 -10.37
CA ALA A 230 -1.03 8.13 -9.34
C ALA A 230 -1.49 9.55 -9.60
N ILE A 231 -1.91 9.85 -10.81
CA ILE A 231 -2.30 11.22 -11.16
C ILE A 231 -3.79 11.35 -11.01
N SER A 232 -4.47 10.23 -11.23
CA SER A 232 -5.91 10.09 -11.12
C SER A 232 -6.37 10.38 -9.72
N GLN A 233 -5.43 10.43 -8.77
CA GLN A 233 -5.71 10.75 -7.37
C GLN A 233 -6.29 12.16 -7.31
N ALA A 234 -5.91 12.99 -8.27
CA ALA A 234 -6.39 14.36 -8.39
C ALA A 234 -7.88 14.35 -8.77
N PHE A 235 -8.35 13.20 -9.22
CA PHE A 235 -9.74 12.98 -9.59
C PHE A 235 -10.31 11.80 -8.78
N GLY A 236 -9.84 11.65 -7.54
CA GLY A 236 -10.39 10.66 -6.60
C GLY A 236 -9.85 9.24 -6.79
N GLY A 237 -8.86 9.09 -7.65
CA GLY A 237 -8.28 7.79 -7.95
C GLY A 237 -9.02 7.10 -9.09
N ASN A 238 -9.97 7.81 -9.70
CA ASN A 238 -10.77 7.22 -10.76
C ASN A 238 -10.10 7.31 -12.12
N TYR A 239 -9.13 6.41 -12.33
CA TYR A 239 -8.37 6.42 -13.58
C TYR A 239 -9.13 5.82 -14.75
N GLU A 240 -10.12 4.97 -14.47
CA GLU A 240 -10.89 4.41 -15.58
C GLU A 240 -11.70 5.48 -16.28
N THR A 241 -12.27 6.41 -15.51
CA THR A 241 -13.01 7.50 -16.11
C THR A 241 -12.08 8.40 -16.90
N LEU A 242 -10.91 8.69 -16.32
CA LEU A 242 -9.94 9.56 -16.98
C LEU A 242 -9.57 9.03 -18.36
N LEU A 243 -9.20 7.75 -18.40
CA LEU A 243 -8.73 7.11 -19.61
C LEU A 243 -9.83 6.85 -20.63
N ARG A 244 -11.05 6.56 -20.15
CA ARG A 244 -12.18 6.38 -21.04
C ARG A 244 -12.53 7.72 -21.69
N THR A 245 -12.48 8.79 -20.91
CA THR A 245 -12.76 10.13 -21.39
C THR A 245 -11.82 10.50 -22.54
N LEU A 246 -10.56 10.11 -22.40
CA LEU A 246 -9.56 10.32 -23.44
C LEU A 246 -9.77 9.42 -24.67
N GLY A 247 -10.67 8.45 -24.58
CA GLY A 247 -11.01 7.55 -25.69
C GLY A 247 -10.03 6.42 -25.91
N TYR A 248 -9.28 6.01 -24.89
CA TYR A 248 -8.30 4.96 -25.11
C TYR A 248 -8.81 3.60 -24.63
N ALA A 249 -8.75 2.62 -25.51
CA ALA A 249 -9.08 1.25 -25.19
C ALA A 249 -8.46 0.34 -26.23
N THR A 250 -7.60 -0.52 -25.75
CA THR A 250 -6.80 -1.39 -26.60
C THR A 250 -6.72 -2.79 -26.03
N GLU A 251 -6.47 -3.77 -26.88
CA GLU A 251 -6.26 -5.16 -26.47
C GLU A 251 -5.26 -5.29 -25.33
N ASP A 252 -4.20 -4.48 -25.36
CA ASP A 252 -3.13 -4.51 -24.37
C ASP A 252 -3.32 -3.48 -23.24
N PHE A 253 -4.48 -2.85 -23.20
CA PHE A 253 -4.76 -1.76 -22.26
C PHE A 253 -4.60 -2.13 -20.78
N ASP A 254 -5.13 -3.27 -20.37
CA ASP A 254 -5.05 -3.65 -18.97
C ASP A 254 -3.64 -4.07 -18.58
N ASP A 255 -2.87 -4.54 -19.56
CA ASP A 255 -1.52 -4.95 -19.24
C ASP A 255 -0.63 -3.72 -19.15
N LEU A 256 -0.93 -2.72 -19.99
CA LEU A 256 -0.23 -1.46 -19.93
C LEU A 256 -0.49 -0.77 -18.59
N LEU A 257 -1.72 -0.88 -18.08
CA LEU A 257 -2.01 -0.29 -16.78
C LEU A 257 -1.26 -0.97 -15.64
N GLU A 258 -1.25 -2.30 -15.59
CA GLU A 258 -0.65 -2.97 -14.45
C GLU A 258 0.84 -3.21 -14.59
N SER A 259 1.38 -2.88 -15.76
CA SER A 259 2.81 -2.91 -15.98
C SER A 259 3.39 -1.52 -15.75
N ASP A 260 2.54 -0.58 -15.32
CA ASP A 260 2.92 0.80 -15.08
C ASP A 260 3.53 1.46 -16.32
N SER A 261 2.91 1.23 -17.48
CA SER A 261 3.38 1.83 -18.72
C SER A 261 2.60 3.09 -19.11
N ILE A 262 1.36 3.21 -18.63
CA ILE A 262 0.59 4.40 -18.95
C ILE A 262 0.89 5.42 -17.88
N ALA A 263 1.50 6.50 -18.30
CA ALA A 263 2.03 7.50 -17.39
C ALA A 263 1.57 8.86 -17.80
N GLY A 264 1.77 9.82 -16.92
CA GLY A 264 1.44 11.18 -17.28
C GLY A 264 2.43 12.15 -16.69
N GLN A 265 2.40 13.36 -17.21
CA GLN A 265 3.27 14.42 -16.77
C GLN A 265 2.45 15.64 -16.47
N ILE A 266 2.75 16.30 -15.36
CA ILE A 266 2.04 17.53 -15.10
C ILE A 266 2.80 18.58 -15.88
N VAL A 267 2.12 19.23 -16.82
CA VAL A 267 2.81 20.17 -17.68
C VAL A 267 2.43 21.59 -17.36
N TYR A 268 1.29 21.78 -16.71
CA TYR A 268 0.89 23.12 -16.34
C TYR A 268 0.07 23.15 -15.05
N VAL A 269 0.38 24.12 -14.19
CA VAL A 269 -0.38 24.31 -12.96
C VAL A 269 -0.93 25.73 -12.85
N ASP A 270 -2.24 25.84 -12.65
CA ASP A 270 -2.92 27.12 -12.47
C ASP A 270 -3.35 27.31 -11.02
N LEU A 271 -2.69 28.22 -10.30
CA LEU A 271 -2.93 28.40 -8.86
C LEU A 271 -4.04 29.42 -8.56
N SER A 272 -4.68 29.93 -9.60
CA SER A 272 -5.77 30.88 -9.40
C SER A 272 -7.11 30.20 -9.67
N SER A 273 -7.13 29.34 -10.68
CA SER A 273 -8.33 28.61 -11.04
C SER A 273 -8.29 27.19 -10.49
N TYR A 274 -7.13 26.80 -9.97
CA TYR A 274 -6.91 25.51 -9.34
C TYR A 274 -7.13 24.32 -10.25
N TYR A 275 -6.39 24.29 -11.34
CA TYR A 275 -6.44 23.14 -12.23
C TYR A 275 -5.05 22.81 -12.73
N ILE A 276 -4.87 21.56 -13.12
CA ILE A 276 -3.60 21.14 -13.70
C ILE A 276 -3.82 20.53 -15.07
N ILE A 277 -2.86 20.70 -15.95
CA ILE A 277 -2.94 20.06 -17.25
C ILE A 277 -1.99 18.89 -17.24
N VAL A 278 -2.55 17.72 -17.50
CA VAL A 278 -1.80 16.49 -17.48
C VAL A 278 -1.69 15.89 -18.85
N ARG A 279 -0.47 15.62 -19.25
CA ARG A 279 -0.21 14.95 -20.50
C ARG A 279 -0.13 13.46 -20.25
N VAL A 280 -0.97 12.69 -20.91
CA VAL A 280 -1.04 11.26 -20.69
C VAL A 280 -0.42 10.52 -21.87
N TYR A 281 0.54 9.67 -21.55
CA TYR A 281 1.31 8.90 -22.52
C TYR A 281 0.70 7.52 -22.71
N PHE A 282 0.39 7.20 -23.97
CA PHE A 282 -0.19 5.91 -24.32
C PHE A 282 0.73 5.16 -25.26
N PRO A 283 1.61 4.32 -24.71
CA PRO A 283 2.56 3.57 -25.53
C PRO A 283 1.99 2.25 -26.04
N ILE A 284 2.76 1.58 -26.88
CA ILE A 284 2.39 0.29 -27.43
C ILE A 284 3.43 -0.71 -26.96
N LEU A 285 3.08 -1.99 -26.87
CA LEU A 285 4.04 -2.97 -26.42
C LEU A 285 4.79 -3.57 -27.59
N THR A 286 6.12 -3.44 -27.53
CA THR A 286 6.99 -3.97 -28.56
C THR A 286 7.44 -5.36 -28.15
N GLU A 287 7.23 -6.34 -29.01
CA GLU A 287 7.65 -7.69 -28.71
C GLU A 287 9.14 -7.70 -28.95
N ILE A 288 9.91 -8.15 -27.97
CA ILE A 288 11.34 -8.15 -28.15
C ILE A 288 11.68 -9.41 -28.92
N GLN A 289 12.35 -9.26 -30.04
CA GLN A 289 12.61 -10.39 -30.90
C GLN A 289 13.74 -11.22 -30.37
N GLN A 290 13.65 -12.53 -30.59
CA GLN A 290 14.65 -13.47 -30.10
C GLN A 290 14.83 -13.28 -28.61
N ALA A 291 13.72 -13.14 -27.90
CA ALA A 291 13.80 -12.95 -26.46
C ALA A 291 12.64 -13.60 -25.76
N TYR A 292 12.94 -14.16 -24.60
CA TYR A 292 11.94 -14.76 -23.75
C TYR A 292 12.41 -14.84 -22.31
N VAL A 293 11.48 -15.02 -21.40
CA VAL A 293 11.79 -15.22 -20.01
C VAL A 293 11.38 -16.62 -19.60
N GLN A 294 12.33 -17.40 -19.15
CA GLN A 294 12.05 -18.77 -18.77
C GLN A 294 11.89 -18.91 -17.28
N GLU A 295 10.71 -19.34 -16.85
CA GLU A 295 10.49 -19.57 -15.44
C GLU A 295 10.95 -20.97 -15.08
N LEU A 296 11.57 -21.10 -13.91
CA LEU A 296 11.93 -22.40 -13.38
C LEU A 296 11.05 -22.63 -12.17
N LEU A 297 10.59 -23.86 -11.98
CA LEU A 297 9.76 -24.17 -10.84
C LEU A 297 10.60 -24.89 -9.80
N PRO A 298 10.93 -24.25 -8.67
CA PRO A 298 11.79 -24.78 -7.65
C PRO A 298 11.12 -25.95 -6.95
N VAL A 299 11.82 -27.07 -6.89
CA VAL A 299 11.36 -28.29 -6.25
C VAL A 299 12.46 -28.80 -5.31
N SER A 300 12.11 -29.11 -4.09
CA SER A 300 13.11 -29.60 -3.17
C SER A 300 13.63 -30.96 -3.61
N PHE A 301 14.87 -31.26 -3.28
CA PHE A 301 15.45 -32.55 -3.66
C PHE A 301 16.33 -33.12 -2.55
N ASN A 302 16.59 -34.41 -2.63
CA ASN A 302 17.39 -35.13 -1.65
C ASN A 302 18.88 -35.15 -1.93
N ASN A 303 19.69 -34.89 -0.91
CA ASN A 303 21.14 -35.04 -1.03
C ASN A 303 21.79 -35.21 0.34
N ASP A 304 22.49 -36.33 0.53
CA ASP A 304 23.15 -36.61 1.81
C ASP A 304 22.15 -36.65 2.98
N ASN A 305 21.05 -37.35 2.77
CA ASN A 305 20.00 -37.53 3.79
C ASN A 305 19.41 -36.24 4.32
N SER A 306 19.21 -35.26 3.45
CA SER A 306 18.55 -34.02 3.82
C SER A 306 17.88 -33.40 2.60
N GLU A 307 16.95 -32.49 2.85
CA GLU A 307 16.21 -31.85 1.77
C GLU A 307 16.80 -30.48 1.42
N TRP A 308 16.97 -30.23 0.11
CA TRP A 308 17.59 -29.01 -0.38
C TRP A 308 16.76 -28.30 -1.43
N ILE A 309 16.87 -26.99 -1.47
CA ILE A 309 16.25 -26.22 -2.54
C ILE A 309 17.38 -25.50 -3.28
N SER A 310 17.33 -25.44 -4.60
CA SER A 310 18.40 -24.76 -5.33
C SER A 310 18.21 -23.26 -5.37
N ILE A 311 19.32 -22.54 -5.25
CA ILE A 311 19.31 -21.09 -5.33
C ILE A 311 19.87 -20.59 -6.65
N VAL A 312 18.97 -20.39 -7.58
CA VAL A 312 19.25 -19.88 -8.91
C VAL A 312 18.15 -18.86 -9.15
N PRO A 313 18.25 -17.99 -10.15
CA PRO A 313 17.17 -17.14 -10.58
C PRO A 313 16.02 -18.03 -11.01
N ASN A 314 14.79 -17.70 -10.60
CA ASN A 314 13.67 -18.52 -11.05
C ASN A 314 13.04 -17.91 -12.29
N PHE A 315 13.60 -16.80 -12.74
CA PHE A 315 13.24 -16.13 -13.97
C PHE A 315 14.50 -15.76 -14.73
N VAL A 316 14.76 -16.50 -15.79
CA VAL A 316 15.96 -16.28 -16.56
C VAL A 316 15.62 -15.60 -17.88
N LEU A 317 16.25 -14.45 -18.13
CA LEU A 317 15.97 -13.72 -19.36
C LEU A 317 16.97 -14.10 -20.42
N ILE A 318 16.44 -14.55 -21.53
CA ILE A 318 17.30 -14.97 -22.61
C ILE A 318 17.04 -14.13 -23.83
N ARG A 319 18.11 -13.57 -24.36
CA ARG A 319 18.06 -12.74 -25.55
C ARG A 319 19.13 -13.25 -26.48
N ASN A 320 18.74 -13.62 -27.70
CA ASN A 320 19.66 -14.26 -28.60
C ASN A 320 20.19 -15.50 -27.89
N THR A 321 21.50 -15.57 -27.64
CA THR A 321 22.07 -16.72 -26.95
C THR A 321 22.65 -16.31 -25.59
N LEU A 322 22.34 -15.08 -25.17
CA LEU A 322 22.84 -14.56 -23.91
C LEU A 322 21.86 -14.84 -22.79
N ILE A 323 22.41 -15.27 -21.66
CA ILE A 323 21.62 -15.55 -20.48
C ILE A 323 21.90 -14.49 -19.43
N SER A 324 20.85 -13.83 -18.96
CA SER A 324 20.98 -12.77 -17.98
C SER A 324 19.85 -12.84 -16.95
N ASN A 325 19.96 -12.04 -15.91
CA ASN A 325 18.95 -12.01 -14.87
C ASN A 325 17.90 -10.97 -15.23
N ILE A 326 16.68 -11.15 -14.74
CA ILE A 326 15.66 -10.14 -14.95
C ILE A 326 14.94 -9.79 -13.65
N GLU A 327 14.82 -8.50 -13.39
CA GLU A 327 14.13 -8.05 -12.19
C GLU A 327 12.63 -7.98 -12.40
N VAL A 328 12.02 -9.15 -12.47
CA VAL A 328 10.59 -9.27 -12.78
C VAL A 328 9.72 -8.70 -11.69
N LYS A 329 10.30 -8.40 -10.54
CA LYS A 329 9.57 -7.78 -9.44
C LYS A 329 9.04 -6.40 -9.82
N TYR A 330 9.60 -5.83 -10.89
CA TYR A 330 9.14 -4.54 -11.42
C TYR A 330 8.30 -4.66 -12.70
N CYS A 331 7.96 -5.89 -13.12
CA CYS A 331 7.25 -6.18 -14.36
C CYS A 331 5.94 -6.89 -14.09
N LEU A 332 5.01 -6.84 -15.05
CA LEU A 332 3.74 -7.56 -14.99
C LEU A 332 3.92 -8.94 -15.60
N ILE A 333 3.65 -9.97 -14.82
CA ILE A 333 3.83 -11.30 -15.34
C ILE A 333 2.47 -11.91 -15.63
N THR A 334 2.23 -12.21 -16.88
CA THR A 334 0.99 -12.83 -17.32
C THR A 334 1.36 -14.25 -17.68
N LYS A 335 0.41 -15.09 -18.05
CA LYS A 335 0.74 -16.45 -18.43
C LYS A 335 1.50 -16.52 -19.75
N LYS A 336 1.44 -15.44 -20.53
CA LYS A 336 2.02 -15.45 -21.87
C LYS A 336 3.27 -14.60 -22.01
N SER A 337 3.38 -13.52 -21.23
CA SER A 337 4.49 -12.60 -21.38
C SER A 337 4.89 -11.90 -20.09
N VAL A 338 6.13 -11.39 -20.09
CA VAL A 338 6.61 -10.53 -19.03
C VAL A 338 6.66 -9.12 -19.59
N ILE A 339 5.79 -8.26 -19.08
CA ILE A 339 5.63 -6.92 -19.62
C ILE A 339 6.24 -5.87 -18.70
N CYS A 340 7.32 -5.25 -19.16
CA CYS A 340 8.11 -4.29 -18.40
C CYS A 340 7.94 -2.88 -19.00
N ASN A 341 8.10 -1.84 -18.17
CA ASN A 341 8.03 -0.45 -18.63
C ASN A 341 9.41 0.11 -18.97
N GLN A 342 10.39 -0.79 -18.96
CA GLN A 342 11.77 -0.52 -19.34
C GLN A 342 12.52 -1.84 -19.38
N ASP A 343 13.74 -1.83 -19.86
CA ASP A 343 14.54 -3.06 -19.88
C ASP A 343 15.12 -3.33 -18.49
N TYR A 344 14.70 -4.42 -17.87
CA TYR A 344 15.14 -4.77 -16.51
C TYR A 344 16.15 -5.91 -16.50
N ALA A 345 16.87 -6.08 -17.60
CA ALA A 345 17.92 -7.07 -17.66
C ALA A 345 19.08 -6.65 -16.75
N THR A 346 19.65 -7.62 -16.03
CA THR A 346 20.79 -7.35 -15.18
C THR A 346 21.86 -8.42 -15.40
N PRO A 347 23.13 -8.17 -15.04
CA PRO A 347 24.25 -9.10 -15.15
C PRO A 347 24.02 -10.36 -14.34
N MET A 348 24.68 -11.42 -14.79
CA MET A 348 24.70 -12.73 -14.17
C MET A 348 26.15 -13.14 -14.01
N THR A 349 26.48 -13.84 -12.93
CA THR A 349 27.86 -14.25 -12.75
C THR A 349 28.18 -15.41 -13.67
N ALA A 350 29.46 -15.65 -13.89
CA ALA A 350 29.85 -16.77 -14.73
C ALA A 350 29.39 -18.09 -14.14
N SER A 351 29.45 -18.21 -12.82
CA SER A 351 29.09 -19.46 -12.16
C SER A 351 27.61 -19.77 -12.29
N VAL A 352 26.75 -18.76 -12.18
CA VAL A 352 25.33 -18.99 -12.35
C VAL A 352 25.02 -19.35 -13.79
N ARG A 353 25.65 -18.67 -14.74
CA ARG A 353 25.42 -19.02 -16.13
C ARG A 353 25.88 -20.45 -16.39
N GLU A 354 27.04 -20.84 -15.84
CA GLU A 354 27.55 -22.20 -16.00
C GLU A 354 26.59 -23.24 -15.41
N CYS A 355 25.99 -22.93 -14.23
CA CYS A 355 24.92 -23.71 -13.59
C CYS A 355 23.77 -23.96 -14.56
N LEU A 356 23.23 -22.87 -15.13
CA LEU A 356 22.11 -22.88 -16.05
C LEU A 356 22.39 -23.62 -17.36
N THR A 357 23.66 -23.68 -17.75
CA THR A 357 24.03 -24.40 -18.98
C THR A 357 24.52 -25.84 -18.73
N GLY A 358 24.39 -26.36 -17.51
CA GLY A 358 24.72 -27.78 -17.26
C GLY A 358 25.73 -28.09 -16.15
N SER A 359 26.49 -27.11 -15.68
CA SER A 359 27.47 -27.39 -14.63
C SER A 359 26.81 -27.35 -13.27
N THR A 360 26.14 -28.44 -12.90
CA THR A 360 25.36 -28.48 -11.67
C THR A 360 26.24 -28.43 -10.42
N ASP A 361 27.54 -28.63 -10.58
CA ASP A 361 28.46 -28.51 -9.46
C ASP A 361 28.65 -27.05 -9.07
N LYS A 362 28.20 -26.14 -9.96
CA LYS A 362 28.24 -24.70 -9.73
C LYS A 362 26.92 -24.12 -9.17
N CYS A 363 25.87 -24.95 -9.01
CA CYS A 363 24.54 -24.50 -8.57
C CYS A 363 24.44 -24.54 -7.03
N PRO A 364 24.30 -23.38 -6.30
CA PRO A 364 24.20 -23.28 -4.85
C PRO A 364 22.90 -23.91 -4.34
N ARG A 365 22.94 -24.52 -3.17
CA ARG A 365 21.76 -25.10 -2.55
C ARG A 365 21.56 -24.64 -1.11
N GLU A 366 20.32 -24.41 -0.73
CA GLU A 366 20.01 -24.01 0.63
C GLU A 366 19.25 -25.12 1.33
N LEU A 367 19.61 -25.37 2.57
CA LEU A 367 18.98 -26.44 3.33
C LEU A 367 17.53 -26.12 3.62
N VAL A 368 16.66 -27.11 3.42
CA VAL A 368 15.27 -26.95 3.75
C VAL A 368 14.99 -27.41 5.18
N VAL A 369 14.46 -26.49 5.97
CA VAL A 369 14.10 -26.80 7.35
C VAL A 369 12.59 -26.62 7.55
N SER A 370 11.94 -26.09 6.51
CA SER A 370 10.52 -25.79 6.51
C SER A 370 9.68 -26.95 6.02
N SER A 371 8.45 -27.03 6.51
CA SER A 371 7.50 -28.06 6.11
C SER A 371 6.65 -27.65 4.91
N HIS A 372 6.84 -26.42 4.43
CA HIS A 372 6.05 -25.91 3.32
C HIS A 372 6.88 -25.45 2.15
N VAL A 373 7.37 -26.40 1.38
CA VAL A 373 8.14 -26.12 0.19
C VAL A 373 7.53 -26.97 -0.91
N PRO A 374 7.67 -26.62 -2.18
CA PRO A 374 7.31 -27.47 -3.28
C PRO A 374 8.12 -28.73 -3.18
N ARG A 375 7.46 -29.88 -3.22
CA ARG A 375 8.18 -31.14 -3.18
C ARG A 375 8.02 -31.84 -4.50
N PHE A 376 7.24 -31.23 -5.38
CA PHE A 376 7.06 -31.74 -6.73
C PHE A 376 6.57 -30.66 -7.69
N ALA A 377 6.76 -30.91 -8.97
CA ALA A 377 6.24 -30.03 -10.01
C ALA A 377 5.91 -30.84 -11.26
N LEU A 378 4.94 -30.34 -12.02
CA LEU A 378 4.54 -30.99 -13.25
C LEU A 378 5.03 -30.18 -14.45
N SER A 379 5.74 -30.84 -15.37
CA SER A 379 6.21 -30.15 -16.56
C SER A 379 6.24 -31.07 -17.78
N GLY A 380 5.48 -30.70 -18.81
CA GLY A 380 5.41 -31.51 -20.02
C GLY A 380 4.55 -32.73 -19.79
N GLY A 381 3.80 -32.72 -18.69
CA GLY A 381 2.97 -33.84 -18.30
C GLY A 381 3.78 -34.82 -17.45
N VAL A 382 5.05 -34.52 -17.24
CA VAL A 382 5.94 -35.36 -16.47
C VAL A 382 6.09 -34.84 -15.06
N LEU A 383 6.03 -35.74 -14.09
CA LEU A 383 6.11 -35.34 -12.71
C LEU A 383 7.52 -35.48 -12.13
N PHE A 384 7.99 -34.39 -11.55
CA PHE A 384 9.28 -34.36 -10.90
C PHE A 384 9.05 -34.26 -9.41
N ALA A 385 9.46 -35.26 -8.64
CA ALA A 385 9.12 -35.24 -7.23
C ALA A 385 10.20 -35.82 -6.32
N ASN A 386 10.25 -35.27 -5.12
CA ASN A 386 11.11 -35.78 -4.06
C ASN A 386 10.35 -36.82 -3.24
N CYS A 387 10.40 -38.08 -3.67
CA CYS A 387 9.58 -39.15 -3.11
C CYS A 387 10.11 -39.70 -1.78
N ILE A 388 11.09 -38.99 -1.19
CA ILE A 388 11.60 -39.24 0.16
C ILE A 388 10.81 -38.35 1.12
N SER A 389 10.43 -37.15 0.65
CA SER A 389 9.70 -36.20 1.46
C SER A 389 8.18 -36.24 1.23
N VAL A 390 7.74 -36.83 0.11
CA VAL A 390 6.30 -37.01 -0.13
C VAL A 390 6.04 -38.49 -0.32
N THR A 391 4.79 -38.89 -0.21
CA THR A 391 4.48 -40.27 -0.49
C THR A 391 3.97 -40.41 -1.92
N CYS A 392 4.79 -41.04 -2.77
CA CYS A 392 4.52 -41.30 -4.18
C CYS A 392 4.04 -42.75 -4.28
N GLN A 393 2.78 -42.93 -4.69
CA GLN A 393 2.11 -44.23 -4.84
C GLN A 393 1.54 -44.32 -6.24
N CYS A 394 1.66 -45.48 -6.90
CA CYS A 394 1.13 -45.64 -8.25
C CYS A 394 -0.33 -46.10 -8.19
N GLN A 395 -1.25 -45.32 -8.80
CA GLN A 395 -2.70 -45.58 -8.81
C GLN A 395 -3.06 -46.86 -9.55
N THR A 396 -2.29 -47.14 -10.60
CA THR A 396 -2.53 -48.28 -11.46
C THR A 396 -2.19 -49.63 -10.80
N THR A 397 -1.14 -49.64 -9.98
CA THR A 397 -0.69 -50.90 -9.37
C THR A 397 -0.85 -50.98 -7.85
N GLY A 398 -0.92 -49.84 -7.17
CA GLY A 398 -0.97 -49.79 -5.72
C GLY A 398 0.43 -49.87 -5.10
N ARG A 399 1.45 -49.92 -5.96
CA ARG A 399 2.83 -50.04 -5.52
C ARG A 399 3.41 -48.70 -5.13
N ALA A 400 4.33 -48.70 -4.18
CA ALA A 400 5.02 -47.48 -3.82
C ALA A 400 6.09 -47.15 -4.85
N ILE A 401 6.34 -45.87 -5.04
CA ILE A 401 7.42 -45.42 -5.90
C ILE A 401 8.59 -45.06 -5.00
N SER A 402 9.66 -45.84 -5.10
CA SER A 402 10.78 -45.72 -4.17
C SER A 402 11.97 -44.97 -4.73
N GLN A 403 12.39 -43.95 -4.00
CA GLN A 403 13.56 -43.16 -4.35
C GLN A 403 14.71 -43.55 -3.46
N SER A 404 15.85 -43.87 -4.05
CA SER A 404 17.02 -44.27 -3.30
C SER A 404 17.73 -43.05 -2.76
N GLY A 405 18.63 -43.26 -1.78
CA GLY A 405 19.39 -42.17 -1.17
C GLY A 405 20.26 -41.42 -2.16
N GLU A 406 20.76 -42.13 -3.17
CA GLU A 406 21.64 -41.56 -4.19
C GLU A 406 20.91 -40.67 -5.19
N GLN A 407 19.58 -40.72 -5.19
CA GLN A 407 18.79 -39.93 -6.12
C GLN A 407 18.31 -38.64 -5.49
N THR A 408 18.35 -37.57 -6.27
CA THR A 408 17.86 -36.25 -5.89
C THR A 408 16.35 -36.18 -6.00
N LEU A 409 15.89 -36.34 -7.24
CA LEU A 409 14.47 -36.41 -7.56
C LEU A 409 14.19 -37.66 -8.35
N LEU A 410 12.96 -38.12 -8.30
CA LEU A 410 12.55 -39.10 -9.27
C LEU A 410 11.75 -38.45 -10.36
N MET A 411 11.91 -38.95 -11.54
CA MET A 411 11.03 -38.59 -12.62
C MET A 411 9.99 -39.65 -12.74
N ILE A 412 8.75 -39.25 -12.66
CA ILE A 412 7.68 -40.18 -12.78
C ILE A 412 6.93 -39.83 -14.06
N ASP A 413 6.90 -40.77 -14.98
CA ASP A 413 6.14 -40.55 -16.19
C ASP A 413 5.43 -41.88 -16.46
N ASN A 414 4.67 -41.95 -17.56
CA ASN A 414 3.81 -43.10 -17.83
C ASN A 414 4.54 -44.32 -18.41
N THR A 415 5.89 -44.29 -18.48
CA THR A 415 6.68 -45.46 -18.92
C THR A 415 6.96 -46.32 -17.70
N THR A 416 6.66 -45.75 -16.52
CA THR A 416 6.80 -46.43 -15.23
C THR A 416 5.45 -46.56 -14.51
N CYS A 417 4.66 -45.46 -14.46
CA CYS A 417 3.36 -45.38 -13.79
C CYS A 417 2.46 -44.38 -14.54
N THR A 418 1.38 -44.89 -15.17
CA THR A 418 0.47 -44.08 -15.99
C THR A 418 -0.34 -43.06 -15.19
N THR A 419 -0.78 -43.46 -14.00
CA THR A 419 -1.50 -42.54 -13.12
C THR A 419 -0.90 -42.62 -11.73
N VAL A 420 -0.47 -41.49 -11.18
CA VAL A 420 0.24 -41.50 -9.91
C VAL A 420 -0.47 -40.71 -8.82
N VAL A 421 -0.33 -41.17 -7.60
CA VAL A 421 -0.91 -40.51 -6.44
C VAL A 421 0.17 -39.88 -5.56
N LEU A 422 0.07 -38.58 -5.37
CA LEU A 422 0.97 -37.88 -4.44
C LEU A 422 0.12 -37.26 -3.35
N GLY A 423 0.14 -37.84 -2.17
CA GLY A 423 -0.79 -37.43 -1.14
C GLY A 423 -2.21 -37.75 -1.61
N ASN A 424 -3.09 -36.75 -1.63
CA ASN A 424 -4.47 -36.97 -2.07
C ASN A 424 -4.70 -36.45 -3.49
N ILE A 425 -3.62 -36.22 -4.23
CA ILE A 425 -3.70 -35.71 -5.60
C ILE A 425 -3.40 -36.81 -6.63
N ILE A 426 -4.35 -37.05 -7.53
CA ILE A 426 -4.15 -38.09 -8.53
C ILE A 426 -3.86 -37.45 -9.89
N ILE A 427 -2.68 -37.74 -10.45
CA ILE A 427 -2.24 -37.13 -11.70
C ILE A 427 -2.07 -38.16 -12.81
N SER A 428 -2.73 -37.93 -13.94
CA SER A 428 -2.51 -38.77 -15.11
C SER A 428 -1.32 -38.19 -15.86
N LEU A 429 -0.30 -39.02 -16.05
CA LEU A 429 0.98 -38.54 -16.59
C LEU A 429 1.19 -38.78 -18.06
N GLY A 430 2.05 -37.95 -18.65
CA GLY A 430 2.50 -38.09 -20.03
C GLY A 430 3.86 -38.79 -20.06
N LYS A 431 4.58 -38.64 -21.18
CA LYS A 431 5.89 -39.27 -21.37
C LYS A 431 7.01 -38.25 -21.42
N TYR A 432 8.15 -38.58 -20.80
CA TYR A 432 9.32 -37.72 -20.84
C TYR A 432 10.06 -37.83 -22.17
N LEU A 433 10.35 -36.69 -22.77
CA LEU A 433 10.99 -36.63 -24.07
C LEU A 433 12.52 -36.53 -23.99
N GLY A 434 13.05 -36.63 -22.78
CA GLY A 434 14.50 -36.59 -22.56
C GLY A 434 15.02 -38.02 -22.44
N SER A 435 16.09 -38.22 -21.69
CA SER A 435 16.66 -39.55 -21.60
C SER A 435 15.79 -40.55 -20.85
N ILE A 436 15.67 -41.75 -21.41
CA ILE A 436 14.94 -42.85 -20.81
C ILE A 436 15.62 -43.35 -19.53
N ASN A 437 16.90 -42.99 -19.39
CA ASN A 437 17.70 -43.39 -18.25
C ASN A 437 17.85 -42.25 -17.25
N TYR A 438 16.95 -41.27 -17.32
CA TYR A 438 17.00 -40.12 -16.42
C TYR A 438 17.23 -40.51 -14.96
N ASN A 439 16.46 -41.46 -14.46
CA ASN A 439 16.52 -41.86 -13.05
C ASN A 439 17.71 -42.72 -12.71
N SER A 440 18.44 -43.17 -13.72
CA SER A 440 19.55 -44.08 -13.53
C SER A 440 20.89 -43.35 -13.50
N GLU A 441 20.88 -42.04 -13.80
CA GLU A 441 22.14 -41.32 -13.88
C GLU A 441 22.22 -40.18 -12.87
N SER A 442 23.21 -40.29 -11.98
CA SER A 442 23.45 -39.31 -10.94
C SER A 442 24.19 -38.08 -11.47
N ILE A 443 24.15 -37.00 -10.70
CA ILE A 443 24.87 -35.78 -11.04
C ILE A 443 25.68 -35.24 -9.88
N ALA A 444 26.62 -34.35 -10.19
CA ALA A 444 27.30 -33.60 -9.16
C ALA A 444 26.34 -32.58 -8.59
N VAL A 445 26.41 -32.36 -7.29
CA VAL A 445 25.57 -31.37 -6.63
C VAL A 445 26.46 -30.28 -6.04
N GLY A 446 26.07 -29.02 -6.25
CA GLY A 446 26.88 -27.86 -5.85
C GLY A 446 26.93 -27.64 -4.34
N PRO A 447 27.58 -26.56 -3.90
CA PRO A 447 27.85 -26.22 -2.52
C PRO A 447 26.61 -25.69 -1.80
N PRO A 448 26.52 -25.88 -0.49
CA PRO A 448 25.51 -25.32 0.38
C PRO A 448 25.75 -23.83 0.61
N VAL A 449 24.68 -23.06 0.65
CA VAL A 449 24.72 -21.65 0.96
C VAL A 449 23.63 -21.29 1.94
N TYR A 450 23.75 -20.13 2.56
CA TYR A 450 22.70 -19.59 3.40
C TYR A 450 22.35 -18.21 2.88
N THR A 451 21.05 -17.91 2.75
CA THR A 451 20.67 -16.63 2.17
C THR A 451 20.14 -15.60 3.18
N ASP A 452 19.98 -15.99 4.44
CA ASP A 452 19.48 -15.01 5.40
C ASP A 452 20.42 -13.83 5.42
N LYS A 453 19.85 -12.64 5.51
CA LYS A 453 20.64 -11.42 5.46
C LYS A 453 21.72 -11.42 6.56
N VAL A 454 21.40 -12.00 7.73
CA VAL A 454 22.36 -12.11 8.82
C VAL A 454 23.43 -13.13 8.46
N ASP A 455 22.99 -14.23 7.86
CA ASP A 455 23.91 -15.29 7.45
C ASP A 455 24.91 -14.78 6.44
N ILE A 456 24.51 -13.84 5.58
CA ILE A 456 25.46 -13.32 4.60
C ILE A 456 26.59 -12.58 5.31
N SER A 457 26.25 -11.74 6.29
CA SER A 457 27.29 -11.03 7.02
C SER A 457 28.19 -11.98 7.80
N SER A 458 27.60 -13.03 8.38
CA SER A 458 28.36 -14.01 9.13
C SER A 458 29.33 -14.75 8.21
N GLN A 459 28.86 -15.16 7.03
CA GLN A 459 29.71 -15.89 6.10
C GLN A 459 30.88 -15.04 5.63
N ILE A 460 30.66 -13.75 5.42
CA ILE A 460 31.73 -12.88 4.97
C ILE A 460 32.83 -12.75 6.01
N SER A 461 32.46 -12.51 7.27
CA SER A 461 33.48 -12.37 8.31
C SER A 461 34.20 -13.69 8.59
N SER A 462 33.49 -14.82 8.44
CA SER A 462 34.10 -16.12 8.69
C SER A 462 35.14 -16.45 7.63
N MET A 463 34.79 -16.18 6.36
CA MET A 463 35.73 -16.38 5.27
C MET A 463 36.96 -15.48 5.39
N ASN A 464 36.74 -14.24 5.88
CA ASN A 464 37.78 -13.24 6.06
C ASN A 464 38.83 -13.68 7.10
N GLN A 465 38.40 -14.32 8.20
CA GLN A 465 39.30 -14.84 9.24
C GLN A 465 40.10 -16.05 8.73
N SER A 466 39.46 -16.91 7.95
CA SER A 466 40.15 -18.02 7.32
C SER A 466 41.20 -17.48 6.34
N LEU A 467 40.82 -16.43 5.62
CA LEU A 467 41.71 -15.78 4.66
C LEU A 467 42.92 -15.19 5.35
N GLN A 468 42.72 -14.55 6.50
CA GLN A 468 43.85 -13.99 7.24
C GLN A 468 44.81 -15.06 7.75
N GLN A 469 44.28 -16.24 8.10
CA GLN A 469 45.15 -17.35 8.53
C GLN A 469 45.99 -17.84 7.36
N SER A 470 45.35 -17.96 6.20
CA SER A 470 46.00 -18.38 4.96
C SER A 470 47.06 -17.35 4.50
N LYS A 471 46.68 -16.06 4.60
CA LYS A 471 47.49 -14.89 4.27
C LYS A 471 47.98 -14.25 5.57
N GLN B 1 -7.90 -12.36 -36.50
CA GLN B 1 -8.24 -10.95 -36.36
C GLN B 1 -9.68 -10.80 -35.84
N ILE B 2 -10.12 -9.54 -35.65
CA ILE B 2 -11.53 -9.24 -35.36
C ILE B 2 -12.22 -8.91 -36.66
N VAL B 3 -13.21 -9.72 -36.99
CA VAL B 3 -13.92 -9.56 -38.23
C VAL B 3 -15.12 -8.66 -38.02
N LEU B 4 -15.22 -7.65 -38.85
CA LEU B 4 -16.34 -6.72 -38.78
C LEU B 4 -17.25 -6.97 -39.96
N THR B 5 -18.53 -7.12 -39.68
CA THR B 5 -19.50 -7.36 -40.74
C THR B 5 -20.57 -6.30 -40.72
N GLN B 6 -21.02 -5.91 -41.90
CA GLN B 6 -22.03 -4.88 -42.01
C GLN B 6 -23.11 -5.29 -42.97
N SER B 7 -24.17 -5.89 -42.45
CA SER B 7 -25.23 -6.37 -43.33
C SER B 7 -26.49 -5.57 -43.08
N PRO B 8 -27.27 -5.30 -44.13
CA PRO B 8 -27.05 -5.52 -45.55
C PRO B 8 -25.94 -4.66 -46.16
N ALA B 9 -25.31 -5.20 -47.21
CA ALA B 9 -24.24 -4.51 -47.94
C ALA B 9 -24.73 -3.24 -48.62
N ILE B 10 -25.97 -3.23 -49.08
CA ILE B 10 -26.53 -2.04 -49.71
C ILE B 10 -27.82 -1.64 -49.03
N MET B 11 -27.93 -0.37 -48.69
CA MET B 11 -29.12 0.20 -48.07
C MET B 11 -29.58 1.38 -48.89
N SER B 12 -30.84 1.74 -48.76
CA SER B 12 -31.34 2.92 -49.43
C SER B 12 -32.22 3.74 -48.53
N ALA B 13 -32.26 5.04 -48.76
CA ALA B 13 -33.11 5.93 -48.01
C ALA B 13 -33.60 7.09 -48.86
N SER B 14 -34.76 7.62 -48.51
CA SER B 14 -35.29 8.77 -49.20
C SER B 14 -34.68 10.04 -48.67
N LEU B 15 -34.78 11.11 -49.44
CA LEU B 15 -34.28 12.39 -48.95
C LEU B 15 -35.15 12.84 -47.78
N GLY B 16 -34.50 13.25 -46.70
CA GLY B 16 -35.16 13.77 -45.52
C GLY B 16 -35.48 12.72 -44.45
N GLU B 17 -35.30 11.44 -44.76
CA GLU B 17 -35.60 10.38 -43.78
C GLU B 17 -34.35 9.91 -43.05
N ALA B 18 -34.53 9.29 -41.89
CA ALA B 18 -33.39 8.72 -41.17
C ALA B 18 -33.12 7.29 -41.61
N ILE B 19 -31.85 6.91 -41.62
CA ILE B 19 -31.44 5.54 -41.92
C ILE B 19 -30.38 5.12 -40.93
N THR B 20 -30.44 3.88 -40.45
CA THR B 20 -29.39 3.43 -39.57
C THR B 20 -28.51 2.39 -40.26
N LEU B 21 -27.22 2.67 -40.28
CA LEU B 21 -26.21 1.80 -40.85
C LEU B 21 -25.64 0.99 -39.69
N THR B 22 -25.48 -0.31 -39.84
CA THR B 22 -25.06 -1.12 -38.70
C THR B 22 -23.76 -1.89 -38.93
N CYS B 23 -23.16 -2.35 -37.81
CA CYS B 23 -21.93 -3.15 -37.80
C CYS B 23 -21.92 -4.11 -36.60
N SER B 24 -21.47 -5.35 -36.85
CA SER B 24 -21.31 -6.38 -35.81
C SER B 24 -19.86 -6.86 -35.79
N ALA B 25 -19.34 -7.11 -34.58
CA ALA B 25 -17.97 -7.59 -34.46
C ALA B 25 -17.95 -9.04 -33.96
N SER B 26 -16.99 -9.81 -34.49
CA SER B 26 -16.78 -11.19 -34.06
C SER B 26 -16.26 -11.29 -32.64
N SER B 27 -15.74 -10.19 -32.14
CA SER B 27 -15.20 -10.09 -30.79
C SER B 27 -15.38 -8.66 -30.32
N SER B 28 -15.59 -8.48 -29.03
CA SER B 28 -15.85 -7.15 -28.50
C SER B 28 -14.70 -6.19 -28.69
N VAL B 29 -15.06 -4.95 -28.95
CA VAL B 29 -14.15 -3.83 -29.02
C VAL B 29 -14.77 -2.76 -28.11
N SER B 30 -14.00 -1.78 -27.67
CA SER B 30 -14.61 -0.74 -26.85
C SER B 30 -15.16 0.41 -27.67
N TYR B 31 -14.52 0.67 -28.80
CA TYR B 31 -14.93 1.78 -29.65
C TYR B 31 -15.02 1.36 -31.09
N MET B 32 -15.86 2.05 -31.84
CA MET B 32 -15.89 1.81 -33.27
C MET B 32 -15.76 3.15 -34.00
N HIS B 33 -14.99 3.17 -35.07
CA HIS B 33 -14.86 4.36 -35.89
C HIS B 33 -15.61 4.14 -37.18
N TRP B 34 -16.05 5.22 -37.80
CA TRP B 34 -16.71 5.10 -39.09
C TRP B 34 -16.03 5.98 -40.12
N TYR B 35 -15.91 5.46 -41.34
CA TYR B 35 -15.35 6.20 -42.46
C TYR B 35 -16.32 6.33 -43.60
N GLN B 36 -16.27 7.46 -44.28
CA GLN B 36 -17.11 7.67 -45.45
C GLN B 36 -16.29 7.76 -46.71
N GLN B 37 -16.56 6.89 -47.67
CA GLN B 37 -15.83 6.97 -48.93
C GLN B 37 -16.73 7.32 -50.09
N LYS B 38 -16.50 8.50 -50.64
CA LYS B 38 -17.25 8.97 -51.79
C LYS B 38 -16.46 8.56 -53.01
N SER B 39 -17.13 8.43 -54.15
CA SER B 39 -16.43 7.97 -55.34
C SER B 39 -15.30 8.91 -55.71
N GLY B 40 -14.15 8.33 -56.06
CA GLY B 40 -12.98 9.08 -56.51
C GLY B 40 -12.14 9.66 -55.38
N THR B 41 -12.51 9.38 -54.13
CA THR B 41 -11.80 9.94 -52.98
C THR B 41 -11.45 8.86 -51.95
N SER B 42 -10.41 9.11 -51.15
CA SER B 42 -10.00 8.25 -50.07
C SER B 42 -11.05 8.24 -48.96
N PRO B 43 -11.17 7.17 -48.15
CA PRO B 43 -12.04 7.08 -46.99
C PRO B 43 -11.73 8.22 -46.05
N LYS B 44 -12.75 8.88 -45.54
CA LYS B 44 -12.53 10.00 -44.66
C LYS B 44 -13.25 9.79 -43.34
N LEU B 45 -12.55 10.02 -42.24
CA LEU B 45 -13.12 9.76 -40.93
C LEU B 45 -14.39 10.56 -40.73
N LEU B 46 -15.45 9.86 -40.35
CA LEU B 46 -16.76 10.42 -40.15
C LEU B 46 -17.06 10.52 -38.65
N ILE B 47 -17.04 9.36 -38.00
CA ILE B 47 -17.33 9.27 -36.58
C ILE B 47 -16.15 8.62 -35.88
N TYR B 48 -15.76 9.15 -34.75
CA TYR B 48 -14.66 8.53 -34.03
C TYR B 48 -15.04 8.19 -32.61
N SER B 49 -14.39 7.18 -32.08
CA SER B 49 -14.64 6.73 -30.73
C SER B 49 -16.13 6.58 -30.49
N THR B 50 -16.78 5.87 -31.42
CA THR B 50 -18.19 5.51 -31.41
C THR B 50 -19.20 6.64 -31.67
N SER B 51 -19.12 7.73 -30.92
CA SER B 51 -20.15 8.76 -31.01
C SER B 51 -19.72 10.16 -31.46
N ASN B 52 -18.42 10.42 -31.57
CA ASN B 52 -17.97 11.79 -31.84
C ASN B 52 -17.86 12.13 -33.31
N LEU B 53 -18.17 13.38 -33.65
CA LEU B 53 -18.07 13.81 -35.04
C LEU B 53 -16.69 14.33 -35.36
N ALA B 54 -16.16 13.87 -36.50
CA ALA B 54 -14.87 14.30 -36.98
C ALA B 54 -14.95 15.74 -37.48
N SER B 55 -13.79 16.30 -37.80
CA SER B 55 -13.61 17.72 -38.10
C SER B 55 -14.65 18.40 -38.99
N GLY B 56 -14.92 17.87 -40.17
CA GLY B 56 -15.82 18.53 -41.12
C GLY B 56 -17.17 17.85 -41.26
N VAL B 57 -17.51 16.99 -40.31
CA VAL B 57 -18.70 16.16 -40.41
C VAL B 57 -20.00 16.88 -40.01
N PRO B 58 -21.02 16.87 -40.88
CA PRO B 58 -22.34 17.43 -40.66
C PRO B 58 -23.05 16.85 -39.45
N SER B 59 -23.87 17.67 -38.82
CA SER B 59 -24.64 17.33 -37.63
C SER B 59 -25.67 16.23 -37.87
N ARG B 60 -25.88 15.88 -39.14
CA ARG B 60 -26.79 14.81 -39.54
C ARG B 60 -26.34 13.46 -39.00
N PHE B 61 -25.05 13.31 -38.79
CA PHE B 61 -24.49 12.03 -38.38
C PHE B 61 -24.45 11.91 -36.86
N SER B 62 -24.57 10.69 -36.38
CA SER B 62 -24.36 10.37 -34.97
C SER B 62 -24.08 8.89 -34.83
N GLY B 63 -23.72 8.43 -33.63
CA GLY B 63 -23.53 7.00 -33.48
C GLY B 63 -23.49 6.56 -32.03
N SER B 64 -23.55 5.25 -31.85
CA SER B 64 -23.55 4.61 -30.53
C SER B 64 -23.24 3.14 -30.64
N GLY B 65 -23.21 2.46 -29.50
CA GLY B 65 -22.97 1.04 -29.46
C GLY B 65 -21.94 0.66 -28.41
N SER B 66 -21.72 -0.64 -28.28
CA SER B 66 -20.77 -1.19 -27.31
C SER B 66 -20.47 -2.64 -27.65
N GLY B 67 -19.37 -3.16 -27.13
CA GLY B 67 -19.13 -4.59 -27.25
C GLY B 67 -19.02 -5.03 -28.70
N THR B 68 -19.97 -5.85 -29.12
CA THR B 68 -19.99 -6.39 -30.46
C THR B 68 -21.03 -5.78 -31.40
N PHE B 69 -21.77 -4.76 -30.94
CA PHE B 69 -22.77 -4.18 -31.84
C PHE B 69 -22.75 -2.66 -31.84
N TYR B 70 -22.54 -2.09 -33.03
CA TYR B 70 -22.45 -0.66 -33.23
C TYR B 70 -23.33 -0.15 -34.36
N SER B 71 -23.68 1.13 -34.31
CA SER B 71 -24.43 1.72 -35.40
C SER B 71 -24.06 3.17 -35.68
N LEU B 72 -24.21 3.52 -36.95
CA LEU B 72 -24.05 4.85 -37.49
C LEU B 72 -25.40 5.36 -37.95
N THR B 73 -25.86 6.43 -37.34
CA THR B 73 -27.19 6.92 -37.68
C THR B 73 -27.08 8.17 -38.51
N ILE B 74 -27.81 8.19 -39.62
CA ILE B 74 -27.83 9.40 -40.42
C ILE B 74 -29.25 9.95 -40.41
N SER B 75 -29.41 11.11 -39.79
CA SER B 75 -30.70 11.73 -39.70
C SER B 75 -30.85 12.64 -40.90
N SER B 76 -32.08 12.86 -41.35
CA SER B 76 -32.30 13.80 -42.44
C SER B 76 -31.36 13.53 -43.62
N VAL B 77 -31.34 12.29 -44.12
CA VAL B 77 -30.42 11.90 -45.19
C VAL B 77 -30.53 12.81 -46.40
N GLU B 78 -29.38 13.24 -46.92
CA GLU B 78 -29.35 14.10 -48.10
C GLU B 78 -28.48 13.51 -49.21
N ALA B 79 -28.45 14.20 -50.35
CA ALA B 79 -27.73 13.71 -51.54
C ALA B 79 -26.23 13.48 -51.30
N GLU B 80 -25.63 14.25 -50.41
CA GLU B 80 -24.19 14.11 -50.16
C GLU B 80 -23.85 12.85 -49.39
N ASP B 81 -24.87 12.12 -48.94
CA ASP B 81 -24.65 10.94 -48.11
C ASP B 81 -24.58 9.67 -48.96
N ALA B 82 -24.52 9.83 -50.28
CA ALA B 82 -24.39 8.69 -51.19
C ALA B 82 -22.96 8.18 -51.22
N ALA B 83 -22.62 7.36 -50.22
CA ALA B 83 -21.24 6.90 -50.02
C ALA B 83 -21.16 5.52 -49.39
N ASP B 84 -19.98 4.92 -49.47
CA ASP B 84 -19.70 3.65 -48.80
C ASP B 84 -19.25 3.94 -47.37
N TYR B 85 -20.03 3.48 -46.41
CA TYR B 85 -19.70 3.73 -45.01
C TYR B 85 -19.03 2.51 -44.41
N TYR B 86 -17.82 2.72 -43.89
CA TYR B 86 -17.05 1.61 -43.34
C TYR B 86 -17.00 1.63 -41.83
N CYS B 87 -17.13 0.44 -41.24
CA CYS B 87 -16.96 0.17 -39.82
C CYS B 87 -15.49 -0.19 -39.56
N HIS B 88 -14.82 0.51 -38.64
CA HIS B 88 -13.39 0.30 -38.34
C HIS B 88 -13.07 0.16 -36.85
N GLN B 89 -12.26 -0.84 -36.52
CA GLN B 89 -11.83 -1.03 -35.14
C GLN B 89 -10.31 -0.99 -35.08
N TRP B 90 -9.78 -0.46 -33.97
CA TRP B 90 -8.33 -0.38 -33.78
C TRP B 90 -7.97 -1.05 -32.46
N TYR B 91 -8.95 -1.70 -31.85
CA TYR B 91 -8.80 -2.29 -30.53
C TYR B 91 -7.71 -3.35 -30.51
N SER B 92 -7.75 -4.25 -31.48
CA SER B 92 -6.74 -5.31 -31.52
C SER B 92 -6.06 -5.36 -32.87
N TYR B 93 -4.86 -5.91 -32.91
CA TYR B 93 -4.15 -6.02 -34.17
C TYR B 93 -4.50 -7.31 -34.90
N PRO B 94 -4.60 -7.25 -36.23
CA PRO B 94 -4.49 -6.10 -37.11
C PRO B 94 -5.68 -5.20 -36.97
N TRP B 95 -5.51 -3.93 -37.29
CA TRP B 95 -6.66 -3.03 -37.31
C TRP B 95 -7.51 -3.45 -38.49
N THR B 96 -8.83 -3.43 -38.33
CA THR B 96 -9.68 -3.93 -39.41
C THR B 96 -10.84 -3.05 -39.78
N PHE B 97 -11.34 -3.26 -40.99
CA PHE B 97 -12.51 -2.60 -41.52
C PHE B 97 -13.56 -3.65 -41.88
N GLY B 98 -14.82 -3.24 -41.88
CA GLY B 98 -15.87 -4.12 -42.36
C GLY B 98 -15.87 -4.01 -43.88
N GLY B 99 -16.76 -4.74 -44.55
CA GLY B 99 -16.79 -4.69 -46.01
C GLY B 99 -17.32 -3.35 -46.53
N GLY B 100 -18.04 -2.65 -45.68
CA GLY B 100 -18.63 -1.36 -46.02
C GLY B 100 -20.03 -1.51 -46.55
N THR B 101 -20.88 -0.53 -46.24
CA THR B 101 -22.24 -0.54 -46.75
C THR B 101 -22.47 0.68 -47.62
N LYS B 102 -23.10 0.48 -48.76
CA LYS B 102 -23.39 1.61 -49.62
C LYS B 102 -24.78 2.15 -49.36
N LEU B 103 -24.86 3.45 -49.14
CA LEU B 103 -26.15 4.08 -48.97
C LEU B 103 -26.59 4.73 -50.26
N GLU B 104 -27.70 4.26 -50.79
CA GLU B 104 -28.27 4.79 -52.01
C GLU B 104 -29.32 5.81 -51.65
N ILE B 105 -29.48 6.81 -52.50
CA ILE B 105 -30.49 7.82 -52.27
C ILE B 105 -31.63 7.60 -53.25
N LYS B 106 -32.84 7.46 -52.73
CA LYS B 106 -33.98 7.20 -53.59
C LYS B 106 -34.41 8.46 -54.33
N ARG B 107 -34.69 8.31 -55.61
CA ARG B 107 -35.17 9.41 -56.43
C ARG B 107 -36.25 8.91 -57.39
N ALA B 108 -37.29 9.73 -57.61
CA ALA B 108 -38.38 9.44 -58.54
C ALA B 108 -37.86 9.25 -59.97
N ASP C 1 -2.17 20.42 -40.20
CA ASP C 1 -2.35 20.66 -41.63
C ASP C 1 -1.37 19.78 -42.41
N VAL C 2 -1.67 18.47 -42.48
CA VAL C 2 -0.80 17.51 -43.17
C VAL C 2 -1.41 17.00 -44.45
N GLN C 3 -0.61 17.07 -45.49
CA GLN C 3 -0.97 16.60 -46.79
C GLN C 3 -0.16 15.36 -47.07
N LEU C 4 -0.81 14.21 -47.12
CA LEU C 4 -0.08 12.98 -47.34
C LEU C 4 -0.18 12.66 -48.81
N GLN C 5 0.95 12.55 -49.47
CA GLN C 5 0.92 12.32 -50.90
C GLN C 5 1.72 11.10 -51.28
N GLU C 6 1.03 10.06 -51.71
CA GLU C 6 1.74 8.84 -52.07
C GLU C 6 1.97 8.74 -53.57
N SER C 7 3.09 8.11 -53.93
CA SER C 7 3.47 7.89 -55.31
C SER C 7 4.27 6.62 -55.49
N GLY C 8 4.28 6.11 -56.71
CA GLY C 8 5.04 4.92 -57.03
C GLY C 8 4.61 4.44 -58.39
N PRO C 9 5.13 3.31 -58.87
CA PRO C 9 4.83 2.74 -60.15
C PRO C 9 3.37 2.32 -60.14
N GLY C 10 2.68 2.55 -61.26
CA GLY C 10 1.29 2.14 -61.35
C GLY C 10 1.21 0.75 -61.94
N LEU C 11 2.37 0.18 -62.25
CA LEU C 11 2.46 -1.14 -62.83
C LEU C 11 3.78 -1.81 -62.50
N VAL C 12 3.69 -2.98 -61.90
CA VAL C 12 4.86 -3.79 -61.64
C VAL C 12 4.54 -5.21 -62.09
N LYS C 13 5.56 -5.99 -62.36
CA LYS C 13 5.34 -7.36 -62.77
C LYS C 13 5.26 -8.24 -61.52
N PRO C 14 4.64 -9.43 -61.61
CA PRO C 14 4.65 -10.43 -60.56
C PRO C 14 6.10 -10.73 -60.24
N SER C 15 6.36 -11.02 -58.98
CA SER C 15 7.70 -11.36 -58.49
C SER C 15 8.67 -10.17 -58.45
N GLN C 16 8.20 -8.96 -58.74
CA GLN C 16 9.05 -7.79 -58.54
C GLN C 16 8.82 -7.22 -57.17
N SER C 17 9.77 -6.42 -56.71
CA SER C 17 9.60 -5.75 -55.43
C SER C 17 8.93 -4.39 -55.67
N LEU C 18 7.89 -4.13 -54.90
CA LEU C 18 7.13 -2.89 -54.99
C LEU C 18 7.61 -1.90 -53.96
N SER C 19 7.77 -0.65 -54.36
CA SER C 19 8.10 0.38 -53.38
C SER C 19 7.28 1.63 -53.55
N LEU C 20 6.41 1.92 -52.59
CA LEU C 20 5.61 3.12 -52.63
C LEU C 20 6.12 4.14 -51.63
N THR C 21 6.11 5.40 -52.04
CA THR C 21 6.58 6.48 -51.20
C THR C 21 5.44 7.38 -50.78
N CYS C 22 5.34 7.69 -49.47
CA CYS C 22 4.39 8.67 -48.94
C CYS C 22 5.15 9.90 -48.43
N SER C 23 4.99 11.01 -49.16
CA SER C 23 5.63 12.29 -48.87
C SER C 23 4.74 13.06 -47.95
N VAL C 24 5.27 13.53 -46.84
CA VAL C 24 4.42 14.23 -45.92
C VAL C 24 4.85 15.66 -45.78
N THR C 25 3.92 16.57 -45.98
CA THR C 25 4.23 17.96 -45.76
C THR C 25 3.30 18.47 -44.67
N GLY C 26 3.78 19.42 -43.87
CA GLY C 26 2.97 20.01 -42.80
C GLY C 26 3.31 19.48 -41.40
N TYR C 27 4.04 18.38 -41.33
CA TYR C 27 4.45 17.82 -40.04
C TYR C 27 5.64 16.90 -40.24
N SER C 28 6.55 16.86 -39.25
CA SER C 28 7.70 15.97 -39.32
C SER C 28 7.34 14.52 -39.04
N ILE C 29 7.81 13.64 -39.91
CA ILE C 29 7.53 12.23 -39.85
C ILE C 29 8.16 11.59 -38.61
N THR C 30 9.12 12.29 -38.02
CA THR C 30 9.87 11.79 -36.87
C THR C 30 9.42 12.35 -35.52
N SER C 31 8.57 13.37 -35.50
CA SER C 31 8.28 13.97 -34.20
C SER C 31 7.08 13.38 -33.49
N ASP C 32 6.15 12.81 -34.26
CA ASP C 32 4.93 12.28 -33.67
C ASP C 32 4.20 11.34 -34.61
N TYR C 33 3.10 10.78 -34.10
CA TYR C 33 2.14 9.97 -34.84
C TYR C 33 2.65 8.63 -35.32
N TYR C 34 1.72 7.84 -35.85
CA TYR C 34 2.02 6.55 -36.44
C TYR C 34 1.72 6.74 -37.91
N TRP C 35 2.59 6.24 -38.78
CA TRP C 35 2.43 6.41 -40.21
C TRP C 35 2.03 5.11 -40.90
N ASN C 36 0.76 5.06 -41.30
CA ASN C 36 0.09 3.84 -41.77
C ASN C 36 0.02 3.66 -43.26
N TRP C 37 -0.08 2.39 -43.64
CA TRP C 37 -0.46 2.00 -44.98
C TRP C 37 -1.73 1.17 -44.95
N ILE C 38 -2.64 1.46 -45.88
CA ILE C 38 -3.91 0.77 -46.06
C ILE C 38 -4.08 0.53 -47.55
N ARG C 39 -4.71 -0.57 -47.93
CA ARG C 39 -4.98 -0.75 -49.35
C ARG C 39 -6.41 -1.14 -49.60
N GLN C 40 -6.95 -0.66 -50.72
CA GLN C 40 -8.31 -0.98 -51.08
C GLN C 40 -8.35 -1.82 -52.35
N PHE C 41 -8.94 -2.99 -52.22
CA PHE C 41 -9.01 -3.94 -53.31
C PHE C 41 -10.11 -3.51 -54.29
N PRO C 42 -10.13 -4.03 -55.53
CA PRO C 42 -11.12 -3.76 -56.57
C PRO C 42 -12.57 -3.93 -56.11
N GLY C 43 -12.78 -4.74 -55.08
CA GLY C 43 -14.11 -4.98 -54.53
C GLY C 43 -14.46 -3.96 -53.45
N ASN C 44 -13.59 -2.97 -53.28
CA ASN C 44 -13.68 -1.89 -52.30
C ASN C 44 -13.50 -2.33 -50.85
N LYS C 45 -12.97 -3.53 -50.66
CA LYS C 45 -12.65 -4.01 -49.32
C LYS C 45 -11.32 -3.43 -48.83
N LEU C 46 -11.38 -2.72 -47.68
CA LEU C 46 -10.21 -2.06 -47.11
C LEU C 46 -9.42 -2.99 -46.20
N GLU C 47 -8.10 -2.95 -46.35
CA GLU C 47 -7.19 -3.72 -45.52
C GLU C 47 -6.07 -2.86 -44.95
N TRP C 48 -5.92 -2.89 -43.63
CA TRP C 48 -4.82 -2.20 -42.99
C TRP C 48 -3.56 -3.03 -43.16
N MET C 49 -2.45 -2.42 -43.56
CA MET C 49 -1.23 -3.18 -43.80
C MET C 49 -0.22 -3.07 -42.69
N GLY C 50 -0.17 -1.91 -42.05
CA GLY C 50 0.82 -1.70 -41.01
C GLY C 50 1.23 -0.25 -40.87
N TYR C 51 2.17 0.00 -39.98
CA TYR C 51 2.69 1.34 -39.77
C TYR C 51 4.12 1.35 -39.27
N VAL C 52 4.74 2.51 -39.41
CA VAL C 52 6.01 2.80 -38.78
C VAL C 52 5.77 3.97 -37.83
N THR C 53 6.24 3.88 -36.61
CA THR C 53 6.01 4.96 -35.66
C THR C 53 7.02 6.10 -35.82
N TYR C 54 6.89 7.11 -34.97
CA TYR C 54 7.79 8.25 -34.98
C TYR C 54 9.24 7.86 -34.65
N ASP C 55 9.43 6.85 -33.81
CA ASP C 55 10.76 6.38 -33.47
C ASP C 55 11.32 5.30 -34.43
N GLY C 56 10.51 4.83 -35.39
CA GLY C 56 11.00 3.82 -36.32
C GLY C 56 10.49 2.39 -36.07
N SER C 57 9.70 2.20 -35.03
CA SER C 57 9.17 0.87 -34.71
C SER C 57 8.10 0.47 -35.71
N ASN C 58 7.99 -0.83 -35.97
CA ASN C 58 6.98 -1.31 -36.91
C ASN C 58 5.89 -2.17 -36.28
N ASN C 59 4.73 -2.15 -36.93
CA ASN C 59 3.62 -3.03 -36.60
C ASN C 59 2.87 -3.36 -37.89
N TYR C 60 2.82 -4.65 -38.23
CA TYR C 60 2.26 -5.06 -39.52
C TYR C 60 1.06 -5.98 -39.38
N ASN C 61 0.27 -6.05 -40.44
CA ASN C 61 -0.83 -7.00 -40.54
C ASN C 61 -0.24 -8.41 -40.72
N PRO C 62 -0.51 -9.35 -39.80
CA PRO C 62 0.03 -10.70 -39.78
C PRO C 62 -0.11 -11.44 -41.11
N SER C 63 -1.17 -11.18 -41.88
CA SER C 63 -1.39 -11.91 -43.13
C SER C 63 -0.31 -11.68 -44.17
N LEU C 64 0.38 -10.57 -44.09
CA LEU C 64 1.45 -10.24 -45.02
C LEU C 64 2.73 -9.86 -44.30
N LYS C 65 2.85 -10.29 -43.06
CA LYS C 65 3.93 -9.90 -42.17
C LYS C 65 5.31 -10.20 -42.73
N ASN C 66 5.44 -11.30 -43.47
CA ASN C 66 6.75 -11.72 -43.97
C ASN C 66 7.10 -11.16 -45.34
N ARG C 67 6.25 -10.31 -45.89
CA ARG C 67 6.52 -9.70 -47.18
C ARG C 67 6.62 -8.19 -47.07
N ILE C 68 6.35 -7.66 -45.89
CA ILE C 68 6.22 -6.22 -45.74
C ILE C 68 7.29 -5.58 -44.89
N SER C 69 7.75 -4.43 -45.33
CA SER C 69 8.65 -3.60 -44.56
C SER C 69 8.27 -2.14 -44.73
N ILE C 70 8.03 -1.45 -43.61
CA ILE C 70 7.70 -0.02 -43.68
C ILE C 70 8.84 0.78 -43.08
N THR C 71 9.45 1.62 -43.90
CA THR C 71 10.64 2.36 -43.50
C THR C 71 10.47 3.86 -43.60
N ARG C 72 11.47 4.60 -43.15
CA ARG C 72 11.44 6.06 -43.21
C ARG C 72 12.72 6.64 -43.77
N ASP C 73 12.60 7.83 -44.34
CA ASP C 73 13.72 8.66 -44.76
C ASP C 73 13.48 10.05 -44.22
N SER C 74 14.10 10.34 -43.09
CA SER C 74 13.82 11.56 -42.36
C SER C 74 14.23 12.81 -43.13
N SER C 75 15.29 12.71 -43.94
CA SER C 75 15.83 13.86 -44.68
C SER C 75 14.91 14.38 -45.78
N LYS C 76 13.96 13.54 -46.21
CA LYS C 76 13.00 13.88 -47.24
C LYS C 76 11.60 13.98 -46.65
N ASN C 77 11.52 13.68 -45.35
CA ASN C 77 10.27 13.59 -44.61
C ASN C 77 9.30 12.62 -45.28
N GLN C 78 9.81 11.45 -45.67
CA GLN C 78 9.01 10.43 -46.35
C GLN C 78 9.01 9.10 -45.60
N PHE C 79 7.98 8.29 -45.86
CA PHE C 79 8.00 6.91 -45.39
C PHE C 79 7.59 6.00 -46.53
N PHE C 80 8.01 4.74 -46.46
CA PHE C 80 7.85 3.89 -47.63
C PHE C 80 7.23 2.55 -47.32
N LEU C 81 6.44 2.07 -48.26
CA LEU C 81 5.91 0.72 -48.19
C LEU C 81 6.63 -0.19 -49.14
N LYS C 82 7.33 -1.18 -48.61
CA LYS C 82 8.03 -2.09 -49.47
C LYS C 82 7.46 -3.49 -49.37
N LEU C 83 7.14 -4.08 -50.51
CA LEU C 83 6.71 -5.46 -50.55
C LEU C 83 7.79 -6.26 -51.25
N ASN C 84 8.30 -7.26 -50.56
CA ASN C 84 9.44 -8.04 -51.04
C ASN C 84 9.17 -8.68 -52.40
N SER C 85 7.93 -9.08 -52.59
CA SER C 85 7.47 -9.68 -53.83
C SER C 85 5.97 -9.50 -53.95
N VAL C 86 5.51 -9.14 -55.15
CA VAL C 86 4.06 -8.99 -55.37
C VAL C 86 3.42 -10.13 -56.15
N ILE C 87 2.14 -10.33 -55.85
CA ILE C 87 1.31 -11.37 -56.43
C ILE C 87 0.14 -10.67 -57.10
N SER C 88 -0.49 -11.30 -58.08
CA SER C 88 -1.60 -10.69 -58.81
C SER C 88 -2.67 -10.09 -57.89
N GLU C 89 -2.93 -10.73 -56.75
CA GLU C 89 -3.93 -10.27 -55.78
C GLU C 89 -3.60 -8.92 -55.16
N ASP C 90 -2.34 -8.50 -55.24
CA ASP C 90 -1.89 -7.26 -54.63
C ASP C 90 -2.29 -6.04 -55.44
N THR C 91 -3.06 -6.25 -56.51
CA THR C 91 -3.60 -5.12 -57.25
C THR C 91 -4.60 -4.40 -56.34
N ALA C 92 -4.34 -3.13 -56.08
CA ALA C 92 -5.16 -2.36 -55.14
C ALA C 92 -4.78 -0.88 -55.19
N THR C 93 -5.62 -0.04 -54.60
CA THR C 93 -5.23 1.35 -54.40
C THR C 93 -4.59 1.48 -53.03
N TYR C 94 -3.35 1.93 -53.02
CA TYR C 94 -2.61 2.02 -51.78
C TYR C 94 -2.61 3.42 -51.21
N TYR C 95 -3.11 3.52 -50.01
CA TYR C 95 -3.20 4.79 -49.32
C TYR C 95 -2.23 4.82 -48.16
N CYS C 96 -1.67 5.98 -47.89
CA CYS C 96 -0.95 6.23 -46.66
C CYS C 96 -1.87 7.11 -45.78
N ALA C 97 -1.75 6.96 -44.44
CA ALA C 97 -2.59 7.72 -43.51
C ALA C 97 -1.88 8.00 -42.20
N ARG C 98 -2.31 9.07 -41.55
CA ARG C 98 -1.79 9.42 -40.24
C ARG C 98 -2.71 8.96 -39.13
N PHE C 99 -2.15 8.27 -38.15
CA PHE C 99 -2.88 7.85 -36.96
C PHE C 99 -2.37 8.61 -35.76
N GLY C 100 -3.28 9.08 -34.93
CA GLY C 100 -2.85 9.80 -33.75
C GLY C 100 -3.87 9.75 -32.65
N SER C 101 -3.48 10.33 -31.53
CA SER C 101 -4.26 10.35 -30.30
C SER C 101 -5.49 11.25 -30.33
N SER C 102 -5.56 12.17 -31.28
CA SER C 102 -6.70 13.09 -31.32
C SER C 102 -7.99 12.31 -31.50
N TYR C 103 -7.97 11.34 -32.41
CA TYR C 103 -9.15 10.54 -32.68
C TYR C 103 -8.95 9.06 -32.38
N TRP C 104 -7.69 8.63 -32.26
CA TRP C 104 -7.35 7.21 -32.19
C TRP C 104 -7.87 6.55 -33.45
N ALA C 105 -7.70 7.25 -34.55
CA ALA C 105 -8.15 6.83 -35.85
C ALA C 105 -7.26 7.43 -36.90
N MET C 106 -7.27 6.83 -38.07
CA MET C 106 -6.52 7.37 -39.18
C MET C 106 -7.35 8.49 -39.82
N ASP C 107 -6.92 9.74 -39.65
CA ASP C 107 -7.72 10.89 -40.08
C ASP C 107 -7.31 11.46 -41.43
N TYR C 108 -6.04 11.78 -41.58
CA TYR C 108 -5.57 12.29 -42.86
C TYR C 108 -5.13 11.14 -43.73
N TRP C 109 -5.76 11.04 -44.89
CA TRP C 109 -5.46 10.00 -45.87
C TRP C 109 -4.90 10.64 -47.11
N GLY C 110 -4.05 9.93 -47.82
CA GLY C 110 -3.57 10.42 -49.10
C GLY C 110 -4.64 10.14 -50.15
N GLN C 111 -4.31 10.34 -51.42
CA GLN C 111 -5.29 10.17 -52.48
C GLN C 111 -5.34 8.74 -52.96
N GLY C 112 -4.21 8.07 -52.83
CA GLY C 112 -4.09 6.66 -53.17
C GLY C 112 -3.39 6.41 -54.49
N THR C 113 -2.42 5.50 -54.48
CA THR C 113 -1.71 5.13 -55.69
C THR C 113 -2.31 3.84 -56.21
N SER C 114 -2.83 3.88 -57.43
CA SER C 114 -3.47 2.71 -57.99
C SER C 114 -2.44 1.82 -58.63
N LEU C 115 -2.21 0.65 -58.05
CA LEU C 115 -1.18 -0.25 -58.52
C LEU C 115 -1.71 -1.49 -59.21
N THR C 116 -1.20 -1.73 -60.41
CA THR C 116 -1.51 -2.94 -61.17
C THR C 116 -0.37 -3.96 -61.10
N VAL C 117 -0.72 -5.24 -60.87
CA VAL C 117 0.24 -6.38 -60.90
C VAL C 117 -0.29 -7.42 -61.90
N GLY D 26 35.13 19.19 -2.63
CA GLY D 26 35.55 19.38 -1.25
C GLY D 26 36.00 18.05 -0.62
N ILE D 27 35.16 17.53 0.30
CA ILE D 27 35.42 16.28 1.04
C ILE D 27 35.31 15.03 0.16
N LEU D 28 34.43 15.04 -0.83
CA LEU D 28 34.36 13.92 -1.76
C LEU D 28 35.20 14.31 -2.96
N HIS D 29 35.94 13.36 -3.52
CA HIS D 29 36.78 13.71 -4.66
C HIS D 29 35.92 13.69 -5.90
N TYR D 30 35.23 14.79 -6.12
CA TYR D 30 34.21 14.85 -7.16
C TYR D 30 34.78 14.68 -8.56
N GLU D 31 36.00 15.13 -8.79
CA GLU D 31 36.53 15.01 -10.15
C GLU D 31 36.79 13.56 -10.54
N LYS D 32 37.45 12.78 -9.66
CA LYS D 32 37.65 11.38 -9.97
C LYS D 32 36.36 10.59 -9.94
N LEU D 33 35.42 10.97 -9.07
CA LEU D 33 34.16 10.26 -9.01
C LEU D 33 33.36 10.45 -10.29
N SER D 34 33.39 11.66 -10.87
CA SER D 34 32.64 11.87 -12.09
C SER D 34 33.18 11.00 -13.21
N LYS D 35 34.48 10.70 -13.18
CA LYS D 35 35.12 9.86 -14.22
C LYS D 35 34.67 8.40 -14.20
N ILE D 36 34.00 7.97 -13.14
CA ILE D 36 33.50 6.60 -13.07
C ILE D 36 31.98 6.62 -13.01
N GLY D 37 31.39 7.69 -13.53
CA GLY D 37 29.95 7.73 -13.62
C GLY D 37 29.25 8.25 -12.39
N LEU D 38 29.95 8.93 -11.49
CA LEU D 38 29.29 9.43 -10.31
C LEU D 38 29.32 10.94 -10.32
N VAL D 39 28.36 11.51 -11.02
CA VAL D 39 28.33 12.92 -11.29
C VAL D 39 27.73 13.65 -10.10
N LYS D 40 28.41 14.67 -9.62
CA LYS D 40 27.90 15.37 -8.45
C LYS D 40 26.46 15.82 -8.69
N GLY D 41 25.55 15.42 -7.81
CA GLY D 41 24.15 15.80 -7.91
C GLY D 41 23.83 16.92 -6.93
N ILE D 42 22.59 16.96 -6.50
CA ILE D 42 22.12 18.01 -5.60
C ILE D 42 22.64 17.82 -4.19
N THR D 43 23.15 18.91 -3.61
CA THR D 43 23.59 18.88 -2.23
C THR D 43 22.42 19.32 -1.38
N ARG D 44 21.98 18.45 -0.49
CA ARG D 44 20.83 18.73 0.33
C ARG D 44 21.24 18.88 1.79
N LYS D 45 20.51 19.69 2.54
CA LYS D 45 20.81 19.81 3.95
C LYS D 45 20.03 18.77 4.75
N TYR D 46 20.55 18.41 5.92
CA TYR D 46 20.03 17.31 6.71
C TYR D 46 19.19 17.77 7.89
N LYS D 47 17.97 17.26 8.01
CA LYS D 47 17.07 17.62 9.10
C LYS D 47 16.51 16.43 9.85
N ILE D 48 16.37 16.59 11.16
CA ILE D 48 15.72 15.56 11.99
C ILE D 48 14.64 16.18 12.90
N LYS D 49 13.46 15.56 12.92
CA LYS D 49 12.36 16.02 13.79
C LYS D 49 12.72 15.92 15.26
N SER D 50 12.34 16.94 16.03
CA SER D 50 12.62 16.97 17.46
C SER D 50 11.74 17.96 18.23
N ASN D 51 11.87 17.94 19.56
CA ASN D 51 11.13 18.84 20.46
C ASN D 51 9.66 19.01 20.14
N PRO D 52 8.87 17.94 20.26
CA PRO D 52 7.43 18.02 19.96
C PRO D 52 6.55 18.55 21.09
N LEU D 53 5.52 19.31 20.70
CA LEU D 53 4.52 19.84 21.63
C LEU D 53 3.31 18.93 21.45
N THR D 54 2.53 18.70 22.51
CA THR D 54 1.42 17.77 22.33
C THR D 54 0.03 18.32 22.58
N LYS D 55 -0.94 17.73 21.88
CA LYS D 55 -2.35 18.01 22.10
C LYS D 55 -3.16 16.74 22.15
N ASP D 56 -4.26 16.76 22.90
CA ASP D 56 -5.12 15.60 22.96
C ASP D 56 -6.38 15.80 22.15
N ILE D 57 -6.77 14.77 21.40
CA ILE D 57 -8.02 14.82 20.66
C ILE D 57 -8.81 13.54 20.92
N VAL D 58 -10.12 13.64 20.95
CA VAL D 58 -10.95 12.46 21.17
C VAL D 58 -11.51 11.94 19.88
N ILE D 59 -11.32 10.66 19.61
CA ILE D 59 -11.95 10.10 18.44
C ILE D 59 -13.03 9.14 18.90
N LYS D 60 -14.24 9.45 18.51
CA LYS D 60 -15.39 8.65 18.85
C LYS D 60 -15.49 7.57 17.78
N MET D 61 -15.39 6.32 18.22
CA MET D 61 -15.24 5.18 17.33
C MET D 61 -16.59 4.65 16.88
N ILE D 62 -17.64 5.28 17.39
CA ILE D 62 -19.01 4.87 17.13
C ILE D 62 -19.91 6.08 16.90
N PRO D 63 -20.66 6.14 15.80
CA PRO D 63 -21.53 7.23 15.42
C PRO D 63 -22.76 7.34 16.31
N ASN D 64 -23.32 8.54 16.33
CA ASN D 64 -24.55 8.87 17.01
C ASN D 64 -25.71 8.63 16.05
N VAL D 65 -26.53 7.65 16.39
CA VAL D 65 -27.61 7.23 15.50
C VAL D 65 -28.98 7.65 16.02
N SER D 66 -29.00 8.62 16.92
CA SER D 66 -30.28 9.05 17.48
C SER D 66 -31.31 9.45 16.41
N ASN D 67 -30.87 10.21 15.38
CA ASN D 67 -31.75 10.73 14.34
C ASN D 67 -32.14 9.68 13.27
N VAL D 68 -31.64 8.44 13.40
CA VAL D 68 -31.98 7.31 12.54
C VAL D 68 -32.39 6.11 13.41
N SER D 69 -32.52 6.33 14.73
CA SER D 69 -32.61 5.23 15.71
C SER D 69 -33.75 4.27 15.48
N LYS D 70 -34.85 4.76 14.94
CA LYS D 70 -35.99 3.88 14.72
C LYS D 70 -35.69 2.73 13.73
N CYS D 71 -34.68 2.93 12.85
CA CYS D 71 -34.33 1.99 11.79
C CYS D 71 -32.92 1.39 11.94
N THR D 72 -32.34 1.39 13.17
CA THR D 72 -30.99 0.81 13.38
C THR D 72 -31.04 -0.68 13.67
N GLY D 73 -32.20 -1.18 14.08
CA GLY D 73 -32.33 -2.59 14.36
C GLY D 73 -31.34 -3.11 15.39
N THR D 74 -30.65 -4.18 15.01
CA THR D 74 -29.62 -4.82 15.83
C THR D 74 -28.18 -4.42 15.46
N VAL D 75 -28.10 -3.54 14.47
CA VAL D 75 -26.82 -3.10 13.93
C VAL D 75 -25.82 -2.50 14.90
N MET D 76 -26.27 -1.58 15.74
CA MET D 76 -25.35 -0.95 16.67
C MET D 76 -24.91 -1.93 17.75
N GLU D 77 -25.77 -2.88 18.08
CA GLU D 77 -25.43 -3.85 19.11
C GLU D 77 -24.32 -4.78 18.63
N ASN D 78 -24.42 -5.20 17.36
CA ASN D 78 -23.41 -6.06 16.77
C ASN D 78 -22.13 -5.28 16.52
N TYR D 79 -22.29 -4.01 16.17
CA TYR D 79 -21.15 -3.14 15.92
C TYR D 79 -20.33 -2.97 17.17
N LYS D 80 -20.99 -2.63 18.28
CA LYS D 80 -20.32 -2.41 19.55
C LYS D 80 -19.59 -3.66 20.01
N SER D 81 -20.18 -4.83 19.81
CA SER D 81 -19.52 -6.06 20.23
C SER D 81 -18.24 -6.29 19.42
N ARG D 82 -18.32 -6.11 18.09
CA ARG D 82 -17.17 -6.29 17.23
C ARG D 82 -16.07 -5.29 17.57
N LEU D 83 -16.49 -4.04 17.80
CA LEU D 83 -15.58 -2.95 18.11
C LEU D 83 -14.89 -3.16 19.45
N THR D 84 -15.62 -3.66 20.45
CA THR D 84 -15.03 -3.93 21.75
C THR D 84 -13.91 -4.96 21.59
N GLY D 85 -14.14 -5.99 20.78
CA GLY D 85 -13.12 -6.99 20.55
C GLY D 85 -11.84 -6.36 19.98
N ILE D 86 -12.00 -5.34 19.13
CA ILE D 86 -10.88 -4.65 18.51
C ILE D 86 -10.14 -3.72 19.51
N LEU D 87 -10.91 -2.94 20.27
CA LEU D 87 -10.34 -1.98 21.21
C LEU D 87 -9.86 -2.58 22.52
N SER D 88 -10.47 -3.67 22.96
CA SER D 88 -10.14 -4.26 24.25
C SER D 88 -8.65 -4.55 24.49
N PRO D 89 -7.91 -5.23 23.57
CA PRO D 89 -6.49 -5.51 23.71
C PRO D 89 -5.63 -4.24 23.68
N ILE D 90 -6.18 -3.15 23.15
CA ILE D 90 -5.44 -1.90 23.10
C ILE D 90 -5.50 -1.30 24.49
N LYS D 91 -6.71 -1.29 25.06
CA LYS D 91 -6.93 -0.79 26.40
C LYS D 91 -6.09 -1.56 27.39
N GLY D 92 -6.05 -2.88 27.24
CA GLY D 92 -5.30 -3.75 28.14
C GLY D 92 -3.81 -3.39 28.17
N ALA D 93 -3.20 -3.27 26.99
CA ALA D 93 -1.79 -2.93 26.90
C ALA D 93 -1.50 -1.56 27.50
N ILE D 94 -2.41 -0.62 27.31
CA ILE D 94 -2.25 0.71 27.89
C ILE D 94 -2.34 0.67 29.42
N GLU D 95 -3.30 -0.07 29.94
CA GLU D 95 -3.46 -0.22 31.39
C GLU D 95 -2.24 -0.85 32.02
N LEU D 96 -1.60 -1.79 31.32
CA LEU D 96 -0.42 -2.44 31.87
C LEU D 96 0.59 -1.40 32.36
N TYR D 97 0.84 -0.38 31.56
CA TYR D 97 1.77 0.67 31.97
C TYR D 97 1.16 1.63 32.97
N ASN D 98 -0.10 1.99 32.79
CA ASN D 98 -0.73 2.94 33.72
C ASN D 98 -0.78 2.41 35.17
N ASN D 99 -0.92 1.07 35.34
CA ASN D 99 -0.96 0.40 36.65
C ASN D 99 0.44 0.20 37.26
N ASN D 100 1.52 0.42 36.47
CA ASN D 100 2.90 0.22 36.88
C ASN D 100 3.65 1.52 37.12
N THR D 101 3.12 2.64 36.63
CA THR D 101 3.79 3.92 36.83
C THR D 101 3.11 4.72 37.93
N HIS D 102 3.89 5.14 38.91
CA HIS D 102 3.36 5.85 40.07
C HIS D 102 4.15 7.10 40.43
N ASP D 103 3.49 8.06 41.10
CA ASP D 103 4.06 9.32 41.57
C ASP D 103 3.52 9.64 42.95
N VAL D 113 7.92 10.30 38.93
CA VAL D 113 7.33 9.38 37.97
C VAL D 113 8.25 8.14 37.86
N VAL D 114 7.93 7.10 38.64
CA VAL D 114 8.71 5.86 38.72
C VAL D 114 7.96 4.70 38.10
N MET D 115 8.63 4.00 37.20
CA MET D 115 8.02 2.85 36.53
C MET D 115 8.45 1.55 37.18
N ALA D 116 7.49 0.67 37.42
CA ALA D 116 7.78 -0.61 38.06
C ALA D 116 8.42 -1.58 37.08
N GLY D 117 9.75 -1.53 37.01
CA GLY D 117 10.49 -2.39 36.08
C GLY D 117 10.18 -3.86 36.32
N ILE D 118 9.92 -4.24 37.57
CA ILE D 118 9.61 -5.63 37.90
C ILE D 118 8.29 -6.06 37.28
N ALA D 119 7.27 -5.22 37.43
CA ALA D 119 5.93 -5.50 36.91
C ALA D 119 5.89 -5.49 35.38
N ILE D 120 6.69 -4.63 34.77
CA ILE D 120 6.75 -4.54 33.32
C ILE D 120 7.49 -5.77 32.80
N GLY D 121 8.61 -6.10 33.43
CA GLY D 121 9.39 -7.28 33.12
C GLY D 121 10.28 -7.10 31.90
N ILE D 122 9.65 -7.03 30.74
CA ILE D 122 10.38 -6.88 29.49
C ILE D 122 9.93 -5.66 28.71
N ALA D 123 10.88 -4.80 28.40
CA ALA D 123 10.57 -3.63 27.59
C ALA D 123 11.83 -3.09 26.92
N THR D 124 11.64 -2.45 25.77
CA THR D 124 12.70 -1.75 25.08
C THR D 124 12.75 -0.33 25.61
N ALA D 125 13.82 0.39 25.31
CA ALA D 125 13.90 1.78 25.74
C ALA D 125 12.75 2.59 25.16
N ALA D 126 12.36 2.27 23.92
CA ALA D 126 11.28 2.97 23.26
C ALA D 126 9.94 2.76 23.96
N GLN D 127 9.70 1.53 24.45
CA GLN D 127 8.46 1.20 25.13
C GLN D 127 8.41 1.89 26.49
N ILE D 128 9.57 1.98 27.14
CA ILE D 128 9.69 2.62 28.44
C ILE D 128 9.44 4.12 28.31
N THR D 129 10.07 4.74 27.30
CA THR D 129 9.91 6.17 27.05
C THR D 129 8.46 6.49 26.72
N ALA D 130 7.85 5.67 25.86
CA ALA D 130 6.45 5.88 25.51
C ALA D 130 5.57 5.70 26.76
N GLY D 131 5.96 4.78 27.63
CA GLY D 131 5.24 4.54 28.89
C GLY D 131 5.27 5.78 29.80
N VAL D 132 6.40 6.51 29.79
CA VAL D 132 6.48 7.74 30.57
C VAL D 132 5.56 8.78 29.98
N ALA D 133 5.58 8.91 28.65
CA ALA D 133 4.73 9.86 27.96
C ALA D 133 3.27 9.54 28.24
N LEU D 134 2.96 8.25 28.31
CA LEU D 134 1.61 7.79 28.59
C LEU D 134 1.17 8.25 29.97
N TYR D 135 2.05 8.07 30.96
CA TYR D 135 1.73 8.51 32.31
C TYR D 135 1.41 9.99 32.34
N GLU D 136 2.25 10.80 31.71
CA GLU D 136 2.06 12.24 31.72
C GLU D 136 0.76 12.61 31.03
N ALA D 137 0.45 11.90 29.94
CA ALA D 137 -0.77 12.14 29.18
C ALA D 137 -2.02 11.92 30.02
N MET D 138 -1.98 10.98 30.96
CA MET D 138 -3.14 10.69 31.78
C MET D 138 -3.56 11.86 32.65
N LYS D 139 -2.65 12.80 32.91
CA LYS D 139 -3.00 13.94 33.72
C LYS D 139 -4.10 14.74 33.03
N ASN D 140 -4.09 14.72 31.69
CA ASN D 140 -5.07 15.43 30.90
C ASN D 140 -6.21 14.51 30.49
N ALA D 141 -5.92 13.22 30.28
CA ALA D 141 -6.97 12.29 29.89
C ALA D 141 -8.04 12.26 30.97
N ASP D 142 -7.61 12.40 32.23
CA ASP D 142 -8.53 12.44 33.37
C ASP D 142 -9.49 13.62 33.32
N ASN D 143 -9.12 14.73 32.67
CA ASN D 143 -10.03 15.86 32.57
C ASN D 143 -11.01 15.62 31.43
N ILE D 144 -10.48 15.04 30.35
CA ILE D 144 -11.28 14.75 29.17
C ILE D 144 -12.37 13.76 29.52
N ASN D 145 -12.02 12.78 30.35
CA ASN D 145 -12.93 11.73 30.75
C ASN D 145 -14.12 12.25 31.55
N LYS D 146 -14.04 13.48 32.07
CA LYS D 146 -15.15 14.02 32.85
C LYS D 146 -16.21 14.58 31.92
N LEU D 147 -15.91 14.54 30.62
CA LEU D 147 -16.81 14.96 29.57
C LEU D 147 -17.44 13.75 28.94
N LYS D 148 -17.26 12.58 29.57
CA LYS D 148 -17.76 11.32 29.04
C LYS D 148 -19.18 11.42 28.50
N SER D 149 -20.10 12.04 29.25
CA SER D 149 -21.49 12.15 28.79
C SER D 149 -21.64 13.17 27.66
N SER D 150 -20.70 14.12 27.59
CA SER D 150 -20.74 15.15 26.57
C SER D 150 -20.11 14.62 25.28
N ILE D 151 -19.29 13.58 25.42
CA ILE D 151 -18.69 12.90 24.29
C ILE D 151 -19.76 11.97 23.71
N GLU D 152 -20.45 11.23 24.58
CA GLU D 152 -21.51 10.33 24.13
C GLU D 152 -22.60 11.05 23.33
N SER D 153 -22.94 12.27 23.73
CA SER D 153 -24.01 13.04 23.09
C SER D 153 -23.63 13.71 21.78
N THR D 154 -22.36 13.72 21.39
CA THR D 154 -21.98 14.48 20.20
C THR D 154 -22.65 13.87 18.98
N ASN D 155 -23.23 14.73 18.15
CA ASN D 155 -23.97 14.32 16.95
C ASN D 155 -23.49 15.00 15.66
N GLU D 156 -22.25 15.47 15.67
CA GLU D 156 -21.64 16.11 14.50
C GLU D 156 -20.26 15.52 14.32
N ALA D 157 -19.75 15.53 13.09
CA ALA D 157 -18.44 14.93 12.84
C ALA D 157 -17.37 15.59 13.68
N VAL D 158 -17.47 16.91 13.87
CA VAL D 158 -16.48 17.60 14.71
C VAL D 158 -17.17 18.53 15.69
N VAL D 159 -16.93 18.34 16.99
CA VAL D 159 -17.46 19.27 17.98
C VAL D 159 -16.42 19.74 18.97
N LYS D 160 -16.68 20.90 19.56
CA LYS D 160 -15.80 21.53 20.53
C LYS D 160 -16.31 21.41 21.96
N LEU D 161 -15.59 20.66 22.81
CA LEU D 161 -15.97 20.52 24.22
C LEU D 161 -14.93 21.22 25.08
N GLN D 162 -15.33 21.68 26.27
CA GLN D 162 -14.36 22.32 27.17
C GLN D 162 -13.76 21.31 28.13
N GLU D 163 -12.42 21.15 28.07
CA GLU D 163 -11.72 20.24 28.98
C GLU D 163 -11.60 20.93 30.32
N THR D 164 -11.15 22.17 30.26
CA THR D 164 -11.00 23.07 31.39
C THR D 164 -11.47 24.42 30.88
N ALA D 165 -11.64 25.40 31.75
CA ALA D 165 -12.07 26.71 31.26
C ALA D 165 -11.08 27.27 30.21
N GLU D 166 -9.80 26.94 30.36
CA GLU D 166 -8.74 27.43 29.49
C GLU D 166 -8.33 26.47 28.37
N LYS D 167 -9.00 25.32 28.26
CA LYS D 167 -8.63 24.32 27.26
C LYS D 167 -9.80 23.70 26.55
N THR D 168 -9.64 23.50 25.26
CA THR D 168 -10.65 22.82 24.50
C THR D 168 -10.15 21.47 24.03
N VAL D 169 -11.07 20.54 23.94
CA VAL D 169 -10.79 19.23 23.36
C VAL D 169 -11.82 18.97 22.29
N TYR D 170 -11.39 18.50 21.15
CA TYR D 170 -12.33 18.22 20.09
C TYR D 170 -12.67 16.77 20.00
N VAL D 171 -13.92 16.50 19.63
CA VAL D 171 -14.35 15.14 19.41
C VAL D 171 -14.62 14.93 17.93
N LEU D 172 -13.88 14.00 17.35
CA LEU D 172 -14.04 13.62 15.95
C LEU D 172 -14.85 12.35 15.90
N THR D 173 -15.98 12.35 15.21
CA THR D 173 -16.81 11.14 15.24
C THR D 173 -16.86 10.40 13.91
N ALA D 174 -16.53 9.12 13.97
CA ALA D 174 -16.52 8.28 12.79
C ALA D 174 -17.92 8.15 12.22
N LEU D 175 -18.03 8.28 10.90
CA LEU D 175 -19.27 8.12 10.16
C LEU D 175 -20.40 9.06 10.55
N GLN D 176 -20.12 10.08 11.36
CA GLN D 176 -21.21 10.95 11.75
C GLN D 176 -21.73 11.77 10.58
N ASP D 177 -20.86 12.12 9.65
CA ASP D 177 -21.27 12.92 8.52
C ASP D 177 -22.10 12.04 7.59
N TYR D 178 -21.66 10.80 7.43
CA TYR D 178 -22.39 9.85 6.60
C TYR D 178 -23.83 9.77 7.07
N ILE D 179 -24.02 9.59 8.36
CA ILE D 179 -25.37 9.48 8.87
C ILE D 179 -26.11 10.80 8.70
N ASN D 180 -25.50 11.91 9.09
CA ASN D 180 -26.17 13.20 9.05
C ASN D 180 -26.59 13.64 7.65
N THR D 181 -25.82 13.29 6.61
CA THR D 181 -26.18 13.76 5.27
C THR D 181 -26.71 12.66 4.35
N ASN D 182 -26.40 11.39 4.62
CA ASN D 182 -26.87 10.34 3.73
C ASN D 182 -28.02 9.49 4.29
N LEU D 183 -28.09 9.31 5.63
CA LEU D 183 -29.18 8.49 6.14
C LEU D 183 -30.32 9.30 6.72
N VAL D 184 -30.02 10.35 7.47
CA VAL D 184 -31.08 11.10 8.12
C VAL D 184 -32.08 11.71 7.11
N PRO D 185 -31.64 12.36 6.01
CA PRO D 185 -32.50 12.96 5.01
C PRO D 185 -33.31 11.92 4.21
N THR D 186 -32.93 10.65 4.32
CA THR D 186 -33.56 9.60 3.53
C THR D 186 -34.54 8.75 4.33
N ILE D 187 -34.78 9.08 5.59
CA ILE D 187 -35.62 8.21 6.41
C ILE D 187 -37.00 7.95 5.81
N ASP D 188 -37.62 8.97 5.22
CA ASP D 188 -38.94 8.76 4.62
C ASP D 188 -38.90 8.56 3.10
N GLN D 189 -37.70 8.36 2.54
CA GLN D 189 -37.56 8.16 1.09
C GLN D 189 -37.27 6.71 0.74
N ILE D 190 -36.57 6.02 1.63
CA ILE D 190 -36.25 4.61 1.42
C ILE D 190 -36.91 3.84 2.54
N SER D 191 -37.10 2.54 2.38
CA SER D 191 -37.78 1.82 3.45
C SER D 191 -36.89 1.83 4.68
N CYS D 192 -37.50 1.62 5.85
CA CYS D 192 -36.79 1.58 7.14
C CYS D 192 -35.69 0.49 7.13
N LYS D 193 -35.99 -0.69 6.54
CA LYS D 193 -35.05 -1.81 6.44
C LYS D 193 -33.83 -1.43 5.59
N GLN D 194 -34.04 -0.63 4.54
CA GLN D 194 -32.92 -0.22 3.72
C GLN D 194 -31.98 0.71 4.49
N THR D 195 -32.55 1.51 5.39
CA THR D 195 -31.71 2.38 6.21
C THR D 195 -30.82 1.52 7.10
N GLU D 196 -31.42 0.47 7.69
CA GLU D 196 -30.67 -0.44 8.55
C GLU D 196 -29.49 -1.05 7.81
N LEU D 197 -29.74 -1.51 6.59
CA LEU D 197 -28.69 -2.13 5.79
C LEU D 197 -27.60 -1.14 5.42
N ALA D 198 -27.99 0.09 5.07
CA ALA D 198 -27.05 1.12 4.72
C ALA D 198 -26.13 1.46 5.88
N LEU D 199 -26.69 1.49 7.09
CA LEU D 199 -25.92 1.78 8.29
C LEU D 199 -24.95 0.62 8.59
N ASP D 200 -25.45 -0.60 8.44
CA ASP D 200 -24.66 -1.78 8.72
C ASP D 200 -23.44 -1.83 7.80
N LEU D 201 -23.65 -1.55 6.52
CA LEU D 201 -22.54 -1.56 5.57
C LEU D 201 -21.54 -0.44 5.85
N ALA D 202 -22.02 0.75 6.21
CA ALA D 202 -21.11 1.85 6.49
C ALA D 202 -20.22 1.52 7.69
N LEU D 203 -20.81 0.90 8.69
CA LEU D 203 -20.09 0.49 9.89
C LEU D 203 -19.12 -0.63 9.61
N SER D 204 -19.53 -1.59 8.79
CA SER D 204 -18.67 -2.71 8.46
C SER D 204 -17.48 -2.28 7.61
N LYS D 205 -17.69 -1.36 6.65
CA LYS D 205 -16.56 -0.88 5.86
C LYS D 205 -15.59 -0.14 6.75
N TYR D 206 -16.11 0.66 7.67
CA TYR D 206 -15.27 1.36 8.60
C TYR D 206 -14.37 0.40 9.35
N LEU D 207 -14.95 -0.67 9.91
CA LEU D 207 -14.15 -1.64 10.66
C LEU D 207 -13.14 -2.37 9.77
N SER D 208 -13.54 -2.69 8.53
CA SER D 208 -12.62 -3.40 7.65
C SER D 208 -11.36 -2.59 7.40
N ASP D 209 -11.52 -1.27 7.25
CA ASP D 209 -10.38 -0.39 7.06
C ASP D 209 -9.65 -0.16 8.39
N LEU D 210 -10.40 -0.08 9.47
CA LEU D 210 -9.86 0.20 10.79
C LEU D 210 -8.88 -0.87 11.26
N LEU D 211 -9.23 -2.14 10.99
CA LEU D 211 -8.44 -3.29 11.46
C LEU D 211 -7.01 -3.32 11.00
N PHE D 212 -6.71 -2.84 9.81
CA PHE D 212 -5.32 -2.87 9.39
C PHE D 212 -4.41 -2.23 10.44
N VAL D 213 -4.88 -1.12 11.03
CA VAL D 213 -4.08 -0.40 12.00
C VAL D 213 -4.39 -0.76 13.45
N PHE D 214 -5.68 -0.85 13.80
CA PHE D 214 -6.09 -1.03 15.19
C PHE D 214 -6.37 -2.47 15.54
N GLY D 215 -6.09 -3.37 14.62
CA GLY D 215 -6.26 -4.79 14.82
C GLY D 215 -5.00 -5.36 15.47
N PRO D 216 -4.78 -6.68 15.36
CA PRO D 216 -3.70 -7.47 15.95
C PRO D 216 -2.30 -6.98 15.62
N ASN D 217 -2.17 -6.18 14.57
CA ASN D 217 -0.87 -5.64 14.18
C ASN D 217 -0.33 -4.68 15.24
N LEU D 218 -1.23 -4.08 16.01
CA LEU D 218 -0.87 -3.10 17.02
C LEU D 218 -0.56 -3.75 18.36
N GLN D 219 0.56 -4.49 18.41
CA GLN D 219 0.97 -5.13 19.65
C GLN D 219 1.56 -4.12 20.64
N ASP D 220 1.91 -2.95 20.13
CA ASP D 220 2.52 -1.88 20.92
C ASP D 220 1.81 -0.54 20.79
N PRO D 221 0.62 -0.37 21.38
CA PRO D 221 -0.13 0.88 21.44
C PRO D 221 0.58 1.86 22.36
N VAL D 222 1.47 1.34 23.22
CA VAL D 222 2.25 2.19 24.08
C VAL D 222 3.47 2.61 23.28
N SER D 223 3.23 3.55 22.37
CA SER D 223 4.22 4.04 21.43
C SER D 223 3.91 5.46 21.01
N ASN D 224 4.96 6.24 20.80
CA ASN D 224 4.82 7.60 20.32
C ASN D 224 5.48 7.77 18.95
N SER D 225 5.62 6.65 18.22
CA SER D 225 6.21 6.64 16.88
C SER D 225 5.18 6.31 15.80
N MET D 226 3.94 6.09 16.20
CA MET D 226 2.87 5.71 15.27
C MET D 226 2.37 6.96 14.56
N THR D 227 2.40 6.94 13.24
CA THR D 227 2.08 8.14 12.46
C THR D 227 0.64 8.57 12.60
N ILE D 228 0.41 9.87 12.46
CA ILE D 228 -0.94 10.39 12.57
C ILE D 228 -1.83 9.91 11.43
N GLN D 229 -1.26 9.72 10.24
CA GLN D 229 -2.05 9.22 9.12
C GLN D 229 -2.60 7.82 9.41
N ALA D 230 -1.98 7.12 10.36
CA ALA D 230 -2.40 5.77 10.74
C ALA D 230 -3.45 5.81 11.83
N ILE D 231 -3.57 6.92 12.53
CA ILE D 231 -4.51 7.00 13.65
C ILE D 231 -5.80 7.61 13.15
N SER D 232 -5.66 8.45 12.13
CA SER D 232 -6.76 9.13 11.47
C SER D 232 -7.70 8.13 10.83
N GLN D 233 -7.27 6.88 10.72
CA GLN D 233 -8.07 5.80 10.18
C GLN D 233 -9.31 5.62 11.06
N ALA D 234 -9.18 5.98 12.33
CA ALA D 234 -10.25 5.93 13.31
C ALA D 234 -11.31 6.99 12.96
N PHE D 235 -10.93 7.93 12.11
CA PHE D 235 -11.79 9.00 11.64
C PHE D 235 -11.85 8.96 10.10
N GLY D 236 -11.77 7.75 9.53
CA GLY D 236 -11.94 7.57 8.09
C GLY D 236 -10.70 7.85 7.24
N GLY D 237 -9.58 8.09 7.90
CA GLY D 237 -8.33 8.42 7.22
C GLY D 237 -8.21 9.91 6.99
N ASN D 238 -9.15 10.69 7.52
CA ASN D 238 -9.15 12.13 7.30
C ASN D 238 -8.25 12.86 8.28
N TYR D 239 -6.94 12.80 8.02
CA TYR D 239 -5.97 13.43 8.92
C TYR D 239 -5.91 14.94 8.76
N GLU D 240 -6.31 15.46 7.60
CA GLU D 240 -6.28 16.91 7.44
C GLU D 240 -7.29 17.58 8.35
N THR D 241 -8.47 16.97 8.51
CA THR D 241 -9.46 17.53 9.41
C THR D 241 -8.97 17.44 10.85
N LEU D 242 -8.38 16.30 11.20
CA LEU D 242 -7.89 16.09 12.56
C LEU D 242 -6.90 17.18 12.94
N LEU D 243 -5.91 17.38 12.08
CA LEU D 243 -4.83 18.32 12.36
C LEU D 243 -5.24 19.78 12.26
N ARG D 244 -6.18 20.08 11.37
CA ARG D 244 -6.72 21.44 11.28
C ARG D 244 -7.52 21.76 12.53
N THR D 245 -8.29 20.79 13.02
CA THR D 245 -9.10 20.93 14.22
C THR D 245 -8.21 21.29 15.40
N LEU D 246 -7.05 20.64 15.48
CA LEU D 246 -6.07 20.92 16.51
C LEU D 246 -5.37 22.30 16.35
N GLY D 247 -5.59 22.95 15.21
CA GLY D 247 -5.05 24.28 14.93
C GLY D 247 -3.58 24.30 14.49
N TYR D 248 -3.08 23.20 13.94
CA TYR D 248 -1.68 23.20 13.54
C TYR D 248 -1.50 23.44 12.05
N ALA D 249 -0.65 24.41 11.74
CA ALA D 249 -0.28 24.72 10.37
C ALA D 249 1.01 25.50 10.39
N THR D 250 2.02 24.93 9.78
CA THR D 250 3.37 25.46 9.80
C THR D 250 4.01 25.36 8.42
N GLU D 251 4.99 26.21 8.17
CA GLU D 251 5.79 26.18 6.94
C GLU D 251 6.30 24.77 6.61
N ASP D 252 6.71 24.02 7.65
CA ASP D 252 7.28 22.68 7.51
C ASP D 252 6.23 21.57 7.68
N PHE D 253 4.96 21.94 7.76
CA PHE D 253 3.87 21.02 8.05
C PHE D 253 3.76 19.84 7.08
N ASP D 254 3.84 20.10 5.78
CA ASP D 254 3.68 19.02 4.82
C ASP D 254 4.90 18.12 4.78
N ASP D 255 6.05 18.66 5.16
CA ASP D 255 7.25 17.84 5.16
C ASP D 255 7.25 16.96 6.40
N LEU D 256 6.73 17.50 7.50
CA LEU D 256 6.57 16.73 8.72
C LEU D 256 5.60 15.58 8.50
N LEU D 257 4.54 15.82 7.73
CA LEU D 257 3.60 14.75 7.44
C LEU D 257 4.23 13.63 6.60
N GLU D 258 4.93 13.97 5.52
CA GLU D 258 5.41 12.92 4.63
C GLU D 258 6.77 12.36 5.04
N SER D 259 7.36 12.94 6.08
CA SER D 259 8.57 12.40 6.67
C SER D 259 8.21 11.52 7.85
N ASP D 260 6.90 11.34 8.09
CA ASP D 260 6.39 10.55 9.20
C ASP D 260 6.89 11.05 10.56
N SER D 261 6.87 12.38 10.74
CA SER D 261 7.28 12.98 11.99
C SER D 261 6.11 13.33 12.90
N ILE D 262 4.92 13.53 12.32
CA ILE D 262 3.77 13.84 13.16
C ILE D 262 3.14 12.53 13.53
N ALA D 263 3.16 12.24 14.81
CA ALA D 263 2.77 10.96 15.34
C ALA D 263 1.79 11.13 16.45
N GLY D 264 1.17 10.04 16.85
CA GLY D 264 0.29 10.10 17.99
C GLY D 264 0.37 8.84 18.82
N GLN D 265 -0.16 8.94 20.01
CA GLN D 265 -0.17 7.83 20.94
C GLN D 265 -1.56 7.64 21.47
N ILE D 266 -2.02 6.40 21.55
CA ILE D 266 -3.32 6.19 22.14
C ILE D 266 -3.06 6.14 23.64
N VAL D 267 -3.66 7.07 24.37
CA VAL D 267 -3.35 7.14 25.79
C VAL D 267 -4.52 6.66 26.62
N TYR D 268 -5.71 6.67 26.04
CA TYR D 268 -6.86 6.18 26.77
C TYR D 268 -7.92 5.54 25.87
N VAL D 269 -8.45 4.40 26.31
CA VAL D 269 -9.51 3.73 25.58
C VAL D 269 -10.75 3.51 26.46
N ASP D 270 -11.91 3.98 25.99
CA ASP D 270 -13.18 3.81 26.68
C ASP D 270 -14.06 2.80 25.94
N LEU D 271 -14.24 1.62 26.53
CA LEU D 271 -14.96 0.52 25.88
C LEU D 271 -16.47 0.55 26.15
N SER D 272 -16.94 1.57 26.85
CA SER D 272 -18.37 1.68 27.11
C SER D 272 -18.98 2.77 26.25
N SER D 273 -18.21 3.85 26.05
CA SER D 273 -18.66 4.97 25.23
C SER D 273 -18.04 4.91 23.84
N TYR D 274 -17.08 4.00 23.69
CA TYR D 274 -16.40 3.75 22.43
C TYR D 274 -15.65 4.94 21.86
N TYR D 275 -14.72 5.47 22.65
CA TYR D 275 -13.87 6.54 22.16
C TYR D 275 -12.45 6.34 22.63
N ILE D 276 -11.51 6.93 21.91
CA ILE D 276 -10.13 6.88 22.31
C ILE D 276 -9.56 8.29 22.44
N ILE D 277 -8.63 8.46 23.35
CA ILE D 277 -7.96 9.74 23.46
C ILE D 277 -6.59 9.59 22.87
N VAL D 278 -6.32 10.42 21.87
CA VAL D 278 -5.07 10.38 21.15
C VAL D 278 -4.24 11.61 21.40
N ARG D 279 -3.01 11.39 21.81
CA ARG D 279 -2.07 12.48 22.00
C ARG D 279 -1.29 12.64 20.72
N VAL D 280 -1.34 13.84 20.15
CA VAL D 280 -0.68 14.10 18.88
C VAL D 280 0.55 14.97 19.10
N TYR D 281 1.68 14.46 18.61
CA TYR D 281 2.98 15.08 18.75
C TYR D 281 3.30 15.94 17.54
N PHE D 282 3.61 17.21 17.80
CA PHE D 282 3.96 18.16 16.76
C PHE D 282 5.37 18.67 16.96
N PRO D 283 6.35 18.02 16.33
CA PRO D 283 7.75 18.43 16.48
C PRO D 283 8.15 19.51 15.48
N ILE D 284 9.38 20.00 15.65
CA ILE D 284 9.95 21.00 14.77
C ILE D 284 11.18 20.38 14.11
N LEU D 285 11.54 20.85 12.94
CA LEU D 285 12.71 20.29 12.27
C LEU D 285 13.97 21.02 12.65
N THR D 286 14.92 20.28 13.18
CA THR D 286 16.20 20.81 13.58
C THR D 286 17.19 20.64 12.43
N GLU D 287 17.79 21.74 12.02
CA GLU D 287 18.77 21.66 10.95
C GLU D 287 20.02 21.11 11.59
N ILE D 288 20.57 20.05 11.01
CA ILE D 288 21.77 19.48 11.60
C ILE D 288 22.93 20.30 11.09
N GLN D 289 23.71 20.82 12.03
CA GLN D 289 24.79 21.72 11.65
C GLN D 289 25.97 20.96 11.12
N GLN D 290 26.66 21.55 10.17
CA GLN D 290 27.81 20.92 9.53
C GLN D 290 27.40 19.57 9.00
N ALA D 291 26.24 19.50 8.36
CA ALA D 291 25.78 18.25 7.82
C ALA D 291 25.00 18.44 6.55
N TYR D 292 25.19 17.52 5.63
CA TYR D 292 24.47 17.51 4.38
C TYR D 292 24.46 16.12 3.76
N VAL D 293 23.55 15.91 2.83
CA VAL D 293 23.49 14.66 2.09
C VAL D 293 23.79 14.95 0.64
N GLN D 294 24.83 14.33 0.13
CA GLN D 294 25.23 14.56 -1.24
C GLN D 294 24.73 13.46 -2.15
N GLU D 295 23.90 13.83 -3.12
CA GLU D 295 23.44 12.87 -4.09
C GLU D 295 24.44 12.74 -5.22
N LEU D 296 24.65 11.52 -5.68
CA LEU D 296 25.47 11.28 -6.85
C LEU D 296 24.54 10.80 -7.95
N LEU D 297 24.79 11.23 -9.17
CA LEU D 297 23.96 10.83 -10.28
C LEU D 297 24.70 9.76 -11.08
N PRO D 298 24.27 8.49 -11.02
CA PRO D 298 24.93 7.38 -11.65
C PRO D 298 24.82 7.48 -13.16
N VAL D 299 25.96 7.40 -13.83
CA VAL D 299 26.07 7.46 -15.28
C VAL D 299 26.92 6.30 -15.76
N SER D 300 26.45 5.57 -16.74
CA SER D 300 27.22 4.45 -17.23
C SER D 300 28.50 4.94 -17.91
N PHE D 301 29.54 4.13 -17.87
CA PHE D 301 30.81 4.51 -18.49
C PHE D 301 31.46 3.33 -19.19
N ASN D 302 32.39 3.64 -20.09
CA ASN D 302 33.12 2.64 -20.87
C ASN D 302 34.39 2.12 -20.21
N ASN D 303 34.58 0.80 -20.24
CA ASN D 303 35.83 0.21 -19.79
C ASN D 303 36.03 -1.19 -20.37
N ASP D 304 37.13 -1.38 -21.11
CA ASP D 304 37.41 -2.66 -21.75
C ASP D 304 36.30 -3.10 -22.70
N ASN D 305 35.87 -2.17 -23.56
CA ASN D 305 34.83 -2.41 -24.56
C ASN D 305 33.50 -2.92 -24.02
N SER D 306 33.09 -2.39 -22.87
CA SER D 306 31.79 -2.72 -22.31
C SER D 306 31.30 -1.56 -21.45
N GLU D 307 30.01 -1.55 -21.17
CA GLU D 307 29.40 -0.49 -20.39
C GLU D 307 29.23 -0.89 -18.93
N TRP D 308 29.62 0.01 -18.03
CA TRP D 308 29.60 -0.26 -16.58
C TRP D 308 28.87 0.82 -15.80
N ILE D 309 28.27 0.41 -14.69
CA ILE D 309 27.68 1.37 -13.77
C ILE D 309 28.41 1.20 -12.43
N SER D 310 28.74 2.28 -11.75
CA SER D 310 29.43 2.14 -10.47
C SER D 310 28.48 1.83 -9.32
N ILE D 311 28.93 0.97 -8.41
CA ILE D 311 28.16 0.62 -7.23
C ILE D 311 28.74 1.26 -5.99
N VAL D 312 28.19 2.42 -5.67
CA VAL D 312 28.53 3.20 -4.51
C VAL D 312 27.20 3.67 -3.97
N PRO D 313 27.11 4.19 -2.75
CA PRO D 313 25.92 4.84 -2.24
C PRO D 313 25.63 6.03 -3.13
N ASN D 314 24.36 6.22 -3.52
CA ASN D 314 24.05 7.38 -4.33
C ASN D 314 23.60 8.53 -3.46
N PHE D 315 23.58 8.30 -2.15
CA PHE D 315 23.31 9.29 -1.13
C PHE D 315 24.32 9.16 -0.02
N VAL D 316 25.24 10.11 0.03
CA VAL D 316 26.31 10.06 1.00
C VAL D 316 26.07 11.10 2.08
N LEU D 317 26.02 10.66 3.33
CA LEU D 317 25.78 11.59 4.42
C LEU D 317 27.08 12.06 5.01
N ILE D 318 27.24 13.36 5.02
CA ILE D 318 28.46 13.92 5.53
C ILE D 318 28.17 14.81 6.72
N ARG D 319 28.87 14.53 7.80
CA ARG D 319 28.74 15.29 9.04
C ARG D 319 30.13 15.66 9.47
N ASN D 320 30.39 16.94 9.65
CA ASN D 320 31.75 17.39 9.92
C ASN D 320 32.62 16.90 8.76
N THR D 321 33.60 16.05 9.03
CA THR D 321 34.47 15.52 7.99
C THR D 321 34.29 14.02 7.84
N LEU D 322 33.25 13.48 8.50
CA LEU D 322 32.99 12.07 8.46
C LEU D 322 32.03 11.72 7.34
N ILE D 323 32.37 10.66 6.62
CA ILE D 323 31.54 10.17 5.53
C ILE D 323 30.88 8.87 5.93
N SER D 324 29.55 8.83 5.86
CA SER D 324 28.79 7.66 6.25
C SER D 324 27.64 7.42 5.29
N ASN D 325 26.97 6.28 5.44
CA ASN D 325 25.84 5.94 4.59
C ASN D 325 24.56 6.46 5.22
N ILE D 326 23.56 6.74 4.41
CA ILE D 326 22.27 7.13 4.95
C ILE D 326 21.12 6.35 4.33
N GLU D 327 20.26 5.83 5.18
CA GLU D 327 19.12 5.07 4.69
C GLU D 327 17.96 5.98 4.32
N VAL D 328 18.13 6.69 3.21
CA VAL D 328 17.17 7.69 2.78
C VAL D 328 15.84 7.08 2.37
N LYS D 329 15.79 5.76 2.24
CA LYS D 329 14.55 5.06 1.91
C LYS D 329 13.51 5.25 3.02
N TYR D 330 13.96 5.67 4.20
CA TYR D 330 13.06 5.95 5.33
C TYR D 330 12.85 7.46 5.58
N CYS D 331 13.37 8.32 4.68
CA CYS D 331 13.35 9.78 4.84
C CYS D 331 12.62 10.42 3.66
N LEU D 332 12.14 11.66 3.87
CA LEU D 332 11.52 12.46 2.82
C LEU D 332 12.58 13.27 2.09
N ILE D 333 12.68 13.06 0.79
CA ILE D 333 13.71 13.78 0.06
C ILE D 333 13.04 14.88 -0.75
N THR D 334 13.40 16.11 -0.46
CA THR D 334 12.89 17.26 -1.16
C THR D 334 14.06 17.77 -1.98
N LYS D 335 13.86 18.80 -2.78
CA LYS D 335 14.98 19.34 -3.56
C LYS D 335 16.00 20.05 -2.68
N LYS D 336 15.60 20.40 -1.46
CA LYS D 336 16.47 21.20 -0.60
C LYS D 336 17.04 20.43 0.59
N SER D 337 16.32 19.44 1.09
CA SER D 337 16.74 18.73 2.29
C SER D 337 16.29 17.28 2.34
N VAL D 338 16.98 16.51 3.17
CA VAL D 338 16.58 15.15 3.50
C VAL D 338 16.03 15.18 4.91
N ILE D 339 14.73 14.96 5.02
CA ILE D 339 14.05 15.08 6.31
C ILE D 339 13.68 13.72 6.89
N CYS D 340 14.34 13.37 8.00
CA CYS D 340 14.21 12.08 8.65
C CYS D 340 13.50 12.26 10.00
N ASN D 341 12.81 11.19 10.47
CA ASN D 341 12.14 11.20 11.78
C ASN D 341 13.03 10.62 12.88
N GLN D 342 14.29 10.38 12.51
CA GLN D 342 15.35 9.91 13.39
C GLN D 342 16.65 9.94 12.63
N ASP D 343 17.77 9.72 13.30
CA ASP D 343 19.05 9.68 12.63
C ASP D 343 19.24 8.32 11.93
N TYR D 344 19.31 8.34 10.60
CA TYR D 344 19.44 7.13 9.80
C TYR D 344 20.84 6.94 9.24
N ALA D 345 21.83 7.52 9.92
CA ALA D 345 23.21 7.31 9.53
C ALA D 345 23.63 5.87 9.81
N THR D 346 24.37 5.27 8.89
CA THR D 346 24.88 3.92 9.08
C THR D 346 26.37 3.87 8.72
N PRO D 347 27.12 2.86 9.18
CA PRO D 347 28.53 2.64 8.89
C PRO D 347 28.79 2.47 7.41
N MET D 348 30.01 2.80 7.03
CA MET D 348 30.55 2.67 5.69
C MET D 348 31.87 1.92 5.79
N THR D 349 32.18 1.08 4.82
CA THR D 349 33.44 0.35 4.89
C THR D 349 34.58 1.27 4.54
N ALA D 350 35.79 0.87 4.91
CA ALA D 350 36.95 1.68 4.59
C ALA D 350 37.12 1.81 3.09
N SER D 351 36.84 0.73 2.35
CA SER D 351 37.03 0.75 0.90
C SER D 351 36.08 1.69 0.19
N VAL D 352 34.82 1.76 0.65
CA VAL D 352 33.87 2.67 0.05
C VAL D 352 34.26 4.11 0.37
N ARG D 353 34.68 4.36 1.61
CA ARG D 353 35.10 5.71 1.94
C ARG D 353 36.31 6.10 1.10
N GLU D 354 37.27 5.18 0.93
CA GLU D 354 38.45 5.44 0.11
C GLU D 354 38.07 5.74 -1.35
N CYS D 355 37.08 5.01 -1.90
CA CYS D 355 36.48 5.24 -3.21
C CYS D 355 35.99 6.69 -3.33
N LEU D 356 35.16 7.10 -2.37
CA LEU D 356 34.55 8.43 -2.32
C LEU D 356 35.56 9.56 -2.15
N THR D 357 36.71 9.27 -1.56
CA THR D 357 37.75 10.27 -1.38
C THR D 357 38.85 10.23 -2.46
N GLY D 358 38.65 9.46 -3.54
CA GLY D 358 39.60 9.50 -4.67
C GLY D 358 40.23 8.17 -5.11
N SER D 359 40.16 7.13 -4.30
CA SER D 359 40.77 5.87 -4.70
C SER D 359 39.82 5.08 -5.59
N THR D 360 39.77 5.43 -6.87
CA THR D 360 38.82 4.83 -7.79
C THR D 360 39.10 3.36 -8.06
N ASP D 361 40.28 2.88 -7.69
CA ASP D 361 40.61 1.48 -7.84
C ASP D 361 39.85 0.65 -6.79
N LYS D 362 39.28 1.34 -5.80
CA LYS D 362 38.46 0.72 -4.75
C LYS D 362 36.94 0.76 -5.03
N CYS D 363 36.51 1.39 -6.15
CA CYS D 363 35.10 1.59 -6.49
C CYS D 363 34.57 0.39 -7.32
N PRO D 364 33.62 -0.46 -6.80
CA PRO D 364 33.05 -1.61 -7.49
C PRO D 364 32.21 -1.19 -8.69
N ARG D 365 32.23 -1.99 -9.75
CA ARG D 365 31.42 -1.73 -10.94
C ARG D 365 30.59 -2.93 -11.37
N GLU D 366 29.37 -2.67 -11.81
CA GLU D 366 28.50 -3.74 -12.27
C GLU D 366 28.30 -3.61 -13.77
N LEU D 367 28.35 -4.72 -14.48
CA LEU D 367 28.19 -4.71 -15.92
C LEU D 367 26.80 -4.29 -16.32
N VAL D 368 26.71 -3.42 -17.31
CA VAL D 368 25.42 -3.03 -17.84
C VAL D 368 25.02 -3.92 -19.00
N VAL D 369 23.87 -4.55 -18.87
CA VAL D 369 23.34 -5.40 -19.93
C VAL D 369 22.00 -4.86 -20.41
N SER D 370 21.51 -3.83 -19.70
CA SER D 370 20.24 -3.20 -19.97
C SER D 370 20.35 -2.04 -20.94
N SER D 371 19.27 -1.80 -21.68
CA SER D 371 19.20 -0.69 -22.63
C SER D 371 18.66 0.59 -22.00
N HIS D 372 18.30 0.54 -20.72
CA HIS D 372 17.73 1.69 -20.04
C HIS D 372 18.49 2.08 -18.79
N VAL D 373 19.61 2.74 -18.99
CA VAL D 373 20.43 3.24 -17.91
C VAL D 373 20.73 4.68 -18.25
N PRO D 374 21.04 5.54 -17.29
CA PRO D 374 21.54 6.86 -17.54
C PRO D 374 22.83 6.74 -18.30
N ARG D 375 22.94 7.44 -19.42
CA ARG D 375 24.17 7.39 -20.18
C ARG D 375 24.83 8.76 -20.14
N PHE D 376 24.13 9.69 -19.49
CA PHE D 376 24.68 11.02 -19.29
C PHE D 376 24.00 11.73 -18.12
N ALA D 377 24.67 12.76 -17.60
CA ALA D 377 24.10 13.62 -16.58
C ALA D 377 24.65 15.03 -16.71
N LEU D 378 23.84 16.00 -16.28
CA LEU D 378 24.25 17.39 -16.32
C LEU D 378 24.56 17.89 -14.91
N SER D 379 25.75 18.45 -14.72
CA SER D 379 26.10 18.99 -13.41
C SER D 379 26.98 20.23 -13.52
N GLY D 380 26.50 21.34 -12.98
CA GLY D 380 27.24 22.59 -13.03
C GLY D 380 27.15 23.20 -14.42
N GLY D 381 26.23 22.68 -15.23
CA GLY D 381 26.06 23.10 -16.60
C GLY D 381 26.98 22.29 -17.52
N VAL D 382 27.75 21.38 -16.94
CA VAL D 382 28.68 20.55 -17.68
C VAL D 382 28.09 19.18 -17.92
N LEU D 383 28.24 18.69 -19.14
CA LEU D 383 27.67 17.40 -19.48
C LEU D 383 28.68 16.26 -19.38
N PHE D 384 28.29 15.23 -18.65
CA PHE D 384 29.09 14.04 -18.50
C PHE D 384 28.41 12.92 -19.24
N ALA D 385 29.05 12.38 -20.26
CA ALA D 385 28.34 11.39 -21.08
C ALA D 385 29.23 10.28 -21.60
N ASN D 386 28.62 9.11 -21.76
CA ASN D 386 29.25 7.97 -22.39
C ASN D 386 28.96 7.99 -23.88
N CYS D 387 29.81 8.67 -24.66
CA CYS D 387 29.56 8.94 -26.07
C CYS D 387 29.90 7.75 -26.98
N ILE D 388 30.11 6.57 -26.37
CA ILE D 388 30.23 5.29 -27.06
C ILE D 388 28.85 4.65 -27.11
N SER D 389 28.04 4.88 -26.06
CA SER D 389 26.71 4.31 -25.97
C SER D 389 25.60 5.28 -26.43
N VAL D 390 25.91 6.58 -26.50
CA VAL D 390 24.95 7.55 -27.02
C VAL D 390 25.59 8.27 -28.18
N THR D 391 24.79 8.93 -28.99
CA THR D 391 25.38 9.71 -30.05
C THR D 391 25.48 11.18 -29.64
N CYS D 392 26.73 11.62 -29.42
CA CYS D 392 27.07 12.99 -29.01
C CYS D 392 27.50 13.74 -30.28
N GLN D 393 26.74 14.75 -30.67
CA GLN D 393 26.95 15.59 -31.85
C GLN D 393 26.97 17.05 -31.44
N CYS D 394 27.90 17.86 -31.97
CA CYS D 394 27.96 19.26 -31.61
C CYS D 394 27.05 20.10 -32.53
N GLN D 395 26.08 20.82 -31.92
CA GLN D 395 25.09 21.64 -32.64
C GLN D 395 25.71 22.80 -33.41
N THR D 396 26.77 23.34 -32.84
CA THR D 396 27.47 24.49 -33.39
C THR D 396 28.26 24.17 -34.65
N THR D 397 28.85 22.97 -34.72
CA THR D 397 29.70 22.61 -35.86
C THR D 397 29.16 21.48 -36.74
N GLY D 398 28.29 20.64 -36.19
CA GLY D 398 27.79 19.47 -36.90
C GLY D 398 28.75 18.27 -36.78
N ARG D 399 29.83 18.48 -36.04
CA ARG D 399 30.86 17.45 -35.87
C ARG D 399 30.47 16.46 -34.78
N ALA D 400 30.91 15.22 -34.94
CA ALA D 400 30.69 14.22 -33.92
C ALA D 400 31.67 14.42 -32.77
N ILE D 401 31.23 14.09 -31.57
CA ILE D 401 32.09 14.10 -30.41
C ILE D 401 32.55 12.67 -30.15
N SER D 402 33.84 12.44 -30.35
CA SER D 402 34.38 11.09 -30.31
C SER D 402 35.08 10.72 -29.02
N GLN D 403 34.65 9.62 -28.43
CA GLN D 403 35.24 9.08 -27.22
C GLN D 403 36.09 7.88 -27.58
N SER D 404 37.34 7.89 -27.12
CA SER D 404 38.25 6.80 -27.41
C SER D 404 37.99 5.63 -26.46
N GLY D 405 38.52 4.46 -26.80
CA GLY D 405 38.34 3.27 -25.97
C GLY D 405 38.93 3.42 -24.58
N GLU D 406 40.00 4.17 -24.46
CA GLU D 406 40.69 4.39 -23.20
C GLU D 406 39.94 5.33 -22.25
N GLN D 407 38.91 6.02 -22.75
CA GLN D 407 38.15 6.95 -21.95
C GLN D 407 36.88 6.30 -21.40
N THR D 408 36.57 6.62 -20.15
CA THR D 408 35.36 6.17 -19.46
C THR D 408 34.17 7.01 -19.89
N LEU D 409 34.26 8.29 -19.56
CA LEU D 409 33.29 9.29 -19.95
C LEU D 409 33.98 10.43 -20.66
N LEU D 410 33.24 11.16 -21.46
CA LEU D 410 33.74 12.43 -21.91
C LEU D 410 33.07 13.52 -21.13
N MET D 411 33.83 14.56 -20.88
CA MET D 411 33.27 15.77 -20.36
C MET D 411 33.05 16.70 -21.51
N ILE D 412 31.83 17.15 -21.67
CA ILE D 412 31.54 18.06 -22.72
C ILE D 412 31.14 19.37 -22.08
N ASP D 413 31.90 20.41 -22.36
CA ASP D 413 31.55 21.72 -21.86
C ASP D 413 31.78 22.68 -23.02
N ASN D 414 31.56 23.98 -22.79
CA ASN D 414 31.58 24.96 -23.87
C ASN D 414 32.98 25.42 -24.30
N THR D 415 34.05 24.78 -23.75
CA THR D 415 35.43 25.07 -24.18
C THR D 415 35.75 24.19 -25.38
N THR D 416 34.86 23.22 -25.63
CA THR D 416 34.95 22.29 -26.75
C THR D 416 33.73 22.42 -27.70
N CYS D 417 32.51 22.47 -27.13
CA CYS D 417 31.25 22.56 -27.86
C CYS D 417 30.22 23.34 -27.01
N THR D 418 29.83 24.54 -27.47
CA THR D 418 28.93 25.44 -26.75
C THR D 418 27.50 24.90 -26.63
N THR D 419 27.00 24.27 -27.69
CA THR D 419 25.69 23.66 -27.64
C THR D 419 25.78 22.25 -28.20
N VAL D 420 25.33 21.26 -27.43
CA VAL D 420 25.53 19.87 -27.82
C VAL D 420 24.21 19.12 -27.98
N VAL D 421 24.21 18.18 -28.91
CA VAL D 421 23.05 17.35 -29.18
C VAL D 421 23.29 15.91 -28.74
N LEU D 422 22.46 15.42 -27.83
CA LEU D 422 22.51 14.02 -27.42
C LEU D 422 21.18 13.38 -27.78
N GLY D 423 21.16 12.58 -28.83
CA GLY D 423 19.89 12.10 -29.34
C GLY D 423 19.09 13.28 -29.85
N ASN D 424 17.86 13.46 -29.36
CA ASN D 424 17.03 14.59 -29.80
C ASN D 424 16.99 15.71 -28.76
N ILE D 425 17.94 15.70 -27.84
CA ILE D 425 18.02 16.70 -26.78
C ILE D 425 19.15 17.70 -27.02
N ILE D 426 18.81 18.98 -27.10
CA ILE D 426 19.83 20.00 -27.35
C ILE D 426 20.12 20.77 -26.07
N ILE D 427 21.36 20.70 -25.60
CA ILE D 427 21.76 21.33 -24.35
C ILE D 427 22.78 22.43 -24.53
N SER D 428 22.48 23.62 -24.02
CA SER D 428 23.45 24.71 -24.03
C SER D 428 24.30 24.54 -22.78
N LEU D 429 25.61 24.42 -22.97
CA LEU D 429 26.51 24.07 -21.88
C LEU D 429 27.25 25.24 -21.26
N GLY D 430 27.66 25.04 -20.01
CA GLY D 430 28.51 25.98 -19.28
C GLY D 430 29.96 25.51 -19.32
N LYS D 431 30.78 26.01 -18.41
CA LYS D 431 32.21 25.68 -18.35
C LYS D 431 32.56 24.86 -17.12
N TYR D 432 33.45 23.89 -17.29
CA TYR D 432 33.91 23.07 -16.17
C TYR D 432 34.95 23.81 -15.34
N LEU D 433 34.74 23.81 -14.03
CA LEU D 433 35.61 24.53 -13.11
C LEU D 433 36.74 23.67 -12.53
N GLY D 434 36.85 22.44 -13.03
CA GLY D 434 37.90 21.53 -12.59
C GLY D 434 39.04 21.57 -13.61
N SER D 435 39.77 20.48 -13.76
CA SER D 435 40.91 20.50 -14.66
C SER D 435 40.53 20.61 -16.13
N ILE D 436 41.26 21.47 -16.84
CA ILE D 436 41.10 21.67 -18.28
C ILE D 436 41.51 20.43 -19.06
N ASN D 437 42.28 19.57 -18.41
CA ASN D 437 42.79 18.35 -19.00
C ASN D 437 41.99 17.14 -18.56
N TYR D 438 40.78 17.37 -18.06
CA TYR D 438 39.93 16.28 -17.58
C TYR D 438 39.89 15.09 -18.54
N ASN D 439 39.64 15.35 -19.81
CA ASN D 439 39.48 14.29 -20.81
C ASN D 439 40.78 13.65 -21.24
N SER D 440 41.90 14.24 -20.84
CA SER D 440 43.20 13.77 -21.26
C SER D 440 43.85 12.86 -20.22
N GLU D 441 43.24 12.74 -19.04
CA GLU D 441 43.86 11.96 -17.98
C GLU D 441 43.01 10.77 -17.56
N SER D 442 43.58 9.58 -17.73
CA SER D 442 42.92 8.32 -17.40
C SER D 442 43.01 8.03 -15.90
N ILE D 443 42.16 7.11 -15.44
CA ILE D 443 42.17 6.67 -14.06
C ILE D 443 42.17 5.16 -13.93
N ALA D 444 42.53 4.69 -12.74
CA ALA D 444 42.35 3.28 -12.42
C ALA D 444 40.87 3.02 -12.23
N VAL D 445 40.42 1.86 -12.67
CA VAL D 445 39.02 1.47 -12.52
C VAL D 445 38.96 0.21 -11.65
N GLY D 446 38.04 0.22 -10.68
CA GLY D 446 37.93 -0.84 -9.67
C GLY D 446 37.40 -2.15 -10.24
N PRO D 447 37.19 -3.16 -9.37
CA PRO D 447 36.80 -4.52 -9.70
C PRO D 447 35.33 -4.62 -10.07
N PRO D 448 34.96 -5.58 -10.91
CA PRO D 448 33.61 -5.95 -11.25
C PRO D 448 32.94 -6.67 -10.10
N VAL D 449 31.66 -6.39 -9.90
CA VAL D 449 30.84 -7.08 -8.92
C VAL D 449 29.49 -7.42 -9.51
N TYR D 450 28.78 -8.32 -8.85
CA TYR D 450 27.41 -8.63 -9.23
C TYR D 450 26.54 -8.42 -7.98
N THR D 451 25.40 -7.74 -8.14
CA THR D 451 24.58 -7.45 -6.97
C THR D 451 23.32 -8.30 -6.86
N ASP D 452 23.02 -9.13 -7.84
CA ASP D 452 21.81 -9.93 -7.73
C ASP D 452 21.90 -10.77 -6.47
N LYS D 453 20.79 -10.90 -5.77
CA LYS D 453 20.77 -11.61 -4.50
C LYS D 453 21.29 -13.05 -4.68
N VAL D 454 21.00 -13.66 -5.83
CA VAL D 454 21.48 -15.01 -6.13
C VAL D 454 22.98 -14.97 -6.37
N ASP D 455 23.42 -13.94 -7.09
CA ASP D 455 24.83 -13.76 -7.42
C ASP D 455 25.65 -13.60 -6.14
N ILE D 456 25.09 -12.97 -5.11
CA ILE D 456 25.84 -12.81 -3.88
C ILE D 456 26.12 -14.17 -3.25
N SER D 457 25.11 -15.03 -3.19
CA SER D 457 25.32 -16.36 -2.62
C SER D 457 26.31 -17.18 -3.45
N SER D 458 26.22 -17.04 -4.78
CA SER D 458 27.14 -17.75 -5.68
C SER D 458 28.58 -17.28 -5.46
N GLN D 459 28.78 -15.98 -5.35
CA GLN D 459 30.12 -15.43 -5.17
C GLN D 459 30.72 -15.90 -3.85
N ILE D 460 29.92 -15.97 -2.80
CA ILE D 460 30.43 -16.40 -1.50
C ILE D 460 30.91 -17.86 -1.54
N SER D 461 30.11 -18.75 -2.11
CA SER D 461 30.53 -20.14 -2.16
C SER D 461 31.72 -20.37 -3.09
N SER D 462 31.81 -19.57 -4.17
CA SER D 462 32.92 -19.70 -5.10
C SER D 462 34.24 -19.26 -4.47
N MET D 463 34.20 -18.14 -3.74
CA MET D 463 35.38 -17.67 -3.03
C MET D 463 35.82 -18.65 -1.94
N ASN D 464 34.83 -19.29 -1.29
CA ASN D 464 35.06 -20.25 -0.22
C ASN D 464 35.81 -21.50 -0.70
N GLN D 465 35.49 -22.00 -1.92
CA GLN D 465 36.16 -23.15 -2.53
C GLN D 465 37.60 -22.80 -2.96
N SER D 466 37.79 -21.58 -3.46
CA SER D 466 39.13 -21.10 -3.80
C SER D 466 39.95 -20.99 -2.52
N LEU D 467 39.31 -20.51 -1.45
CA LEU D 467 39.94 -20.38 -0.14
C LEU D 467 40.36 -21.72 0.41
N GLN D 468 39.52 -22.75 0.27
CA GLN D 468 39.89 -24.07 0.75
C GLN D 468 41.07 -24.66 -0.02
N GLN D 469 41.18 -24.34 -1.32
CA GLN D 469 42.33 -24.82 -2.10
C GLN D 469 43.61 -24.14 -1.61
N SER D 470 43.52 -22.85 -1.36
CA SER D 470 44.63 -22.05 -0.84
C SER D 470 45.04 -22.50 0.58
N LYS D 471 44.02 -22.77 1.42
CA LYS D 471 44.13 -23.24 2.79
C LYS D 471 43.78 -24.73 2.81
N GLN E 1 11.39 37.23 5.67
CA GLN E 1 10.31 36.88 6.58
C GLN E 1 8.95 37.15 5.94
N ILE E 2 7.86 36.85 6.69
CA ILE E 2 6.50 37.24 6.29
C ILE E 2 6.17 38.55 6.96
N VAL E 3 5.93 39.55 6.13
CA VAL E 3 5.65 40.87 6.62
C VAL E 3 4.16 41.06 6.81
N LEU E 4 3.78 41.49 8.00
CA LEU E 4 2.38 41.73 8.30
C LEU E 4 2.15 43.22 8.37
N THR E 5 1.14 43.69 7.66
CA THR E 5 0.84 45.10 7.66
C THR E 5 -0.59 45.33 8.12
N GLN E 6 -0.80 46.40 8.86
CA GLN E 6 -2.12 46.70 9.36
C GLN E 6 -2.46 48.16 9.14
N SER E 7 -3.13 48.45 8.04
CA SER E 7 -3.44 49.83 7.73
C SER E 7 -4.94 50.04 7.79
N PRO E 8 -5.39 51.20 8.25
CA PRO E 8 -4.66 52.33 8.86
C PRO E 8 -4.08 52.00 10.24
N ALA E 9 -2.97 52.68 10.55
CA ALA E 9 -2.28 52.55 11.84
C ALA E 9 -3.15 52.97 13.02
N ILE E 10 -4.00 53.98 12.81
CA ILE E 10 -4.87 54.42 13.88
C ILE E 10 -6.32 54.43 13.40
N MET E 11 -7.19 53.83 14.20
CA MET E 11 -8.63 53.77 13.93
C MET E 11 -9.38 54.32 15.10
N SER E 12 -10.60 54.75 14.88
CA SER E 12 -11.42 55.21 15.98
C SER E 12 -12.84 54.69 15.85
N ALA E 13 -13.50 54.53 16.99
CA ALA E 13 -14.88 54.09 17.02
C ALA E 13 -15.62 54.69 18.19
N SER E 14 -16.92 54.84 18.03
CA SER E 14 -17.76 55.35 19.10
C SER E 14 -18.13 54.24 20.06
N LEU E 15 -18.54 54.60 21.25
CA LEU E 15 -18.99 53.59 22.19
C LEU E 15 -20.26 52.95 21.67
N GLY E 16 -20.29 51.62 21.68
CA GLY E 16 -21.46 50.85 21.27
C GLY E 16 -21.46 50.44 19.79
N GLU E 17 -20.54 50.96 18.99
CA GLU E 17 -20.50 50.63 17.56
C GLU E 17 -19.48 49.53 17.26
N ALA E 18 -19.63 48.87 16.12
CA ALA E 18 -18.65 47.86 15.72
C ALA E 18 -17.53 48.50 14.90
N ILE E 19 -16.33 47.97 15.05
CA ILE E 19 -15.18 48.40 14.27
C ILE E 19 -14.40 47.18 13.80
N THR E 20 -13.93 47.18 12.57
CA THR E 20 -13.12 46.06 12.14
C THR E 20 -11.67 46.48 11.97
N LEU E 21 -10.80 45.76 12.65
CA LEU E 21 -9.36 45.97 12.60
C LEU E 21 -8.83 44.95 11.59
N THR E 22 -7.95 45.38 10.69
CA THR E 22 -7.52 44.47 9.62
C THR E 22 -6.02 44.21 9.58
N CYS E 23 -5.62 43.14 8.88
CA CYS E 23 -4.24 42.74 8.67
C CYS E 23 -4.07 42.04 7.31
N SER E 24 -2.96 42.36 6.61
CA SER E 24 -2.59 41.73 5.34
C SER E 24 -1.20 41.12 5.46
N ALA E 25 -1.02 39.95 4.84
CA ALA E 25 0.27 39.30 4.88
C ALA E 25 0.93 39.29 3.50
N SER E 26 2.25 39.46 3.48
CA SER E 26 3.03 39.41 2.25
C SER E 26 3.07 38.01 1.64
N SER E 27 2.73 37.02 2.45
CA SER E 27 2.70 35.63 2.04
C SER E 27 1.65 34.93 2.88
N SER E 28 1.00 33.94 2.29
CA SER E 28 -0.07 33.24 2.99
C SER E 28 0.37 32.53 4.26
N VAL E 29 -0.51 32.59 5.24
CA VAL E 29 -0.38 31.86 6.49
C VAL E 29 -1.71 31.13 6.66
N SER E 30 -1.76 30.10 7.49
CA SER E 30 -3.04 29.43 7.69
C SER E 30 -3.86 30.05 8.81
N TYR E 31 -3.17 30.57 9.81
CA TYR E 31 -3.83 31.16 10.96
C TYR E 31 -3.24 32.49 11.31
N MET E 32 -4.04 33.33 11.94
CA MET E 32 -3.52 34.57 12.47
C MET E 32 -3.91 34.71 13.93
N HIS E 33 -3.00 35.19 14.75
CA HIS E 33 -3.29 35.45 16.16
C HIS E 33 -3.38 36.94 16.36
N TRP E 34 -4.12 37.36 17.37
CA TRP E 34 -4.18 38.78 17.69
C TRP E 34 -3.82 39.02 19.13
N TYR E 35 -3.08 40.09 19.37
CA TYR E 35 -2.69 40.49 20.72
C TYR E 35 -3.20 41.88 21.05
N GLN E 36 -3.56 42.09 22.30
CA GLN E 36 -3.98 43.39 22.75
C GLN E 36 -3.00 43.98 23.74
N GLN E 37 -2.46 45.15 23.44
CA GLN E 37 -1.56 45.78 24.39
C GLN E 37 -2.10 47.08 24.92
N LYS E 38 -2.40 47.08 26.21
CA LYS E 38 -2.88 48.25 26.90
C LYS E 38 -1.68 48.97 27.46
N SER E 39 -1.79 50.26 27.69
CA SER E 39 -0.64 51.00 28.16
C SER E 39 -0.15 50.46 29.50
N GLY E 40 1.17 50.34 29.62
CA GLY E 40 1.82 49.89 30.84
C GLY E 40 1.83 48.38 31.03
N THR E 41 1.31 47.64 30.05
CA THR E 41 1.23 46.19 30.17
C THR E 41 1.79 45.48 28.93
N SER E 42 2.22 44.24 29.10
CA SER E 42 2.70 43.39 28.02
C SER E 42 1.53 43.02 27.09
N PRO E 43 1.78 42.73 25.80
CA PRO E 43 0.79 42.26 24.84
C PRO E 43 0.14 41.01 25.39
N LYS E 44 -1.18 40.92 25.28
CA LYS E 44 -1.86 39.77 25.81
C LYS E 44 -2.72 39.12 24.74
N LEU E 45 -2.62 37.81 24.61
CA LEU E 45 -3.32 37.11 23.55
C LEU E 45 -4.81 37.36 23.65
N LEU E 46 -5.37 37.79 22.52
CA LEU E 46 -6.77 38.13 22.41
C LEU E 46 -7.50 37.04 21.63
N ILE E 47 -7.07 36.83 20.40
CA ILE E 47 -7.66 35.85 19.50
C ILE E 47 -6.60 34.87 19.05
N TYR E 48 -6.92 33.59 19.06
CA TYR E 48 -5.94 32.64 18.59
C TYR E 48 -6.49 31.76 17.48
N SER E 49 -5.58 31.30 16.64
CA SER E 49 -5.94 30.45 15.53
C SER E 49 -7.10 31.07 14.75
N THR E 50 -6.96 32.35 14.45
CA THR E 50 -7.88 33.17 13.65
C THR E 50 -9.19 33.56 14.33
N SER E 51 -9.95 32.60 14.84
CA SER E 51 -11.30 32.89 15.33
C SER E 51 -11.57 32.65 16.82
N ASN E 52 -10.66 31.99 17.54
CA ASN E 52 -10.96 31.59 18.92
C ASN E 52 -10.62 32.64 19.95
N LEU E 53 -11.43 32.70 21.00
CA LEU E 53 -11.17 33.65 22.07
C LEU E 53 -10.26 33.07 23.13
N ALA E 54 -9.27 33.85 23.52
CA ALA E 54 -8.33 33.48 24.56
C ALA E 54 -9.02 33.50 25.92
N SER E 55 -8.31 33.01 26.93
CA SER E 55 -8.85 32.76 28.28
C SER E 55 -9.77 33.81 28.89
N GLY E 56 -9.34 35.06 28.96
CA GLY E 56 -10.11 36.11 29.64
C GLY E 56 -10.78 37.10 28.69
N VAL E 57 -10.85 36.75 27.42
CA VAL E 57 -11.32 37.66 26.40
C VAL E 57 -12.84 37.79 26.32
N PRO E 58 -13.39 39.02 26.37
CA PRO E 58 -14.79 39.36 26.25
C PRO E 58 -15.39 38.90 24.93
N SER E 59 -16.68 38.56 24.98
CA SER E 59 -17.46 38.08 23.84
C SER E 59 -17.60 39.12 22.73
N ARG E 60 -17.19 40.35 23.01
CA ARG E 60 -17.22 41.45 22.04
C ARG E 60 -16.29 41.17 20.87
N PHE E 61 -15.26 40.38 21.10
CA PHE E 61 -14.27 40.14 20.08
C PHE E 61 -14.62 38.92 19.24
N SER E 62 -14.20 38.94 17.99
CA SER E 62 -14.29 37.78 17.10
C SER E 62 -13.31 37.95 15.95
N GLY E 63 -13.14 36.94 15.12
CA GLY E 63 -12.25 37.11 13.98
C GLY E 63 -12.43 36.05 12.93
N SER E 64 -11.82 36.30 11.77
CA SER E 64 -11.88 35.42 10.62
C SER E 64 -10.81 35.78 9.61
N GLY E 65 -10.76 35.02 8.51
CA GLY E 65 -9.81 35.28 7.45
C GLY E 65 -9.11 34.02 6.99
N SER E 66 -8.28 34.17 5.97
CA SER E 66 -7.53 33.06 5.39
C SER E 66 -6.40 33.61 4.52
N GLY E 67 -5.41 32.77 4.23
CA GLY E 67 -4.42 33.17 3.25
C GLY E 67 -3.66 34.41 3.66
N THR E 68 -3.84 35.47 2.89
CA THR E 68 -3.16 36.73 3.12
C THR E 68 -4.03 37.83 3.71
N PHE E 69 -5.30 37.55 4.02
CA PHE E 69 -6.12 38.61 4.59
C PHE E 69 -6.93 38.17 5.79
N TYR E 70 -6.72 38.87 6.91
CA TYR E 70 -7.36 38.57 8.18
C TYR E 70 -7.98 39.80 8.83
N SER E 71 -8.96 39.55 9.70
CA SER E 71 -9.55 40.65 10.44
C SER E 71 -9.94 40.28 11.86
N LEU E 72 -9.87 41.29 12.72
CA LEU E 72 -10.30 41.26 14.11
C LEU E 72 -11.51 42.17 14.26
N THR E 73 -12.63 41.60 14.64
CA THR E 73 -13.83 42.40 14.72
C THR E 73 -14.17 42.67 16.17
N ILE E 74 -14.43 43.92 16.49
CA ILE E 74 -14.86 44.25 17.83
C ILE E 74 -16.27 44.79 17.77
N SER E 75 -17.20 44.04 18.32
CA SER E 75 -18.59 44.44 18.32
C SER E 75 -18.84 45.23 19.58
N SER E 76 -19.79 46.16 19.55
CA SER E 76 -20.13 46.89 20.75
C SER E 76 -18.91 47.44 21.46
N VAL E 77 -18.08 48.20 20.74
CA VAL E 77 -16.82 48.71 21.28
C VAL E 77 -17.02 49.50 22.58
N GLU E 78 -16.21 49.20 23.58
CA GLU E 78 -16.29 49.92 24.86
C GLU E 78 -14.96 50.53 25.25
N ALA E 79 -14.94 51.25 26.37
CA ALA E 79 -13.77 51.99 26.84
C ALA E 79 -12.54 51.11 27.07
N GLU E 80 -12.74 49.85 27.44
CA GLU E 80 -11.62 48.96 27.72
C GLU E 80 -10.90 48.52 26.45
N ASP E 81 -11.44 48.88 25.29
CA ASP E 81 -10.88 48.45 24.02
C ASP E 81 -9.88 49.46 23.46
N ALA E 82 -9.52 50.46 24.27
CA ALA E 82 -8.54 51.47 23.87
C ALA E 82 -7.12 50.91 23.97
N ALA E 83 -6.72 50.16 22.94
CA ALA E 83 -5.45 49.43 22.97
C ALA E 83 -4.83 49.28 21.59
N ASP E 84 -3.55 48.90 21.58
CA ASP E 84 -2.85 48.59 20.34
C ASP E 84 -3.07 47.13 20.01
N TYR E 85 -3.73 46.86 18.89
CA TYR E 85 -4.02 45.49 18.51
C TYR E 85 -3.02 45.00 17.47
N TYR E 86 -2.34 43.92 17.80
CA TYR E 86 -1.31 43.40 16.92
C TYR E 86 -1.73 42.14 16.20
N CYS E 87 -1.36 42.07 14.93
CA CYS E 87 -1.51 40.91 14.05
C CYS E 87 -0.23 40.06 14.15
N HIS E 88 -0.36 38.76 14.49
CA HIS E 88 0.80 37.86 14.68
C HIS E 88 0.67 36.53 13.93
N GLN E 89 1.75 36.14 13.25
CA GLN E 89 1.79 34.85 12.57
C GLN E 89 2.93 34.02 13.11
N TRP E 90 2.74 32.70 13.16
CA TRP E 90 3.77 31.79 13.64
C TRP E 90 4.03 30.71 12.58
N TYR E 91 3.42 30.91 11.42
CA TYR E 91 3.45 29.93 10.34
C TYR E 91 4.88 29.67 9.87
N SER E 92 5.63 30.73 9.63
CA SER E 92 7.01 30.56 9.17
C SER E 92 7.97 31.33 10.05
N TYR E 93 9.23 30.91 10.04
CA TYR E 93 10.23 31.61 10.84
C TYR E 93 10.85 32.75 10.06
N PRO E 94 11.14 33.87 10.74
CA PRO E 94 10.89 34.19 12.12
C PRO E 94 9.41 34.41 12.35
N TRP E 95 8.96 34.24 13.58
CA TRP E 95 7.57 34.57 13.89
C TRP E 95 7.47 36.08 13.85
N THR E 96 6.39 36.62 13.31
CA THR E 96 6.31 38.07 13.17
C THR E 96 5.02 38.70 13.64
N PHE E 97 5.12 40.00 13.89
CA PHE E 97 4.00 40.83 14.28
C PHE E 97 3.85 41.95 13.26
N GLY E 98 2.64 42.47 13.13
CA GLY E 98 2.42 43.65 12.32
C GLY E 98 2.83 44.86 13.16
N GLY E 99 2.71 46.06 12.61
CA GLY E 99 3.11 47.26 13.35
C GLY E 99 2.13 47.56 14.49
N GLY E 100 0.91 47.03 14.37
CA GLY E 100 -0.14 47.22 15.36
C GLY E 100 -1.01 48.42 15.01
N THR E 101 -2.29 48.31 15.33
CA THR E 101 -3.21 49.42 15.10
C THR E 101 -3.78 49.89 16.42
N LYS E 102 -3.83 51.19 16.61
CA LYS E 102 -4.41 51.72 17.82
C LYS E 102 -5.87 52.05 17.64
N LEU E 103 -6.70 51.54 18.53
CA LEU E 103 -8.11 51.87 18.48
C LEU E 103 -8.41 52.96 19.50
N GLU E 104 -8.88 54.09 19.00
CA GLU E 104 -9.24 55.22 19.82
C GLU E 104 -10.73 55.17 20.08
N ILE E 105 -11.13 55.65 21.24
CA ILE E 105 -12.55 55.68 21.57
C ILE E 105 -13.03 57.12 21.49
N LYS E 106 -14.07 57.35 20.68
CA LYS E 106 -14.57 58.70 20.51
C LYS E 106 -15.35 59.16 21.72
N ARG E 107 -15.11 60.38 22.15
CA ARG E 107 -15.84 60.98 23.25
C ARG E 107 -16.14 62.45 22.95
N ALA E 108 -17.33 62.92 23.36
CA ALA E 108 -17.76 64.32 23.20
C ALA E 108 -16.82 65.26 23.95
N ASP F 1 -0.67 27.90 35.48
CA ASP F 1 -0.51 29.08 36.32
C ASP F 1 0.97 29.48 36.36
N VAL F 2 1.47 30.06 35.26
CA VAL F 2 2.87 30.46 35.14
C VAL F 2 3.06 31.95 35.16
N GLN F 3 3.95 32.37 36.02
CA GLN F 3 4.32 33.75 36.16
C GLN F 3 5.70 33.92 35.61
N LEU F 4 5.82 34.63 34.50
CA LEU F 4 7.14 34.79 33.90
C LEU F 4 7.67 36.12 34.34
N GLN F 5 8.82 36.11 34.98
CA GLN F 5 9.34 37.36 35.49
C GLN F 5 10.75 37.62 35.01
N GLU F 6 10.90 38.62 34.15
CA GLU F 6 12.20 38.90 33.62
C GLU F 6 12.90 40.03 34.37
N SER F 7 14.23 39.94 34.44
CA SER F 7 15.05 40.93 35.09
C SER F 7 16.42 41.03 34.46
N GLY F 8 17.07 42.17 34.68
CA GLY F 8 18.40 42.38 34.14
C GLY F 8 18.73 43.86 34.31
N PRO F 9 19.90 44.30 33.83
CA PRO F 9 20.36 45.65 33.91
C PRO F 9 19.44 46.51 33.07
N GLY F 10 19.10 47.69 33.57
CA GLY F 10 18.25 48.60 32.80
C GLY F 10 19.12 49.52 31.95
N LEU F 11 20.43 49.34 32.08
CA LEU F 11 21.38 50.15 31.35
C LEU F 11 22.69 49.41 31.11
N VAL F 12 23.06 49.30 29.86
CA VAL F 12 24.35 48.73 29.49
C VAL F 12 24.99 49.66 28.48
N LYS F 13 26.30 49.59 28.37
CA LYS F 13 26.98 50.43 27.40
C LYS F 13 27.02 49.71 26.05
N PRO F 14 27.21 50.43 24.95
CA PRO F 14 27.43 49.88 23.63
C PRO F 14 28.64 48.97 23.74
N SER F 15 28.63 47.90 22.98
CA SER F 15 29.72 46.91 22.94
C SER F 15 29.83 46.04 24.19
N GLN F 16 28.89 46.17 25.13
CA GLN F 16 28.87 45.25 26.26
C GLN F 16 27.96 44.07 25.95
N SER F 17 28.15 42.98 26.68
CA SER F 17 27.26 41.85 26.52
C SER F 17 26.09 42.00 27.47
N LEU F 18 24.89 41.81 26.93
CA LEU F 18 23.65 41.92 27.69
C LEU F 18 23.19 40.55 28.13
N SER F 19 22.75 40.43 29.37
CA SER F 19 22.18 39.17 29.81
C SER F 19 20.90 39.38 30.60
N LEU F 20 19.78 38.94 30.04
CA LEU F 20 18.50 39.04 30.73
C LEU F 20 18.06 37.68 31.22
N THR F 21 17.51 37.65 32.42
CA THR F 21 17.03 36.42 33.02
C THR F 21 15.51 36.39 33.12
N CYS F 22 14.89 35.29 32.68
CA CYS F 22 13.45 35.06 32.86
C CYS F 22 13.23 33.91 33.84
N SER F 23 12.72 34.27 35.03
CA SER F 23 12.46 33.33 36.11
C SER F 23 11.06 32.82 35.96
N VAL F 24 10.90 31.51 35.96
CA VAL F 24 9.56 31.00 35.76
C VAL F 24 9.09 30.25 36.97
N THR F 25 7.94 30.62 37.47
CA THR F 25 7.36 29.88 38.56
C THR F 25 6.03 29.32 38.10
N GLY F 26 5.65 28.16 38.62
CA GLY F 26 4.38 27.52 38.27
C GLY F 26 4.51 26.37 37.27
N TYR F 27 5.67 26.26 36.61
CA TYR F 27 5.90 25.17 35.67
C TYR F 27 7.40 24.98 35.46
N SER F 28 7.82 23.74 35.25
CA SER F 28 9.23 23.47 34.98
C SER F 28 9.65 23.83 33.57
N ILE F 29 10.76 24.55 33.48
CA ILE F 29 11.28 25.07 32.22
C ILE F 29 11.74 23.91 31.32
N THR F 30 11.96 22.74 31.92
CA THR F 30 12.46 21.57 31.21
C THR F 30 11.41 20.54 30.83
N SER F 31 10.18 20.67 31.32
CA SER F 31 9.23 19.58 31.06
C SER F 31 8.39 19.79 29.81
N ASP F 32 8.20 21.05 29.41
CA ASP F 32 7.35 21.34 28.27
C ASP F 32 7.56 22.75 27.73
N TYR F 33 6.85 23.04 26.66
CA TYR F 33 6.75 24.37 26.05
C TYR F 33 8.01 24.88 25.40
N TYR F 34 7.87 26.01 24.71
CA TYR F 34 8.98 26.71 24.09
C TYR F 34 9.08 28.01 24.87
N TRP F 35 10.30 28.42 25.22
CA TRP F 35 10.50 29.61 26.02
C TRP F 35 11.10 30.74 25.19
N ASN F 36 10.25 31.73 24.90
CA ASN F 36 10.52 32.79 23.93
C ASN F 36 11.01 34.10 24.51
N TRP F 37 11.72 34.83 23.67
CA TRP F 37 12.04 36.22 23.89
C TRP F 37 11.48 37.07 22.76
N ILE F 38 10.89 38.21 23.14
CA ILE F 38 10.31 39.20 22.24
C ILE F 38 10.75 40.57 22.73
N ARG F 39 10.97 41.51 21.84
CA ARG F 39 11.28 42.85 22.31
C ARG F 39 10.43 43.90 21.61
N GLN F 40 10.09 44.94 22.36
CA GLN F 40 9.31 46.02 21.82
C GLN F 40 10.09 47.30 21.77
N PHE F 41 10.23 47.83 20.57
CA PHE F 41 11.01 49.03 20.35
C PHE F 41 10.21 50.25 20.78
N PRO F 42 10.84 51.42 20.98
CA PRO F 42 10.23 52.70 21.38
C PRO F 42 9.05 53.11 20.50
N GLY F 43 9.01 52.60 19.26
CA GLY F 43 7.92 52.90 18.32
C GLY F 43 6.77 51.91 18.47
N ASN F 44 6.88 51.05 19.48
CA ASN F 44 5.93 49.98 19.82
C ASN F 44 5.87 48.85 18.80
N LYS F 45 6.87 48.76 17.95
CA LYS F 45 6.98 47.65 17.01
C LYS F 45 7.57 46.41 17.69
N LEU F 46 6.80 45.31 17.66
CA LEU F 46 7.20 44.05 18.30
C LEU F 46 8.04 43.18 17.40
N GLU F 47 9.11 42.62 17.97
CA GLU F 47 9.98 41.71 17.26
C GLU F 47 10.23 40.44 18.05
N TRP F 48 9.98 39.30 17.43
CA TRP F 48 10.28 38.02 18.04
C TRP F 48 11.77 37.76 17.90
N MET F 49 12.43 37.34 18.98
CA MET F 49 13.87 37.15 18.93
C MET F 49 14.28 35.70 18.81
N GLY F 50 13.51 34.81 19.43
CA GLY F 50 13.86 33.40 19.42
C GLY F 50 13.35 32.67 20.65
N TYR F 51 13.69 31.39 20.73
CA TYR F 51 13.32 30.57 21.87
C TYR F 51 14.28 29.44 22.13
N VAL F 52 14.18 28.91 23.34
CA VAL F 52 14.84 27.67 23.71
C VAL F 52 13.74 26.69 24.07
N THR F 53 13.80 25.47 23.55
CA THR F 53 12.75 24.52 23.86
C THR F 53 12.97 23.82 25.19
N TYR F 54 12.07 22.89 25.52
CA TYR F 54 12.16 22.12 26.74
C TYR F 54 13.42 21.23 26.78
N ASP F 55 13.86 20.74 25.63
CA ASP F 55 15.07 19.92 25.55
C ASP F 55 16.37 20.72 25.38
N GLY F 56 16.28 22.05 25.19
CA GLY F 56 17.50 22.85 25.03
C GLY F 56 17.78 23.32 23.61
N SER F 57 16.95 22.91 22.65
CA SER F 57 17.15 23.32 21.27
C SER F 57 16.82 24.79 21.05
N ASN F 58 17.52 25.43 20.11
CA ASN F 58 17.27 26.85 19.85
C ASN F 58 16.68 27.13 18.47
N ASN F 59 15.94 28.24 18.41
CA ASN F 59 15.45 28.79 17.15
C ASN F 59 15.43 30.31 17.27
N TYR F 60 16.18 30.99 16.41
CA TYR F 60 16.36 32.44 16.53
C TYR F 60 15.87 33.19 15.31
N ASN F 61 15.59 34.47 15.50
CA ASN F 61 15.27 35.39 14.41
C ASN F 61 16.54 35.64 13.60
N PRO F 62 16.57 35.29 12.29
CA PRO F 62 17.71 35.40 11.41
C PRO F 62 18.40 36.77 11.43
N SER F 63 17.65 37.85 11.66
CA SER F 63 18.25 39.18 11.62
C SER F 63 19.30 39.43 12.71
N LEU F 64 19.22 38.68 13.80
CA LEU F 64 20.15 38.81 14.89
C LEU F 64 20.74 37.46 15.28
N LYS F 65 20.69 36.51 14.35
CA LYS F 65 21.07 35.13 14.61
C LYS F 65 22.49 34.98 15.14
N ASN F 66 23.41 35.83 14.68
CA ASN F 66 24.80 35.69 15.05
C ASN F 66 25.20 36.46 16.31
N ARG F 67 24.23 37.10 16.95
CA ARG F 67 24.51 37.83 18.18
C ARG F 67 23.74 37.27 19.36
N ILE F 68 22.88 36.29 19.10
CA ILE F 68 21.97 35.82 20.11
C ILE F 68 22.20 34.40 20.56
N SER F 69 22.07 34.19 21.86
CA SER F 69 22.11 32.87 22.45
C SER F 69 21.06 32.78 23.56
N ILE F 70 20.17 31.80 23.46
CA ILE F 70 19.17 31.61 24.51
C ILE F 70 19.44 30.32 25.25
N THR F 71 19.72 30.42 26.53
CA THR F 71 20.14 29.29 27.33
C THR F 71 19.22 29.03 28.51
N ARG F 72 19.48 27.94 29.23
CA ARG F 72 18.69 27.58 30.41
C ARG F 72 19.56 27.22 31.60
N ASP F 73 18.98 27.41 32.78
CA ASP F 73 19.55 26.94 34.03
C ASP F 73 18.44 26.23 34.79
N SER F 74 18.44 24.91 34.67
CA SER F 74 17.34 24.10 35.18
C SER F 74 17.22 24.17 36.70
N SER F 75 18.36 24.31 37.40
CA SER F 75 18.39 24.31 38.86
C SER F 75 17.70 25.52 39.49
N LYS F 76 17.54 26.59 38.71
CA LYS F 76 16.91 27.83 39.16
C LYS F 76 15.58 28.02 38.45
N ASN F 77 15.28 27.10 37.53
CA ASN F 77 14.13 27.15 36.65
C ASN F 77 14.08 28.47 35.88
N GLN F 78 15.24 28.86 35.33
CA GLN F 78 15.37 30.11 34.57
C GLN F 78 15.85 29.89 33.15
N PHE F 79 15.57 30.85 32.27
CA PHE F 79 16.18 30.85 30.95
C PHE F 79 16.69 32.25 30.66
N PHE F 80 17.68 32.34 29.78
CA PHE F 80 18.36 33.61 29.63
C PHE F 80 18.51 34.06 28.20
N LEU F 81 18.42 35.37 28.00
CA LEU F 81 18.71 35.97 26.72
C LEU F 81 20.06 36.64 26.74
N LYS F 82 20.97 36.14 25.93
CA LYS F 82 22.28 36.75 25.88
C LYS F 82 22.54 37.35 24.52
N LEU F 83 22.97 38.61 24.52
CA LEU F 83 23.38 39.26 23.29
C LEU F 83 24.87 39.51 23.38
N ASN F 84 25.61 38.99 22.42
CA ASN F 84 27.07 39.01 22.46
C ASN F 84 27.59 40.44 22.53
N SER F 85 26.89 41.34 21.87
CA SER F 85 27.23 42.75 21.85
C SER F 85 25.99 43.56 21.53
N VAL F 86 25.79 44.67 22.24
CA VAL F 86 24.64 45.53 21.97
C VAL F 86 24.99 46.82 21.23
N ILE F 87 24.00 47.28 20.48
CA ILE F 87 24.07 48.46 19.64
C ILE F 87 22.97 49.41 20.13
N SER F 88 23.12 50.71 19.89
CA SER F 88 22.13 51.69 20.35
C SER F 88 20.68 51.31 19.99
N GLU F 89 20.49 50.70 18.82
CA GLU F 89 19.16 50.30 18.34
C GLU F 89 18.50 49.23 19.22
N ASP F 90 19.30 48.54 20.03
CA ASP F 90 18.80 47.44 20.87
C ASP F 90 18.07 47.96 22.11
N THR F 91 17.90 49.27 22.20
CA THR F 91 17.08 49.83 23.27
C THR F 91 15.63 49.40 23.04
N ALA F 92 15.07 48.68 24.01
CA ALA F 92 13.74 48.10 23.86
C ALA F 92 13.26 47.53 25.18
N THR F 93 11.96 47.24 25.26
CA THR F 93 11.47 46.48 26.41
C THR F 93 11.48 45.02 26.04
N TYR F 94 12.21 44.24 26.82
CA TYR F 94 12.39 42.83 26.55
C TYR F 94 11.45 41.97 27.36
N TYR F 95 10.64 41.21 26.67
CA TYR F 95 9.68 40.34 27.30
C TYR F 95 10.08 38.90 27.08
N CYS F 96 9.82 38.05 28.07
CA CYS F 96 9.88 36.61 27.90
C CYS F 96 8.43 36.12 27.83
N ALA F 97 8.19 35.01 27.09
CA ALA F 97 6.84 34.46 26.92
C ALA F 97 6.85 32.95 26.75
N ARG F 98 5.74 32.33 27.12
CA ARG F 98 5.58 30.90 26.93
C ARG F 98 4.77 30.60 25.68
N PHE F 99 5.29 29.71 24.84
CA PHE F 99 4.58 29.25 23.66
C PHE F 99 4.21 27.79 23.85
N GLY F 100 2.99 27.44 23.48
CA GLY F 100 2.59 26.06 23.61
C GLY F 100 1.49 25.69 22.66
N SER F 101 1.13 24.42 22.70
CA SER F 101 0.15 23.81 21.83
C SER F 101 -1.30 24.19 22.13
N SER F 102 -1.57 24.74 23.31
CA SER F 102 -2.94 25.09 23.64
C SER F 102 -3.49 26.11 22.66
N TYR F 103 -2.67 27.12 22.36
CA TYR F 103 -3.08 28.17 21.45
C TYR F 103 -2.22 28.25 20.19
N TRP F 104 -1.03 27.63 20.23
CA TRP F 104 -0.03 27.81 19.20
C TRP F 104 0.29 29.29 19.13
N ALA F 105 0.39 29.89 20.29
CA ALA F 105 0.64 31.30 20.44
C ALA F 105 1.34 31.53 21.75
N MET F 106 2.01 32.66 21.86
CA MET F 106 2.64 33.03 23.12
C MET F 106 1.57 33.64 24.03
N ASP F 107 1.20 32.93 25.08
CA ASP F 107 0.08 33.35 25.92
C ASP F 107 0.49 34.08 27.19
N TYR F 108 1.37 33.47 27.97
CA TYR F 108 1.84 34.12 29.18
C TYR F 108 3.07 34.94 28.85
N TRP F 109 2.98 36.23 29.14
CA TRP F 109 4.07 37.16 28.90
C TRP F 109 4.52 37.71 30.23
N GLY F 110 5.80 38.06 30.32
CA GLY F 110 6.29 38.73 31.52
C GLY F 110 5.92 40.19 31.44
N GLN F 111 6.45 41.01 32.36
CA GLN F 111 6.08 42.42 32.41
C GLN F 111 6.96 43.24 31.49
N GLY F 112 8.18 42.75 31.29
CA GLY F 112 9.12 43.38 30.39
C GLY F 112 10.20 44.17 31.10
N THR F 113 11.45 43.92 30.71
CA THR F 113 12.58 44.66 31.28
C THR F 113 12.95 45.76 30.31
N SER F 114 12.88 47.00 30.76
CA SER F 114 13.19 48.11 29.88
C SER F 114 14.68 48.37 29.87
N LEU F 115 15.30 48.12 28.73
CA LEU F 115 16.74 48.23 28.60
C LEU F 115 17.20 49.43 27.80
N THR F 116 18.10 50.21 28.38
CA THR F 116 18.72 51.33 27.70
C THR F 116 20.15 50.99 27.26
N VAL F 117 20.51 51.35 26.00
CA VAL F 117 21.87 51.22 25.45
C VAL F 117 22.31 52.59 24.94
N GLY G 26 18.09 -21.18 28.86
CA GLY G 26 17.91 -22.56 28.47
C GLY G 26 18.79 -22.93 27.27
N ILE G 27 18.13 -23.10 26.10
CA ILE G 27 18.79 -23.47 24.83
C ILE G 27 19.66 -22.35 24.25
N LEU G 28 19.24 -21.09 24.43
CA LEU G 28 20.07 -19.98 23.99
C LEU G 28 20.89 -19.53 25.19
N HIS G 29 22.14 -19.19 24.98
CA HIS G 29 22.95 -18.79 26.12
C HIS G 29 22.66 -17.34 26.43
N TYR G 30 21.59 -17.12 27.17
CA TYR G 30 21.07 -15.79 27.37
C TYR G 30 22.03 -14.88 28.13
N GLU G 31 22.82 -15.44 29.04
CA GLU G 31 23.70 -14.57 29.81
C GLU G 31 24.81 -13.97 28.94
N LYS G 32 25.48 -14.80 28.13
CA LYS G 32 26.49 -14.24 27.23
C LYS G 32 25.89 -13.38 26.14
N LEU G 33 24.69 -13.73 25.69
CA LEU G 33 24.06 -12.93 24.64
C LEU G 33 23.71 -11.54 25.15
N SER G 34 23.25 -11.44 26.41
CA SER G 34 22.92 -10.12 26.92
C SER G 34 24.15 -9.23 26.98
N LYS G 35 25.33 -9.82 27.19
CA LYS G 35 26.58 -9.07 27.27
C LYS G 35 27.02 -8.44 25.94
N ILE G 36 26.40 -8.84 24.84
CA ILE G 36 26.72 -8.25 23.55
C ILE G 36 25.50 -7.53 22.99
N GLY G 37 24.62 -7.11 23.89
CA GLY G 37 23.49 -6.32 23.46
C GLY G 37 22.29 -7.12 23.01
N LEU G 38 22.21 -8.40 23.35
CA LEU G 38 21.06 -9.17 22.92
C LEU G 38 20.29 -9.61 24.13
N VAL G 39 19.43 -8.71 24.59
CA VAL G 39 18.72 -8.89 25.83
C VAL G 39 17.50 -9.75 25.61
N LYS G 40 17.33 -10.79 26.41
CA LYS G 40 16.21 -11.68 26.20
C LYS G 40 14.91 -10.89 26.18
N GLY G 41 14.14 -11.03 25.10
CA GLY G 41 12.87 -10.35 24.96
C GLY G 41 11.72 -11.31 25.23
N ILE G 42 10.59 -11.03 24.62
CA ILE G 42 9.38 -11.83 24.83
C ILE G 42 9.47 -13.19 24.17
N THR G 43 9.11 -14.22 24.92
CA THR G 43 9.07 -15.56 24.37
C THR G 43 7.64 -15.79 23.87
N ARG G 44 7.51 -16.04 22.59
CA ARG G 44 6.19 -16.21 22.00
C ARG G 44 6.00 -17.64 21.53
N LYS G 45 4.77 -18.11 21.54
CA LYS G 45 4.52 -19.45 21.03
C LYS G 45 4.23 -19.41 19.53
N TYR G 46 4.48 -20.52 18.86
CA TYR G 46 4.43 -20.57 17.40
C TYR G 46 3.16 -21.26 16.88
N LYS G 47 2.44 -20.58 15.99
CA LYS G 47 1.21 -21.11 15.41
C LYS G 47 1.19 -21.10 13.90
N ILE G 48 0.60 -22.14 13.32
CA ILE G 48 0.39 -22.19 11.87
C ILE G 48 -1.06 -22.55 11.52
N LYS G 49 -1.66 -21.80 10.61
CA LYS G 49 -3.04 -22.08 10.14
C LYS G 49 -3.14 -23.43 9.45
N SER G 50 -4.22 -24.16 9.75
CA SER G 50 -4.45 -25.48 9.16
C SER G 50 -5.91 -25.94 9.24
N ASN G 51 -6.20 -27.07 8.61
CA ASN G 51 -7.53 -27.68 8.61
C ASN G 51 -8.68 -26.74 8.39
N PRO G 52 -8.77 -26.12 7.20
CA PRO G 52 -9.84 -25.17 6.92
C PRO G 52 -11.17 -25.79 6.45
N LEU G 53 -12.27 -25.18 6.88
CA LEU G 53 -13.62 -25.57 6.49
C LEU G 53 -14.03 -24.56 5.43
N THR G 54 -14.83 -24.96 4.45
CA THR G 54 -15.15 -23.98 3.42
C THR G 54 -16.62 -23.64 3.23
N LYS G 55 -16.86 -22.42 2.78
CA LYS G 55 -18.18 -21.95 2.39
C LYS G 55 -18.15 -21.22 1.08
N ASP G 56 -19.25 -21.28 0.33
CA ASP G 56 -19.32 -20.56 -0.92
C ASP G 56 -20.19 -19.31 -0.79
N ILE G 57 -19.72 -18.21 -1.37
CA ILE G 57 -20.51 -17.00 -1.41
C ILE G 57 -20.50 -16.44 -2.83
N VAL G 58 -21.59 -15.83 -3.24
CA VAL G 58 -21.68 -15.26 -4.56
C VAL G 58 -21.45 -13.76 -4.53
N ILE G 59 -20.54 -13.28 -5.34
CA ILE G 59 -20.37 -11.84 -5.42
C ILE G 59 -20.84 -11.39 -6.79
N LYS G 60 -21.85 -10.55 -6.78
CA LYS G 60 -22.43 -10.01 -7.99
C LYS G 60 -21.60 -8.79 -8.34
N MET G 61 -20.98 -8.83 -9.51
CA MET G 61 -19.98 -7.85 -9.91
C MET G 61 -20.62 -6.66 -10.58
N ILE G 62 -21.94 -6.73 -10.72
CA ILE G 62 -22.72 -5.70 -11.39
C ILE G 62 -24.02 -5.40 -10.64
N PRO G 63 -24.30 -4.14 -10.30
CA PRO G 63 -25.46 -3.71 -9.56
C PRO G 63 -26.76 -3.84 -10.34
N ASN G 64 -27.85 -3.92 -9.60
CA ASN G 64 -29.20 -3.93 -10.12
C ASN G 64 -29.70 -2.51 -10.24
N VAL G 65 -29.92 -2.07 -11.47
CA VAL G 65 -30.28 -0.69 -11.73
C VAL G 65 -31.73 -0.54 -12.13
N SER G 66 -32.54 -1.54 -11.83
CA SER G 66 -33.95 -1.47 -12.22
C SER G 66 -34.65 -0.20 -11.73
N ASN G 67 -34.41 0.20 -10.47
CA ASN G 67 -35.07 1.35 -9.84
C ASN G 67 -34.50 2.70 -10.27
N VAL G 68 -33.47 2.70 -11.15
CA VAL G 68 -32.87 3.91 -11.73
C VAL G 68 -32.80 3.76 -13.26
N SER G 69 -33.42 2.68 -13.79
CA SER G 69 -33.20 2.24 -15.17
C SER G 69 -33.51 3.27 -16.24
N LYS G 70 -34.47 4.14 -15.96
CA LYS G 70 -34.83 5.15 -16.94
C LYS G 70 -33.69 6.14 -17.26
N CYS G 71 -32.73 6.28 -16.30
CA CYS G 71 -31.63 7.23 -16.39
C CYS G 71 -30.24 6.57 -16.45
N THR G 72 -30.15 5.27 -16.85
CA THR G 72 -28.85 4.59 -16.95
C THR G 72 -28.17 4.81 -18.29
N GLY G 73 -28.93 5.20 -19.29
CA GLY G 73 -28.36 5.45 -20.61
C GLY G 73 -27.60 4.26 -21.17
N THR G 74 -26.37 4.53 -21.59
CA THR G 74 -25.47 3.53 -22.14
C THR G 74 -24.43 2.97 -21.14
N VAL G 75 -24.55 3.49 -19.92
CA VAL G 75 -23.62 3.15 -18.85
C VAL G 75 -23.44 1.69 -18.51
N MET G 76 -24.55 0.96 -18.36
CA MET G 76 -24.43 -0.44 -17.99
C MET G 76 -23.89 -1.25 -19.16
N GLU G 77 -24.15 -0.82 -20.39
CA GLU G 77 -23.67 -1.54 -21.55
C GLU G 77 -22.16 -1.45 -21.64
N ASN G 78 -21.63 -0.26 -21.38
CA ASN G 78 -20.18 -0.03 -21.41
C ASN G 78 -19.52 -0.71 -20.22
N TYR G 79 -20.22 -0.70 -19.08
CA TYR G 79 -19.72 -1.32 -17.88
C TYR G 79 -19.55 -2.81 -18.07
N LYS G 80 -20.59 -3.46 -18.60
CA LYS G 80 -20.55 -4.90 -18.83
C LYS G 80 -19.44 -5.29 -19.78
N SER G 81 -19.21 -4.50 -20.83
CA SER G 81 -18.15 -4.80 -21.78
C SER G 81 -16.78 -4.74 -21.09
N ARG G 82 -16.56 -3.67 -20.32
CA ARG G 82 -15.28 -3.49 -19.63
C ARG G 82 -15.07 -4.62 -18.61
N LEU G 83 -16.14 -4.96 -17.89
CA LEU G 83 -16.10 -5.98 -16.86
C LEU G 83 -15.85 -7.37 -17.46
N THR G 84 -16.45 -7.66 -18.61
CA THR G 84 -16.22 -8.94 -19.26
C THR G 84 -14.75 -9.07 -19.60
N GLY G 85 -14.14 -8.00 -20.10
CA GLY G 85 -12.72 -8.05 -20.41
C GLY G 85 -11.88 -8.41 -19.18
N ILE G 86 -12.30 -7.93 -18.01
CA ILE G 86 -11.61 -8.21 -16.75
C ILE G 86 -11.82 -9.65 -16.26
N LEU G 87 -13.07 -10.10 -16.29
CA LEU G 87 -13.43 -11.43 -15.80
C LEU G 87 -13.12 -12.57 -16.76
N SER G 88 -13.15 -12.30 -18.06
CA SER G 88 -12.96 -13.35 -19.05
C SER G 88 -11.70 -14.20 -18.88
N PRO G 89 -10.47 -13.65 -18.70
CA PRO G 89 -9.25 -14.41 -18.49
C PRO G 89 -9.24 -15.16 -17.17
N ILE G 90 -10.11 -14.78 -16.23
CA ILE G 90 -10.18 -15.48 -14.96
C ILE G 90 -10.97 -16.75 -15.19
N LYS G 91 -12.10 -16.59 -15.90
CA LYS G 91 -12.94 -17.72 -16.25
C LYS G 91 -12.16 -18.74 -17.06
N GLY G 92 -11.37 -18.24 -18.02
CA GLY G 92 -10.58 -19.11 -18.89
C GLY G 92 -9.62 -19.99 -18.09
N ALA G 93 -8.84 -19.37 -17.20
CA ALA G 93 -7.89 -20.11 -16.38
C ALA G 93 -8.57 -21.14 -15.50
N ILE G 94 -9.75 -20.80 -14.97
CA ILE G 94 -10.52 -21.73 -14.15
C ILE G 94 -11.02 -22.92 -14.98
N GLU G 95 -11.54 -22.64 -16.18
CA GLU G 95 -12.02 -23.69 -17.07
C GLU G 95 -10.89 -24.65 -17.45
N LEU G 96 -9.68 -24.12 -17.62
CA LEU G 96 -8.56 -25.00 -17.99
C LEU G 96 -8.48 -26.19 -17.07
N TYR G 97 -8.60 -25.97 -15.77
CA TYR G 97 -8.54 -27.07 -14.82
C TYR G 97 -9.85 -27.86 -14.77
N ASN G 98 -10.99 -27.17 -14.83
CA ASN G 98 -12.26 -27.88 -14.78
C ASN G 98 -12.45 -28.88 -15.94
N ASN G 99 -11.90 -28.56 -17.12
CA ASN G 99 -11.95 -29.42 -18.32
C ASN G 99 -10.93 -30.57 -18.29
N ASN G 100 -9.96 -30.53 -17.34
CA ASN G 100 -8.88 -31.51 -17.22
C ASN G 100 -9.08 -32.46 -16.04
N THR G 101 -9.96 -32.10 -15.11
CA THR G 101 -10.17 -32.98 -13.96
C THR G 101 -11.46 -33.76 -14.12
N HIS G 102 -11.37 -35.08 -14.00
CA HIS G 102 -12.52 -35.95 -14.21
C HIS G 102 -12.68 -37.01 -13.11
N ASP G 103 -13.92 -37.49 -12.92
CA ASP G 103 -14.28 -38.53 -11.96
C ASP G 103 -15.31 -39.48 -12.58
N VAL G 113 -10.99 -38.62 -8.50
CA VAL G 113 -10.67 -37.27 -8.96
C VAL G 113 -9.24 -37.30 -9.56
N VAL G 114 -9.17 -37.47 -10.88
CA VAL G 114 -7.91 -37.57 -11.63
C VAL G 114 -7.69 -36.35 -12.52
N MET G 115 -6.52 -35.75 -12.38
CA MET G 115 -6.18 -34.58 -13.17
C MET G 115 -5.33 -34.95 -14.37
N ALA G 116 -5.68 -34.41 -15.52
CA ALA G 116 -4.96 -34.70 -16.75
C ALA G 116 -3.64 -33.96 -16.81
N GLY G 117 -2.60 -34.58 -16.27
CA GLY G 117 -1.28 -33.95 -16.22
C GLY G 117 -0.79 -33.57 -17.61
N ILE G 118 -1.16 -34.34 -18.63
CA ILE G 118 -0.76 -34.05 -20.00
C ILE G 118 -1.39 -32.75 -20.50
N ALA G 119 -2.69 -32.60 -20.28
CA ALA G 119 -3.42 -31.43 -20.71
C ALA G 119 -3.00 -30.16 -19.95
N ILE G 120 -2.67 -30.32 -18.67
CA ILE G 120 -2.22 -29.20 -17.86
C ILE G 120 -0.82 -28.79 -18.31
N GLY G 121 0.05 -29.78 -18.49
CA GLY G 121 1.39 -29.59 -19.00
C GLY G 121 2.36 -29.09 -17.95
N ILE G 122 2.16 -27.85 -17.52
CA ILE G 122 3.04 -27.24 -16.53
C ILE G 122 2.26 -26.75 -15.33
N ALA G 123 2.64 -27.22 -14.15
CA ALA G 123 2.01 -26.74 -12.92
C ALA G 123 2.91 -26.99 -11.73
N THR G 124 2.76 -26.15 -10.72
CA THR G 124 3.43 -26.33 -9.44
C THR G 124 2.54 -27.18 -8.57
N ALA G 125 3.08 -27.69 -7.47
CA ALA G 125 2.27 -28.48 -6.56
C ALA G 125 1.10 -27.66 -6.04
N ALA G 126 1.34 -26.36 -5.80
CA ALA G 126 0.31 -25.47 -5.30
C ALA G 126 -0.84 -25.30 -6.29
N GLN G 127 -0.51 -25.22 -7.58
CA GLN G 127 -1.52 -25.06 -8.63
C GLN G 127 -2.34 -26.35 -8.77
N ILE G 128 -1.67 -27.48 -8.62
CA ILE G 128 -2.31 -28.78 -8.72
C ILE G 128 -3.27 -28.97 -7.55
N THR G 129 -2.81 -28.66 -6.34
CA THR G 129 -3.63 -28.78 -5.14
C THR G 129 -4.84 -27.88 -5.23
N ALA G 130 -4.63 -26.63 -5.67
CA ALA G 130 -5.74 -25.69 -5.83
C ALA G 130 -6.70 -26.21 -6.89
N GLY G 131 -6.18 -26.86 -7.92
CA GLY G 131 -6.98 -27.44 -8.98
C GLY G 131 -7.89 -28.55 -8.45
N VAL G 132 -7.39 -29.32 -7.47
CA VAL G 132 -8.23 -30.36 -6.87
C VAL G 132 -9.34 -29.71 -6.06
N ALA G 133 -8.99 -28.68 -5.29
CA ALA G 133 -9.97 -27.97 -4.50
C ALA G 133 -11.03 -27.35 -5.40
N LEU G 134 -10.61 -26.87 -6.57
CA LEU G 134 -11.50 -26.30 -7.56
C LEU G 134 -12.51 -27.33 -8.03
N TYR G 135 -12.03 -28.52 -8.36
CA TYR G 135 -12.91 -29.59 -8.80
C TYR G 135 -13.97 -29.88 -7.75
N GLU G 136 -13.55 -30.03 -6.50
CA GLU G 136 -14.48 -30.35 -5.42
C GLU G 136 -15.50 -29.23 -5.25
N ALA G 137 -15.04 -27.99 -5.37
CA ALA G 137 -15.89 -26.83 -5.23
C ALA G 137 -17.02 -26.81 -6.27
N MET G 138 -16.75 -27.33 -7.46
CA MET G 138 -17.76 -27.32 -8.51
C MET G 138 -18.99 -28.15 -8.17
N LYS G 139 -18.84 -29.09 -7.25
CA LYS G 139 -19.98 -29.90 -6.86
C LYS G 139 -21.07 -29.02 -6.27
N ASN G 140 -20.65 -27.93 -5.62
CA ASN G 140 -21.57 -26.99 -5.00
C ASN G 140 -21.85 -25.82 -5.92
N ALA G 141 -20.86 -25.42 -6.74
CA ALA G 141 -21.07 -24.30 -7.65
C ALA G 141 -22.22 -24.63 -8.59
N ASP G 142 -22.33 -25.91 -8.95
CA ASP G 142 -23.41 -26.38 -9.82
C ASP G 142 -24.80 -26.18 -9.21
N ASN G 143 -24.90 -26.17 -7.86
CA ASN G 143 -26.21 -25.95 -7.24
C ASN G 143 -26.50 -24.47 -7.21
N ILE G 144 -25.46 -23.69 -6.94
CA ILE G 144 -25.57 -22.24 -6.86
C ILE G 144 -26.00 -21.69 -8.21
N ASN G 145 -25.44 -22.25 -9.27
CA ASN G 145 -25.71 -21.82 -10.62
C ASN G 145 -27.18 -22.02 -11.03
N LYS G 146 -27.92 -22.84 -10.29
CA LYS G 146 -29.33 -23.06 -10.64
C LYS G 146 -30.18 -21.93 -10.10
N LEU G 147 -29.54 -21.02 -9.38
CA LEU G 147 -30.15 -19.82 -8.83
C LEU G 147 -29.80 -18.64 -9.71
N LYS G 148 -29.24 -18.91 -10.88
CA LYS G 148 -28.79 -17.87 -11.80
C LYS G 148 -29.80 -16.73 -11.95
N SER G 149 -31.09 -17.05 -12.15
CA SER G 149 -32.10 -16.01 -12.32
C SER G 149 -32.42 -15.32 -11.01
N SER G 150 -32.17 -16.00 -9.89
CA SER G 150 -32.45 -15.45 -8.57
C SER G 150 -31.29 -14.58 -8.13
N ILE G 151 -30.12 -14.80 -8.73
CA ILE G 151 -28.95 -13.98 -8.49
C ILE G 151 -29.12 -12.70 -9.31
N GLU G 152 -29.52 -12.84 -10.58
CA GLU G 152 -29.73 -11.70 -11.45
C GLU G 152 -30.73 -10.69 -10.86
N SER G 153 -31.78 -11.20 -10.21
CA SER G 153 -32.84 -10.36 -9.66
C SER G 153 -32.52 -9.68 -8.34
N THR G 154 -31.40 -10.01 -7.69
CA THR G 154 -31.16 -9.46 -6.36
C THR G 154 -30.99 -7.95 -6.47
N ASN G 155 -31.67 -7.22 -5.58
CA ASN G 155 -31.66 -5.76 -5.56
C ASN G 155 -31.27 -5.15 -4.22
N GLU G 156 -30.55 -5.91 -3.42
CA GLU G 156 -30.07 -5.45 -2.11
C GLU G 156 -28.60 -5.84 -2.00
N ALA G 157 -27.85 -5.10 -1.20
CA ALA G 157 -26.41 -5.40 -1.08
C ALA G 157 -26.18 -6.81 -0.60
N VAL G 158 -27.02 -7.29 0.31
CA VAL G 158 -26.87 -8.67 0.78
C VAL G 158 -28.21 -9.40 0.80
N VAL G 159 -28.30 -10.51 0.08
CA VAL G 159 -29.52 -11.31 0.13
C VAL G 159 -29.25 -12.78 0.38
N LYS G 160 -30.26 -13.46 0.90
CA LYS G 160 -30.19 -14.87 1.23
C LYS G 160 -30.97 -15.74 0.23
N LEU G 161 -30.26 -16.58 -0.52
CA LEU G 161 -30.89 -17.51 -1.46
C LEU G 161 -30.72 -18.93 -0.98
N GLN G 162 -31.62 -19.83 -1.35
CA GLN G 162 -31.48 -21.23 -0.96
C GLN G 162 -30.74 -22.03 -2.02
N GLU G 163 -29.60 -22.62 -1.65
CA GLU G 163 -28.82 -23.44 -2.57
C GLU G 163 -29.51 -24.79 -2.66
N THR G 164 -29.79 -25.33 -1.48
CA THR G 164 -30.50 -26.58 -1.29
C THR G 164 -31.45 -26.32 -0.12
N ALA G 165 -32.37 -27.22 0.16
CA ALA G 165 -33.26 -26.98 1.29
C ALA G 165 -32.48 -26.79 2.60
N GLU G 166 -31.33 -27.47 2.71
CA GLU G 166 -30.50 -27.44 3.91
C GLU G 166 -29.33 -26.46 3.86
N LYS G 167 -29.20 -25.70 2.77
CA LYS G 167 -28.07 -24.79 2.60
C LYS G 167 -28.45 -23.44 2.05
N THR G 168 -27.83 -22.41 2.60
CA THR G 168 -28.02 -21.08 2.08
C THR G 168 -26.77 -20.57 1.43
N VAL G 169 -26.95 -19.76 0.41
CA VAL G 169 -25.86 -19.06 -0.24
C VAL G 169 -26.21 -17.59 -0.28
N TYR G 170 -25.27 -16.74 0.07
CA TYR G 170 -25.55 -15.33 0.05
C TYR G 170 -25.00 -14.66 -1.17
N VAL G 171 -25.73 -13.66 -1.64
CA VAL G 171 -25.27 -12.87 -2.76
C VAL G 171 -24.93 -11.47 -2.29
N LEU G 172 -23.67 -11.09 -2.47
CA LEU G 172 -23.17 -9.78 -2.12
C LEU G 172 -23.12 -8.96 -3.39
N THR G 173 -23.79 -7.82 -3.45
CA THR G 173 -23.81 -7.08 -4.70
C THR G 173 -23.05 -5.76 -4.64
N ALA G 174 -22.11 -5.61 -5.57
CA ALA G 174 -21.30 -4.41 -5.64
C ALA G 174 -22.16 -3.20 -5.96
N LEU G 175 -21.92 -2.11 -5.23
CA LEU G 175 -22.59 -0.82 -5.43
C LEU G 175 -24.10 -0.85 -5.28
N GLN G 176 -24.68 -1.94 -4.77
CA GLN G 176 -26.12 -1.95 -4.67
C GLN G 176 -26.62 -0.98 -3.62
N ASP G 177 -25.84 -0.77 -2.56
CA ASP G 177 -26.26 0.14 -1.51
C ASP G 177 -26.16 1.56 -2.03
N TYR G 178 -25.11 1.83 -2.78
CA TYR G 178 -24.91 3.14 -3.38
C TYR G 178 -26.14 3.52 -4.19
N ILE G 179 -26.58 2.61 -5.03
CA ILE G 179 -27.74 2.91 -5.85
C ILE G 179 -28.98 3.05 -4.99
N ASN G 180 -29.21 2.10 -4.08
CA ASN G 180 -30.43 2.11 -3.29
C ASN G 180 -30.59 3.33 -2.37
N THR G 181 -29.47 3.88 -1.87
CA THR G 181 -29.60 5.02 -0.96
C THR G 181 -29.16 6.35 -1.55
N ASN G 182 -28.31 6.34 -2.58
CA ASN G 182 -27.84 7.61 -3.14
C ASN G 182 -28.46 7.97 -4.49
N LEU G 183 -28.81 6.98 -5.32
CA LEU G 183 -29.38 7.35 -6.62
C LEU G 183 -30.89 7.22 -6.66
N VAL G 184 -31.45 6.15 -6.09
CA VAL G 184 -32.88 5.95 -6.20
C VAL G 184 -33.69 7.10 -5.58
N PRO G 185 -33.37 7.59 -4.35
CA PRO G 185 -34.07 8.67 -3.68
C PRO G 185 -33.91 10.01 -4.39
N THR G 186 -32.95 10.10 -5.32
CA THR G 186 -32.65 11.36 -5.97
C THR G 186 -33.20 11.46 -7.39
N ILE G 187 -33.95 10.46 -7.84
CA ILE G 187 -34.39 10.46 -9.23
C ILE G 187 -35.16 11.73 -9.62
N ASP G 188 -36.02 12.23 -8.75
CA ASP G 188 -36.76 13.44 -9.08
C ASP G 188 -36.17 14.72 -8.46
N GLN G 189 -34.94 14.63 -7.91
CA GLN G 189 -34.29 15.79 -7.29
C GLN G 189 -33.18 16.35 -8.18
N ILE G 190 -32.52 15.47 -8.92
CA ILE G 190 -31.45 15.88 -9.81
C ILE G 190 -31.89 15.52 -11.22
N SER G 191 -31.29 16.12 -12.23
CA SER G 191 -31.75 15.81 -13.56
C SER G 191 -31.42 14.36 -13.87
N CYS G 192 -32.15 13.77 -14.83
CA CYS G 192 -31.95 12.38 -15.26
C CYS G 192 -30.49 12.14 -15.74
N LYS G 193 -29.92 13.11 -16.47
CA LYS G 193 -28.56 13.04 -16.98
C LYS G 193 -27.54 13.00 -15.84
N GLN G 194 -27.81 13.73 -14.75
CA GLN G 194 -26.90 13.71 -13.61
C GLN G 194 -26.90 12.34 -12.94
N THR G 195 -28.05 11.67 -12.94
CA THR G 195 -28.10 10.33 -12.36
C THR G 195 -27.22 9.40 -13.18
N GLU G 196 -27.29 9.52 -14.52
CA GLU G 196 -26.47 8.71 -15.41
C GLU G 196 -24.99 8.90 -15.10
N LEU G 197 -24.57 10.15 -14.96
CA LEU G 197 -23.17 10.44 -14.68
C LEU G 197 -22.74 9.90 -13.32
N ALA G 198 -23.61 10.03 -12.32
CA ALA G 198 -23.31 9.54 -10.98
C ALA G 198 -23.11 8.03 -10.97
N LEU G 199 -23.93 7.33 -11.76
CA LEU G 199 -23.84 5.88 -11.85
C LEU G 199 -22.56 5.48 -12.57
N ASP G 200 -22.24 6.20 -13.64
CA ASP G 200 -21.06 5.91 -14.45
C ASP G 200 -19.80 6.06 -13.60
N LEU G 201 -19.73 7.13 -12.81
CA LEU G 201 -18.57 7.33 -11.95
C LEU G 201 -18.47 6.28 -10.85
N ALA G 202 -19.60 5.89 -10.25
CA ALA G 202 -19.56 4.88 -9.20
C ALA G 202 -19.04 3.56 -9.74
N LEU G 203 -19.47 3.21 -10.96
CA LEU G 203 -19.05 2.00 -11.62
C LEU G 203 -17.58 2.06 -12.02
N SER G 204 -17.15 3.21 -12.52
CA SER G 204 -15.77 3.37 -12.94
C SER G 204 -14.81 3.32 -11.76
N LYS G 205 -15.18 3.94 -10.63
CA LYS G 205 -14.32 3.89 -9.45
C LYS G 205 -14.21 2.45 -8.97
N TYR G 206 -15.33 1.74 -8.98
CA TYR G 206 -15.34 0.35 -8.59
C TYR G 206 -14.33 -0.44 -9.42
N LEU G 207 -14.37 -0.29 -10.74
CA LEU G 207 -13.45 -1.03 -11.59
C LEU G 207 -11.99 -0.60 -11.38
N SER G 208 -11.76 0.69 -11.15
CA SER G 208 -10.39 1.16 -10.96
C SER G 208 -9.77 0.49 -9.74
N ASP G 209 -10.56 0.31 -8.69
CA ASP G 209 -10.08 -0.37 -7.49
C ASP G 209 -10.02 -1.88 -7.71
N LEU G 210 -10.99 -2.41 -8.46
CA LEU G 210 -11.11 -3.83 -8.70
C LEU G 210 -9.89 -4.40 -9.44
N LEU G 211 -9.41 -3.64 -10.43
CA LEU G 211 -8.32 -4.09 -11.31
C LEU G 211 -7.03 -4.45 -10.59
N PHE G 212 -6.69 -3.76 -9.50
CA PHE G 212 -5.45 -4.11 -8.83
C PHE G 212 -5.41 -5.61 -8.54
N VAL G 213 -6.54 -6.17 -8.12
CA VAL G 213 -6.59 -7.57 -7.75
C VAL G 213 -7.09 -8.48 -8.87
N PHE G 214 -8.15 -8.09 -9.56
CA PHE G 214 -8.79 -8.97 -10.54
C PHE G 214 -8.34 -8.70 -11.97
N GLY G 215 -7.37 -7.83 -12.12
CA GLY G 215 -6.79 -7.50 -13.40
C GLY G 215 -5.69 -8.51 -13.73
N PRO G 216 -4.77 -8.14 -14.63
CA PRO G 216 -3.68 -8.94 -15.19
C PRO G 216 -2.72 -9.52 -14.14
N ASN G 217 -2.74 -8.97 -12.93
CA ASN G 217 -1.89 -9.46 -11.85
C ASN G 217 -2.31 -10.88 -11.44
N LEU G 218 -3.58 -11.21 -11.66
CA LEU G 218 -4.11 -12.50 -11.26
C LEU G 218 -3.92 -13.56 -12.34
N GLN G 219 -2.66 -13.96 -12.54
CA GLN G 219 -2.36 -14.99 -13.54
C GLN G 219 -2.75 -16.37 -13.03
N ASP G 220 -2.94 -16.48 -11.71
CA ASP G 220 -3.28 -17.74 -11.05
C ASP G 220 -4.52 -17.66 -10.17
N PRO G 221 -5.74 -17.59 -10.76
CA PRO G 221 -7.00 -17.62 -10.05
C PRO G 221 -7.24 -19.00 -9.48
N VAL G 222 -6.52 -19.99 -10.02
CA VAL G 222 -6.63 -21.34 -9.50
C VAL G 222 -5.65 -21.43 -8.34
N SER G 223 -6.07 -20.84 -7.22
CA SER G 223 -5.28 -20.71 -6.02
C SER G 223 -6.16 -20.63 -4.79
N ASN G 224 -5.69 -21.21 -3.70
CA ASN G 224 -6.39 -21.15 -2.43
C ASN G 224 -5.55 -20.41 -1.38
N SER G 225 -4.62 -19.58 -1.86
CA SER G 225 -3.75 -18.77 -1.00
C SER G 225 -4.06 -17.28 -1.07
N MET G 226 -5.04 -16.91 -1.88
CA MET G 226 -5.39 -15.51 -2.09
C MET G 226 -6.25 -15.04 -0.93
N THR G 227 -5.82 -13.97 -0.27
CA THR G 227 -6.48 -13.53 0.95
C THR G 227 -7.89 -13.03 0.71
N ILE G 228 -8.73 -13.17 1.73
CA ILE G 228 -10.10 -12.73 1.62
C ILE G 228 -10.21 -11.22 1.50
N GLN G 229 -9.30 -10.48 2.13
CA GLN G 229 -9.32 -9.03 2.03
C GLN G 229 -9.08 -8.59 0.57
N ALA G 230 -8.50 -9.47 -0.23
CA ALA G 230 -8.21 -9.17 -1.63
C ALA G 230 -9.39 -9.54 -2.52
N ILE G 231 -10.30 -10.37 -2.04
CA ILE G 231 -11.42 -10.82 -2.86
C ILE G 231 -12.61 -9.94 -2.59
N SER G 232 -12.65 -9.43 -1.36
CA SER G 232 -13.68 -8.53 -0.88
C SER G 232 -13.69 -7.25 -1.68
N GLN G 233 -12.65 -7.02 -2.47
CA GLN G 233 -12.53 -5.86 -3.34
C GLN G 233 -13.68 -5.89 -4.35
N ALA G 234 -14.14 -7.10 -4.66
CA ALA G 234 -15.26 -7.33 -5.56
C ALA G 234 -16.55 -6.82 -4.92
N PHE G 235 -16.51 -6.59 -3.62
CA PHE G 235 -17.62 -6.08 -2.85
C PHE G 235 -17.19 -4.79 -2.12
N GLY G 236 -16.30 -4.01 -2.76
CA GLY G 236 -15.90 -2.70 -2.25
C GLY G 236 -14.82 -2.73 -1.17
N GLY G 237 -14.27 -3.89 -0.91
CA GLY G 237 -13.26 -4.06 0.12
C GLY G 237 -13.89 -4.37 1.47
N ASN G 238 -15.22 -4.56 1.48
CA ASN G 238 -15.92 -4.79 2.73
C ASN G 238 -15.91 -6.25 3.14
N TYR G 239 -14.77 -6.69 3.68
CA TYR G 239 -14.61 -8.08 4.08
C TYR G 239 -15.33 -8.42 5.38
N GLU G 240 -15.58 -7.43 6.22
CA GLU G 240 -16.29 -7.73 7.46
C GLU G 240 -17.72 -8.16 7.18
N THR G 241 -18.37 -7.51 6.21
CA THR G 241 -19.71 -7.90 5.85
C THR G 241 -19.71 -9.29 5.23
N LEU G 242 -18.74 -9.54 4.35
CA LEU G 242 -18.65 -10.84 3.69
C LEU G 242 -18.57 -11.97 4.70
N LEU G 243 -17.64 -11.83 5.65
CA LEU G 243 -17.37 -12.87 6.63
C LEU G 243 -18.47 -13.01 7.69
N ARG G 244 -19.10 -11.89 8.04
CA ARG G 244 -20.23 -11.93 8.98
C ARG G 244 -21.41 -12.64 8.32
N THR G 245 -21.63 -12.36 7.04
CA THR G 245 -22.71 -12.96 6.27
C THR G 245 -22.56 -14.48 6.27
N LEU G 246 -21.32 -14.95 6.13
CA LEU G 246 -21.00 -16.38 6.18
C LEU G 246 -21.15 -16.98 7.59
N GLY G 247 -21.33 -16.14 8.60
CA GLY G 247 -21.54 -16.57 9.99
C GLY G 247 -20.26 -16.95 10.74
N TYR G 248 -19.10 -16.44 10.32
CA TYR G 248 -17.88 -16.82 11.01
C TYR G 248 -17.43 -15.79 12.02
N ALA G 249 -17.19 -16.24 13.23
CA ALA G 249 -16.65 -15.40 14.29
C ALA G 249 -16.06 -16.30 15.36
N THR G 250 -14.77 -16.14 15.57
CA THR G 250 -14.01 -17.00 16.45
C THR G 250 -13.04 -16.17 17.28
N GLU G 251 -12.63 -16.71 18.42
CA GLU G 251 -11.64 -16.10 19.29
C GLU G 251 -10.38 -15.69 18.53
N ASP G 252 -9.96 -16.53 17.57
CA ASP G 252 -8.74 -16.31 16.76
C ASP G 252 -9.02 -15.60 15.44
N PHE G 253 -10.25 -15.12 15.24
CA PHE G 253 -10.69 -14.55 13.97
C PHE G 253 -9.86 -13.37 13.49
N ASP G 254 -9.55 -12.43 14.37
CA ASP G 254 -8.80 -11.24 13.95
C ASP G 254 -7.34 -11.58 13.68
N ASP G 255 -6.84 -12.63 14.32
CA ASP G 255 -5.45 -12.99 14.09
C ASP G 255 -5.36 -13.75 12.78
N LEU G 256 -6.38 -14.54 12.48
CA LEU G 256 -6.46 -15.24 11.20
C LEU G 256 -6.53 -14.23 10.06
N LEU G 257 -7.27 -13.13 10.26
CA LEU G 257 -7.34 -12.12 9.23
C LEU G 257 -6.00 -11.42 8.98
N GLU G 258 -5.31 -11.00 10.04
CA GLU G 258 -4.09 -10.23 9.82
C GLU G 258 -2.85 -11.08 9.65
N SER G 259 -3.01 -12.39 9.80
CA SER G 259 -1.94 -13.33 9.51
C SER G 259 -2.09 -13.85 8.09
N ASP G 260 -3.10 -13.33 7.37
CA ASP G 260 -3.42 -13.75 6.00
C ASP G 260 -3.70 -15.24 5.90
N SER G 261 -4.48 -15.76 6.86
CA SER G 261 -4.86 -17.18 6.85
C SER G 261 -6.24 -17.41 6.26
N ILE G 262 -7.11 -16.41 6.28
CA ILE G 262 -8.44 -16.59 5.71
C ILE G 262 -8.33 -16.19 4.26
N ALA G 263 -8.55 -17.17 3.41
CA ALA G 263 -8.32 -17.02 1.98
C ALA G 263 -9.52 -17.48 1.22
N GLY G 264 -9.54 -17.18 -0.06
CA GLY G 264 -10.60 -17.67 -0.89
C GLY G 264 -10.11 -18.02 -2.26
N GLN G 265 -10.94 -18.76 -2.97
CA GLN G 265 -10.63 -19.19 -4.32
C GLN G 265 -11.79 -18.85 -5.23
N ILE G 266 -11.50 -18.33 -6.40
CA ILE G 266 -12.59 -18.10 -7.33
C ILE G 266 -12.80 -19.43 -8.01
N VAL G 267 -13.99 -19.99 -7.86
CA VAL G 267 -14.23 -21.31 -8.41
C VAL G 267 -15.13 -21.26 -9.62
N TYR G 268 -15.89 -20.20 -9.73
CA TYR G 268 -16.76 -20.07 -10.90
C TYR G 268 -16.97 -18.62 -11.33
N VAL G 269 -16.91 -18.38 -12.63
CA VAL G 269 -17.17 -17.05 -13.17
C VAL G 269 -18.28 -17.07 -14.22
N ASP G 270 -19.30 -16.23 -14.01
CA ASP G 270 -20.42 -16.11 -14.94
C ASP G 270 -20.35 -14.77 -15.69
N LEU G 271 -20.03 -14.82 -16.99
CA LEU G 271 -19.81 -13.61 -17.78
C LEU G 271 -21.09 -13.06 -18.42
N SER G 272 -22.22 -13.69 -18.13
CA SER G 272 -23.50 -13.21 -18.68
C SER G 272 -24.30 -12.52 -17.59
N SER G 273 -24.23 -13.05 -16.38
CA SER G 273 -24.94 -12.49 -15.23
C SER G 273 -23.99 -11.66 -14.38
N TYR G 274 -22.70 -11.76 -14.67
CA TYR G 274 -21.65 -11.01 -14.00
C TYR G 274 -21.54 -11.27 -12.52
N TYR G 275 -21.32 -12.52 -12.16
CA TYR G 275 -21.09 -12.87 -10.77
C TYR G 275 -20.01 -13.91 -10.67
N ILE G 276 -19.37 -13.97 -9.50
CA ILE G 276 -18.36 -14.98 -9.26
C ILE G 276 -18.71 -15.78 -8.01
N ILE G 277 -18.35 -17.04 -7.99
CA ILE G 277 -18.55 -17.85 -6.81
C ILE G 277 -17.20 -18.01 -6.15
N VAL G 278 -17.14 -17.58 -4.90
CA VAL G 278 -15.92 -17.61 -4.14
C VAL G 278 -16.00 -18.59 -2.99
N ARG G 279 -15.05 -19.48 -2.93
CA ARG G 279 -14.96 -20.41 -1.84
C ARG G 279 -14.05 -19.83 -0.79
N VAL G 280 -14.55 -19.68 0.42
CA VAL G 280 -13.79 -19.06 1.49
C VAL G 280 -13.36 -20.11 2.50
N TYR G 281 -12.05 -20.14 2.75
CA TYR G 281 -11.40 -21.09 3.63
C TYR G 281 -11.25 -20.52 5.02
N PHE G 282 -11.77 -21.25 6.01
CA PHE G 282 -11.70 -20.85 7.40
C PHE G 282 -10.92 -21.88 8.20
N PRO G 283 -9.61 -21.67 8.35
CA PRO G 283 -8.78 -22.62 9.09
C PRO G 283 -8.74 -22.33 10.58
N ILE G 284 -8.09 -23.23 11.32
CA ILE G 284 -7.92 -23.09 12.75
C ILE G 284 -6.42 -23.00 13.01
N LEU G 285 -6.03 -22.35 14.11
CA LEU G 285 -4.61 -22.25 14.40
C LEU G 285 -4.12 -23.40 15.25
N THR G 286 -3.13 -24.10 14.72
CA THR G 286 -2.54 -25.23 15.40
C THR G 286 -1.32 -24.75 16.18
N GLU G 287 -1.31 -25.03 17.47
CA GLU G 287 -0.18 -24.63 18.28
C GLU G 287 0.91 -25.62 17.97
N ILE G 288 2.09 -25.14 17.63
CA ILE G 288 3.16 -26.05 17.29
C ILE G 288 3.78 -26.48 18.59
N GLN G 289 3.84 -27.78 18.82
CA GLN G 289 4.31 -28.27 20.10
C GLN G 289 5.81 -28.22 20.18
N GLN G 290 6.32 -27.96 21.37
CA GLN G 290 7.76 -27.85 21.60
C GLN G 290 8.34 -26.82 20.64
N ALA G 291 7.64 -25.70 20.50
CA ALA G 291 8.11 -24.67 19.61
C ALA G 291 7.77 -23.29 20.13
N TYR G 292 8.70 -22.37 19.92
CA TYR G 292 8.51 -20.99 20.29
C TYR G 292 9.43 -20.09 19.49
N VAL G 293 9.11 -18.80 19.46
CA VAL G 293 9.96 -17.82 18.82
C VAL G 293 10.47 -16.87 19.88
N GLN G 294 11.78 -16.80 20.01
CA GLN G 294 12.39 -15.95 21.02
C GLN G 294 12.85 -14.65 20.44
N GLU G 295 12.29 -13.55 20.92
CA GLU G 295 12.74 -12.25 20.47
C GLU G 295 13.94 -11.80 21.30
N LEU G 296 14.89 -11.18 20.64
CA LEU G 296 16.03 -10.58 21.31
C LEU G 296 15.88 -9.08 21.16
N LEU G 297 16.20 -8.33 22.20
CA LEU G 297 16.11 -6.88 22.14
C LEU G 297 17.51 -6.32 21.95
N PRO G 298 17.83 -5.78 20.77
CA PRO G 298 19.15 -5.29 20.43
C PRO G 298 19.45 -4.03 21.23
N VAL G 299 20.59 -4.04 21.90
CA VAL G 299 21.08 -2.93 22.71
C VAL G 299 22.52 -2.64 22.33
N SER G 300 22.84 -1.39 22.07
CA SER G 300 24.19 -1.06 21.71
C SER G 300 25.14 -1.29 22.88
N PHE G 301 26.39 -1.63 22.59
CA PHE G 301 27.36 -1.86 23.65
C PHE G 301 28.73 -1.29 23.30
N ASN G 302 29.56 -1.12 24.32
CA ASN G 302 30.90 -0.57 24.17
C ASN G 302 32.00 -1.60 23.88
N ASN G 303 32.85 -1.29 22.91
CA ASN G 303 34.02 -2.13 22.65
C ASN G 303 35.11 -1.35 21.92
N ASP G 304 36.29 -1.25 22.52
CA ASP G 304 37.40 -0.51 21.93
C ASP G 304 37.04 0.96 21.66
N ASN G 305 36.46 1.60 22.67
CA ASN G 305 36.09 3.02 22.62
C ASN G 305 35.15 3.38 21.48
N SER G 306 34.19 2.52 21.18
CA SER G 306 33.18 2.82 20.19
C SER G 306 31.92 2.03 20.49
N GLU G 307 30.80 2.46 19.91
CA GLU G 307 29.52 1.82 20.15
C GLU G 307 29.17 0.84 19.04
N TRP G 308 28.72 -0.35 19.43
CA TRP G 308 28.41 -1.43 18.50
C TRP G 308 27.03 -2.03 18.70
N ILE G 309 26.43 -2.49 17.61
CA ILE G 309 25.18 -3.23 17.71
C ILE G 309 25.44 -4.63 17.15
N SER G 310 24.91 -5.67 17.78
CA SER G 310 25.15 -7.01 17.27
C SER G 310 24.23 -7.38 16.13
N ILE G 311 24.77 -8.10 15.15
CA ILE G 311 24.01 -8.56 14.01
C ILE G 311 23.73 -10.05 14.10
N VAL G 312 22.59 -10.36 14.67
CA VAL G 312 22.08 -11.71 14.84
C VAL G 312 20.62 -11.61 14.46
N PRO G 313 19.91 -12.70 14.22
CA PRO G 313 18.47 -12.70 14.07
C PRO G 313 17.86 -12.17 15.35
N ASN G 314 16.88 -11.26 15.25
CA ASN G 314 16.25 -10.78 16.47
C ASN G 314 15.01 -11.60 16.79
N PHE G 315 14.74 -12.59 15.93
CA PHE G 315 13.68 -13.56 16.12
C PHE G 315 14.21 -14.94 15.82
N VAL G 316 14.41 -15.71 16.88
CA VAL G 316 14.98 -17.03 16.72
C VAL G 316 13.91 -18.09 16.93
N LEU G 317 13.73 -18.95 15.93
CA LEU G 317 12.71 -19.99 16.04
C LEU G 317 13.31 -21.26 16.57
N ILE G 318 12.73 -21.72 17.65
CA ILE G 318 13.24 -22.91 18.27
C ILE G 318 12.18 -23.99 18.28
N ARG G 319 12.55 -25.14 17.77
CA ARG G 319 11.67 -26.30 17.71
C ARG G 319 12.44 -27.46 18.27
N ASN G 320 11.90 -28.11 19.28
CA ASN G 320 12.64 -29.14 19.99
C ASN G 320 13.94 -28.50 20.48
N THR G 321 15.09 -28.99 20.02
CA THR G 321 16.37 -28.42 20.43
C THR G 321 17.08 -27.77 19.25
N LEU G 322 16.36 -27.63 18.14
CA LEU G 322 16.93 -27.06 16.93
C LEU G 322 16.70 -25.56 16.89
N ILE G 323 17.75 -24.84 16.52
CA ILE G 323 17.68 -23.39 16.39
C ILE G 323 17.75 -23.02 14.92
N SER G 324 16.75 -22.27 14.46
CA SER G 324 16.67 -21.86 13.07
C SER G 324 16.17 -20.43 12.95
N ASN G 325 16.21 -19.89 11.74
CA ASN G 325 15.76 -18.53 11.51
C ASN G 325 14.29 -18.54 11.16
N ILE G 326 13.59 -17.45 11.43
CA ILE G 326 12.20 -17.35 11.02
C ILE G 326 11.91 -16.05 10.30
N GLU G 327 11.25 -16.15 9.15
CA GLU G 327 10.91 -14.95 8.39
C GLU G 327 9.62 -14.34 8.90
N VAL G 328 9.71 -13.72 10.07
CA VAL G 328 8.53 -13.17 10.74
C VAL G 328 7.93 -11.99 9.99
N LYS G 329 8.65 -11.47 9.00
CA LYS G 329 8.15 -10.38 8.17
C LYS G 329 6.91 -10.80 7.39
N TYR G 330 6.68 -12.12 7.30
CA TYR G 330 5.48 -12.66 6.65
C TYR G 330 4.42 -13.19 7.64
N CYS G 331 4.63 -12.98 8.95
CA CYS G 331 3.79 -13.51 10.02
C CYS G 331 3.22 -12.37 10.86
N LEU G 332 2.11 -12.65 11.57
CA LEU G 332 1.50 -11.71 12.51
C LEU G 332 2.12 -11.89 13.87
N ILE G 333 2.70 -10.83 14.41
CA ILE G 333 3.34 -10.96 15.71
C ILE G 333 2.47 -10.27 16.74
N THR G 334 2.00 -11.05 17.70
CA THR G 334 1.19 -10.55 18.78
C THR G 334 2.08 -10.63 20.01
N LYS G 335 1.61 -10.16 21.15
CA LYS G 335 2.43 -10.25 22.35
C LYS G 335 2.59 -11.70 22.84
N LYS G 336 1.73 -12.59 22.37
CA LYS G 336 1.73 -13.95 22.87
C LYS G 336 2.24 -14.99 21.88
N SER G 337 2.04 -14.74 20.59
CA SER G 337 2.39 -15.72 19.58
C SER G 337 2.80 -15.13 18.24
N VAL G 338 3.52 -15.93 17.46
CA VAL G 338 3.83 -15.59 16.09
C VAL G 338 2.96 -16.48 15.20
N ILE G 339 2.02 -15.85 14.51
CA ILE G 339 1.04 -16.58 13.74
C ILE G 339 1.31 -16.48 12.24
N CYS G 340 1.68 -17.61 11.64
CA CYS G 340 2.08 -17.71 10.24
C CYS G 340 1.02 -18.49 9.46
N ASN G 341 0.91 -18.21 8.14
CA ASN G 341 -0.01 -18.94 7.26
C ASN G 341 0.68 -20.12 6.57
N GLN G 342 1.91 -20.39 6.99
CA GLN G 342 2.73 -21.50 6.55
C GLN G 342 3.96 -21.56 7.42
N ASP G 343 4.76 -22.60 7.30
CA ASP G 343 5.99 -22.70 8.05
C ASP G 343 7.08 -21.83 7.41
N TYR G 344 7.53 -20.79 8.11
CA TYR G 344 8.52 -19.86 7.58
C TYR G 344 9.90 -20.06 8.21
N ALA G 345 10.16 -21.28 8.68
CA ALA G 345 11.47 -21.61 9.20
C ALA G 345 12.49 -21.63 8.06
N THR G 346 13.68 -21.09 8.30
CA THR G 346 14.75 -21.11 7.32
C THR G 346 16.05 -21.56 7.99
N PRO G 347 17.06 -22.03 7.23
CA PRO G 347 18.37 -22.44 7.69
C PRO G 347 19.11 -21.32 8.38
N MET G 348 20.01 -21.73 9.26
CA MET G 348 20.90 -20.86 10.02
C MET G 348 22.32 -21.40 9.85
N THR G 349 23.30 -20.52 9.77
CA THR G 349 24.67 -21.01 9.59
C THR G 349 25.17 -21.58 10.90
N ALA G 350 26.24 -22.36 10.83
CA ALA G 350 26.80 -22.93 12.04
C ALA G 350 27.33 -21.83 12.96
N SER G 351 27.90 -20.78 12.37
CA SER G 351 28.48 -19.71 13.18
C SER G 351 27.43 -18.93 13.94
N VAL G 352 26.27 -18.67 13.32
CA VAL G 352 25.21 -17.96 14.01
C VAL G 352 24.65 -18.83 15.12
N ARG G 353 24.47 -20.13 14.85
CA ARG G 353 23.97 -20.99 15.90
C ARG G 353 24.96 -21.04 17.05
N GLU G 354 26.26 -21.13 16.75
CA GLU G 354 27.30 -21.13 17.78
C GLU G 354 27.28 -19.84 18.61
N CYS G 355 27.06 -18.67 17.96
CA CYS G 355 26.85 -17.37 18.59
C CYS G 355 25.72 -17.45 19.62
N LEU G 356 24.55 -17.93 19.18
CA LEU G 356 23.35 -18.04 19.98
C LEU G 356 23.48 -19.02 21.16
N THR G 357 24.37 -19.99 21.04
CA THR G 357 24.59 -20.96 22.11
C THR G 357 25.80 -20.61 23.00
N GLY G 358 26.39 -19.42 22.86
CA GLY G 358 27.45 -18.99 23.79
C GLY G 358 28.80 -18.58 23.18
N SER G 359 29.06 -18.89 21.92
CA SER G 359 30.34 -18.51 21.34
C SER G 359 30.28 -17.09 20.82
N THR G 360 30.45 -16.13 21.73
CA THR G 360 30.28 -14.72 21.38
C THR G 360 31.38 -14.21 20.45
N ASP G 361 32.46 -14.98 20.30
CA ASP G 361 33.51 -14.62 19.37
C ASP G 361 33.05 -14.85 17.93
N LYS G 362 31.94 -15.57 17.78
CA LYS G 362 31.31 -15.82 16.48
C LYS G 362 30.18 -14.84 16.12
N CYS G 363 29.83 -13.89 17.03
CA CYS G 363 28.71 -12.96 16.84
C CYS G 363 29.20 -11.67 16.12
N PRO G 364 28.75 -11.36 14.87
CA PRO G 364 29.13 -10.18 14.09
C PRO G 364 28.61 -8.90 14.74
N ARG G 365 29.37 -7.82 14.63
CA ARG G 365 28.94 -6.53 15.15
C ARG G 365 29.06 -5.41 14.13
N GLU G 366 28.10 -4.51 14.12
CA GLU G 366 28.13 -3.38 13.20
C GLU G 366 28.35 -2.10 13.99
N LEU G 367 29.20 -1.23 13.47
CA LEU G 367 29.50 0.01 14.15
C LEU G 367 28.30 0.93 14.18
N VAL G 368 28.05 1.53 15.34
CA VAL G 368 26.99 2.50 15.46
C VAL G 368 27.50 3.90 15.20
N VAL G 369 26.90 4.56 14.22
CA VAL G 369 27.26 5.93 13.89
C VAL G 369 26.05 6.84 14.09
N SER G 370 24.90 6.22 14.38
CA SER G 370 23.63 6.90 14.56
C SER G 370 23.39 7.30 16.00
N SER G 371 22.63 8.37 16.19
CA SER G 371 22.28 8.87 17.52
C SER G 371 20.97 8.26 18.03
N HIS G 372 20.33 7.42 17.21
CA HIS G 372 19.05 6.83 17.58
C HIS G 372 19.06 5.31 17.54
N VAL G 373 19.65 4.72 18.56
CA VAL G 373 19.70 3.28 18.70
C VAL G 373 19.27 2.99 20.12
N PRO G 374 18.75 1.80 20.42
CA PRO G 374 18.51 1.37 21.77
C PRO G 374 19.82 1.37 22.51
N ARG G 375 19.87 2.03 23.66
CA ARG G 375 21.10 2.03 24.44
C ARG G 375 20.85 1.27 25.73
N PHE G 376 19.62 0.82 25.90
CA PHE G 376 19.26 0.00 27.04
C PHE G 376 18.00 -0.81 26.79
N ALA G 377 17.82 -1.86 27.58
CA ALA G 377 16.60 -2.65 27.55
C ALA G 377 16.30 -3.23 28.92
N LEU G 378 15.03 -3.45 29.19
CA LEU G 378 14.60 -4.02 30.45
C LEU G 378 14.17 -5.46 30.25
N SER G 379 14.73 -6.39 31.02
CA SER G 379 14.33 -7.78 30.92
C SER G 379 14.39 -8.50 32.26
N GLY G 380 13.24 -9.01 32.70
CA GLY G 380 13.18 -9.71 33.99
C GLY G 380 13.20 -8.71 35.13
N GLY G 381 12.98 -7.44 34.79
CA GLY G 381 13.04 -6.36 35.76
C GLY G 381 14.47 -5.83 35.89
N VAL G 382 15.39 -6.44 35.16
CA VAL G 382 16.79 -6.07 35.19
C VAL G 382 17.14 -5.18 34.02
N LEU G 383 17.90 -4.13 34.29
CA LEU G 383 18.24 -3.18 33.25
C LEU G 383 19.61 -3.45 32.64
N PHE G 384 19.64 -3.55 31.32
CA PHE G 384 20.87 -3.75 30.59
C PHE G 384 21.16 -2.47 29.83
N ALA G 385 22.27 -1.81 30.14
CA ALA G 385 22.49 -0.50 29.52
C ALA G 385 23.94 -0.20 29.21
N ASN G 386 24.13 0.57 28.15
CA ASN G 386 25.44 1.09 27.78
C ASN G 386 25.65 2.44 28.44
N CYS G 387 26.19 2.44 29.66
CA CYS G 387 26.27 3.64 30.51
C CYS G 387 27.44 4.56 30.13
N ILE G 388 28.06 4.30 28.96
CA ILE G 388 29.06 5.16 28.34
C ILE G 388 28.32 6.09 27.37
N SER G 389 27.26 5.57 26.75
CA SER G 389 26.48 6.35 25.78
C SER G 389 25.23 7.00 26.38
N VAL G 390 24.79 6.52 27.56
CA VAL G 390 23.66 7.15 28.26
C VAL G 390 24.13 7.56 29.63
N THR G 391 23.39 8.44 30.27
CA THR G 391 23.76 8.78 31.63
C THR G 391 22.91 7.97 32.62
N CYS G 392 23.59 7.03 33.30
CA CYS G 392 23.00 6.14 34.30
C CYS G 392 23.32 6.73 35.67
N GLN G 393 22.28 7.14 36.40
CA GLN G 393 22.36 7.75 37.73
C GLN G 393 21.46 6.99 38.68
N CYS G 394 21.91 6.72 39.92
CA CYS G 394 21.10 6.00 40.88
C CYS G 394 20.20 6.96 41.67
N GLN G 395 18.88 6.75 41.61
CA GLN G 395 17.86 7.59 42.26
C GLN G 395 17.97 7.57 43.78
N THR G 396 18.34 6.41 44.30
CA THR G 396 18.43 6.18 45.73
C THR G 396 19.61 6.90 46.39
N THR G 397 20.73 7.00 45.68
CA THR G 397 21.94 7.60 46.26
C THR G 397 22.39 8.91 45.61
N GLY G 398 21.99 9.16 44.37
CA GLY G 398 22.44 10.32 43.62
C GLY G 398 23.80 10.08 42.96
N ARG G 399 24.33 8.86 43.12
CA ARG G 399 25.63 8.50 42.59
C ARG G 399 25.54 8.11 41.13
N ALA G 400 26.60 8.37 40.38
CA ALA G 400 26.65 7.93 38.99
C ALA G 400 26.97 6.45 38.93
N ILE G 401 26.45 5.79 37.91
CA ILE G 401 26.78 4.40 37.64
C ILE G 401 27.83 4.38 36.55
N SER G 402 29.04 3.95 36.91
CA SER G 402 30.17 4.04 36.01
C SER G 402 30.54 2.74 35.33
N GLN G 403 30.61 2.79 34.01
CA GLN G 403 31.01 1.67 33.18
C GLN G 403 32.43 1.87 32.72
N SER G 404 33.27 0.87 32.93
CA SER G 404 34.66 0.95 32.53
C SER G 404 34.80 0.64 31.04
N GLY G 405 35.95 0.99 30.47
CA GLY G 405 36.20 0.75 29.05
C GLY G 405 36.16 -0.72 28.67
N GLU G 406 36.58 -1.57 29.60
CA GLU G 406 36.61 -3.02 29.39
C GLU G 406 35.23 -3.68 29.39
N GLN G 407 34.21 -2.95 29.82
CA GLN G 407 32.86 -3.48 29.90
C GLN G 407 32.06 -3.10 28.65
N THR G 408 31.26 -4.05 28.17
CA THR G 408 30.35 -3.87 27.05
C THR G 408 29.08 -3.16 27.51
N LEU G 409 28.36 -3.84 28.39
CA LEU G 409 27.17 -3.31 29.04
C LEU G 409 27.32 -3.43 30.53
N LEU G 410 26.58 -2.60 31.25
CA LEU G 410 26.42 -2.86 32.65
C LEU G 410 25.07 -3.47 32.90
N MET G 411 25.04 -4.35 33.86
CA MET G 411 23.80 -4.84 34.36
C MET G 411 23.47 -4.06 35.60
N ILE G 412 22.32 -3.44 35.60
CA ILE G 412 21.90 -2.70 36.74
C ILE G 412 20.69 -3.41 37.32
N ASP G 413 20.81 -3.85 38.56
CA ASP G 413 19.67 -4.46 39.22
C ASP G 413 19.69 -3.90 40.63
N ASN G 414 18.75 -4.36 41.47
CA ASN G 414 18.55 -3.77 42.79
C ASN G 414 19.54 -4.27 43.86
N THR G 415 20.57 -5.07 43.47
CA THR G 415 21.61 -5.51 44.40
C THR G 415 22.71 -4.44 44.40
N THR G 416 22.60 -3.51 43.45
CA THR G 416 23.51 -2.37 43.30
C THR G 416 22.77 -1.03 43.45
N CYS G 417 21.62 -0.88 42.77
CA CYS G 417 20.78 0.32 42.77
C CYS G 417 19.31 -0.07 42.61
N THR G 418 18.49 0.16 43.66
CA THR G 418 17.07 -0.23 43.68
C THR G 418 16.21 0.55 42.69
N THR G 419 16.47 1.84 42.55
CA THR G 419 15.75 2.66 41.58
C THR G 419 16.75 3.47 40.77
N VAL G 420 16.71 3.34 39.46
CA VAL G 420 17.72 3.97 38.61
C VAL G 420 17.14 4.98 37.64
N VAL G 421 17.92 6.01 37.34
CA VAL G 421 17.54 7.05 36.42
C VAL G 421 18.38 6.99 35.14
N LEU G 422 17.71 6.81 34.02
CA LEU G 422 18.38 6.86 32.72
C LEU G 422 17.78 8.00 31.92
N GLY G 423 18.52 9.09 31.81
CA GLY G 423 17.94 10.29 31.22
C GLY G 423 16.81 10.78 32.15
N ASN G 424 15.60 10.94 31.61
CA ASN G 424 14.48 11.40 32.42
C ASN G 424 13.53 10.26 32.78
N ILE G 425 14.01 9.02 32.65
CA ILE G 425 13.21 7.83 32.94
C ILE G 425 13.64 7.17 34.24
N ILE G 426 12.70 7.04 35.18
CA ILE G 426 13.03 6.44 36.46
C ILE G 426 12.46 5.02 36.54
N ILE G 427 13.33 4.03 36.69
CA ILE G 427 12.93 2.63 36.69
C ILE G 427 13.19 1.96 38.03
N SER G 428 12.16 1.35 38.61
CA SER G 428 12.35 0.54 39.82
C SER G 428 12.73 -0.86 39.36
N LEU G 429 13.88 -1.32 39.82
CA LEU G 429 14.45 -2.57 39.31
C LEU G 429 14.22 -3.79 40.19
N GLY G 430 14.27 -4.96 39.55
CA GLY G 430 14.21 -6.25 40.23
C GLY G 430 15.63 -6.81 40.40
N LYS G 431 15.73 -8.12 40.62
CA LYS G 431 17.01 -8.79 40.84
C LYS G 431 17.36 -9.73 39.68
N TYR G 432 18.64 -9.76 39.31
CA TYR G 432 19.11 -10.67 38.28
C TYR G 432 19.28 -12.08 38.80
N LEU G 433 18.72 -13.05 38.08
CA LEU G 433 18.74 -14.44 38.50
C LEU G 433 19.91 -15.23 37.93
N GLY G 434 20.81 -14.54 37.24
CA GLY G 434 22.00 -15.15 36.67
C GLY G 434 23.18 -14.92 37.61
N SER G 435 24.39 -14.85 37.07
CA SER G 435 25.56 -14.70 37.94
C SER G 435 25.63 -13.35 38.63
N ILE G 436 25.94 -13.39 39.93
CA ILE G 436 26.14 -12.19 40.75
C ILE G 436 27.38 -11.41 40.30
N ASN G 437 28.25 -12.08 39.57
CA ASN G 437 29.49 -11.50 39.08
C ASN G 437 29.37 -11.12 37.61
N TYR G 438 28.15 -10.97 37.12
CA TYR G 438 27.92 -10.62 35.72
C TYR G 438 28.83 -9.48 35.24
N ASN G 439 28.88 -8.39 36.00
CA ASN G 439 29.61 -7.19 35.59
C ASN G 439 31.12 -7.32 35.75
N SER G 440 31.55 -8.38 36.42
CA SER G 440 32.95 -8.57 36.72
C SER G 440 33.64 -9.48 35.71
N GLU G 441 32.87 -10.09 34.81
CA GLU G 441 33.47 -11.04 33.88
C GLU G 441 33.32 -10.61 32.43
N SER G 442 34.46 -10.42 31.78
CA SER G 442 34.51 -10.00 30.38
C SER G 442 34.29 -11.16 29.43
N ILE G 443 33.99 -10.85 28.18
CA ILE G 443 33.81 -11.85 27.15
C ILE G 443 34.58 -11.53 25.88
N ALA G 444 34.76 -12.53 25.04
CA ALA G 444 35.29 -12.30 23.70
C ALA G 444 34.21 -11.62 22.88
N VAL G 445 34.61 -10.70 22.03
CA VAL G 445 33.69 -10.01 21.15
C VAL G 445 34.04 -10.33 19.70
N GLY G 446 33.02 -10.65 18.89
CA GLY G 446 33.21 -11.11 17.51
C GLY G 446 33.67 -10.00 16.56
N PRO G 447 33.78 -10.31 15.27
CA PRO G 447 34.31 -9.46 14.21
C PRO G 447 33.32 -8.38 13.81
N PRO G 448 33.81 -7.23 13.33
CA PRO G 448 33.03 -6.17 12.74
C PRO G 448 32.55 -6.54 11.35
N VAL G 449 31.34 -6.15 11.03
CA VAL G 449 30.76 -6.33 9.70
C VAL G 449 30.06 -5.08 9.25
N TYR G 450 29.79 -4.99 7.97
CA TYR G 450 28.99 -3.90 7.42
C TYR G 450 27.83 -4.53 6.66
N THR G 451 26.61 -4.02 6.88
CA THR G 451 25.45 -4.64 6.24
C THR G 451 24.88 -3.85 5.06
N ASP G 452 25.39 -2.65 4.78
CA ASP G 452 24.84 -1.90 3.66
C ASP G 452 24.99 -2.74 2.42
N LYS G 453 23.97 -2.71 1.56
CA LYS G 453 23.95 -3.52 0.36
C LYS G 453 25.19 -3.23 -0.51
N VAL G 454 25.64 -1.97 -0.52
CA VAL G 454 26.83 -1.59 -1.26
C VAL G 454 28.07 -2.15 -0.58
N ASP G 455 28.07 -2.08 0.75
CA ASP G 455 29.19 -2.59 1.54
C ASP G 455 29.36 -4.08 1.33
N ILE G 456 28.27 -4.82 1.12
CA ILE G 456 28.40 -6.25 0.89
C ILE G 456 29.17 -6.51 -0.40
N SER G 457 28.82 -5.79 -1.46
CA SER G 457 29.54 -5.98 -2.73
C SER G 457 31.00 -5.58 -2.61
N SER G 458 31.26 -4.50 -1.87
CA SER G 458 32.63 -4.03 -1.67
C SER G 458 33.45 -5.06 -0.89
N GLN G 459 32.87 -5.63 0.16
CA GLN G 459 33.58 -6.62 0.96
C GLN G 459 33.91 -7.86 0.15
N ILE G 460 33.00 -8.29 -0.73
CA ILE G 460 33.25 -9.47 -1.53
C ILE G 460 34.42 -9.27 -2.48
N SER G 461 34.45 -8.14 -3.19
CA SER G 461 35.54 -7.91 -4.13
C SER G 461 36.88 -7.69 -3.40
N SER G 462 36.84 -7.09 -2.21
CA SER G 462 38.06 -6.86 -1.47
C SER G 462 38.68 -8.17 -0.97
N MET G 463 37.82 -9.06 -0.46
CA MET G 463 38.28 -10.38 -0.02
C MET G 463 38.83 -11.19 -1.19
N ASN G 464 38.20 -11.05 -2.37
CA ASN G 464 38.58 -11.76 -3.58
C ASN G 464 39.99 -11.37 -4.07
N GLN G 465 40.37 -10.08 -3.96
CA GLN G 465 41.70 -9.60 -4.33
C GLN G 465 42.77 -10.08 -3.34
N SER G 466 42.42 -10.12 -2.05
CA SER G 466 43.31 -10.66 -1.04
C SER G 466 43.52 -12.15 -1.31
N LEU G 467 42.43 -12.83 -1.69
CA LEU G 467 42.47 -14.25 -2.01
C LEU G 467 43.36 -14.53 -3.19
N GLN G 468 43.29 -13.70 -4.23
CA GLN G 468 44.15 -13.89 -5.39
C GLN G 468 45.63 -13.69 -5.05
N GLN G 469 45.93 -12.78 -4.12
CA GLN G 469 47.33 -12.60 -3.70
C GLN G 469 47.83 -13.83 -2.96
N SER G 470 46.98 -14.36 -2.09
CA SER G 470 47.27 -15.58 -1.33
C SER G 470 47.41 -16.81 -2.25
N LYS G 471 46.50 -16.90 -3.24
CA LYS G 471 46.42 -17.94 -4.26
C LYS G 471 46.95 -17.35 -5.58
N GLN H 1 -12.80 -21.09 30.65
CA GLN H 1 -13.74 -21.19 29.53
C GLN H 1 -14.77 -20.05 29.59
N ILE H 2 -15.68 -20.02 28.60
CA ILE H 2 -16.84 -19.12 28.62
C ILE H 2 -18.00 -19.88 29.21
N VAL H 3 -18.49 -19.36 30.33
CA VAL H 3 -19.57 -20.01 31.03
C VAL H 3 -20.90 -19.46 30.57
N LEU H 4 -21.79 -20.35 30.18
CA LEU H 4 -23.11 -19.95 29.73
C LEU H 4 -24.11 -20.33 30.79
N THR H 5 -24.95 -19.38 31.16
CA THR H 5 -25.95 -19.63 32.17
C THR H 5 -27.33 -19.33 31.63
N GLN H 6 -28.29 -20.14 32.03
CA GLN H 6 -29.65 -19.97 31.55
C GLN H 6 -30.64 -20.03 32.69
N SER H 7 -30.98 -18.89 33.24
CA SER H 7 -31.88 -18.87 34.38
C SER H 7 -33.20 -18.22 33.99
N PRO H 8 -34.31 -18.71 34.52
CA PRO H 8 -34.52 -19.90 35.35
C PRO H 8 -34.31 -21.21 34.62
N ALA H 9 -33.90 -22.24 35.39
CA ALA H 9 -33.67 -23.59 34.89
C ALA H 9 -34.93 -24.23 34.33
N ILE H 10 -36.08 -23.92 34.92
CA ILE H 10 -37.34 -24.48 34.43
C ILE H 10 -38.33 -23.35 34.17
N MET H 11 -38.93 -23.38 32.99
CA MET H 11 -39.94 -22.42 32.58
C MET H 11 -41.19 -23.16 32.15
N SER H 12 -42.32 -22.48 32.18
CA SER H 12 -43.54 -23.09 31.70
C SER H 12 -44.34 -22.12 30.85
N ALA H 13 -45.11 -22.67 29.93
CA ALA H 13 -45.97 -21.86 29.08
C ALA H 13 -47.22 -22.61 28.71
N SER H 14 -48.29 -21.86 28.46
CA SER H 14 -49.54 -22.46 28.03
C SER H 14 -49.52 -22.73 26.54
N LEU H 15 -50.40 -23.59 26.09
CA LEU H 15 -50.49 -23.84 24.66
C LEU H 15 -50.98 -22.59 23.96
N GLY H 16 -50.30 -22.20 22.90
CA GLY H 16 -50.67 -21.04 22.09
C GLY H 16 -50.01 -19.72 22.49
N GLU H 17 -49.33 -19.69 23.64
CA GLU H 17 -48.69 -18.46 24.10
C GLU H 17 -47.21 -18.42 23.74
N ALA H 18 -46.63 -17.22 23.72
CA ALA H 18 -45.19 -17.10 23.47
C ALA H 18 -44.41 -17.19 24.79
N ILE H 19 -43.22 -17.77 24.72
CA ILE H 19 -42.31 -17.84 25.85
C ILE H 19 -40.90 -17.50 25.38
N THR H 20 -40.16 -16.74 26.17
CA THR H 20 -38.79 -16.48 25.79
C THR H 20 -37.82 -17.19 26.72
N LEU H 21 -36.96 -17.98 26.11
CA LEU H 21 -35.92 -18.72 26.80
C LEU H 21 -34.65 -17.89 26.70
N THR H 22 -33.93 -17.71 27.79
CA THR H 22 -32.78 -16.81 27.74
C THR H 22 -31.44 -17.47 28.10
N CYS H 23 -30.34 -16.78 27.74
CA CYS H 23 -28.97 -17.19 28.02
C CYS H 23 -28.06 -15.98 28.20
N SER H 24 -27.15 -16.06 29.19
CA SER H 24 -26.14 -15.04 29.46
C SER H 24 -24.74 -15.65 29.40
N ALA H 25 -23.79 -14.91 28.85
CA ALA H 25 -22.42 -15.41 28.77
C ALA H 25 -21.50 -14.62 29.68
N SER H 26 -20.54 -15.31 30.29
CA SER H 26 -19.53 -14.70 31.15
C SER H 26 -18.57 -13.82 30.35
N SER H 27 -18.54 -14.03 29.05
CA SER H 27 -17.69 -13.27 28.14
C SER H 27 -18.38 -13.22 26.79
N SER H 28 -18.20 -12.14 26.07
CA SER H 28 -18.87 -11.96 24.80
C SER H 28 -18.52 -13.01 23.76
N VAL H 29 -19.54 -13.38 23.00
CA VAL H 29 -19.42 -14.25 21.84
C VAL H 29 -20.12 -13.50 20.71
N SER H 30 -19.86 -13.86 19.47
CA SER H 30 -20.57 -13.17 18.39
C SER H 30 -21.88 -13.84 18.04
N TYR H 31 -21.91 -15.16 18.19
CA TYR H 31 -23.09 -15.93 17.84
C TYR H 31 -23.45 -16.91 18.93
N MET H 32 -24.73 -17.25 19.00
CA MET H 32 -25.14 -18.29 19.90
C MET H 32 -25.96 -19.32 19.15
N HIS H 33 -25.75 -20.59 19.43
CA HIS H 33 -26.54 -21.66 18.83
C HIS H 33 -27.47 -22.21 19.88
N TRP H 34 -28.59 -22.78 19.45
CA TRP H 34 -29.48 -23.41 20.39
C TRP H 34 -29.77 -24.84 19.99
N TYR H 35 -29.84 -25.72 20.97
CA TYR H 35 -30.16 -27.13 20.76
C TYR H 35 -31.40 -27.54 21.52
N GLN H 36 -32.17 -28.43 20.93
CA GLN H 36 -33.34 -28.96 21.59
C GLN H 36 -33.19 -30.44 21.90
N GLN H 37 -33.30 -30.79 23.17
CA GLN H 37 -33.21 -32.21 23.51
C GLN H 37 -34.50 -32.74 24.09
N LYS H 38 -35.12 -33.63 23.33
CA LYS H 38 -36.34 -34.28 23.75
C LYS H 38 -35.95 -35.56 24.46
N SER H 39 -36.80 -36.05 25.33
CA SER H 39 -36.44 -37.24 26.08
C SER H 39 -36.16 -38.42 25.16
N GLY H 40 -35.09 -39.14 25.47
CA GLY H 40 -34.71 -40.35 24.73
C GLY H 40 -33.93 -40.07 23.44
N THR H 41 -33.65 -38.80 23.17
CA THR H 41 -32.97 -38.44 21.92
C THR H 41 -31.78 -37.51 22.18
N SER H 42 -30.82 -37.50 21.26
CA SER H 42 -29.66 -36.62 21.31
C SER H 42 -30.10 -35.17 21.06
N PRO H 43 -29.36 -34.16 21.56
CA PRO H 43 -29.60 -32.75 21.32
C PRO H 43 -29.60 -32.51 19.83
N LYS H 44 -30.56 -31.73 19.35
CA LYS H 44 -30.64 -31.48 17.93
C LYS H 44 -30.64 -29.98 17.66
N LEU H 45 -29.82 -29.56 16.72
CA LEU H 45 -29.68 -28.14 16.45
C LEU H 45 -31.01 -27.53 16.07
N LEU H 46 -31.35 -26.46 16.78
CA LEU H 46 -32.60 -25.76 16.60
C LEU H 46 -32.36 -24.43 15.87
N ILE H 47 -31.53 -23.59 16.48
CA ILE H 47 -31.20 -22.29 15.94
C ILE H 47 -29.71 -22.18 15.76
N TYR H 48 -29.27 -21.65 14.63
CA TYR H 48 -27.84 -21.49 14.46
C TYR H 48 -27.47 -20.06 14.13
N SER H 49 -26.25 -19.71 14.51
CA SER H 49 -25.74 -18.37 14.26
C SER H 49 -26.76 -17.34 14.72
N THR H 50 -27.25 -17.53 15.95
CA THR H 50 -28.17 -16.65 16.67
C THR H 50 -29.61 -16.64 16.18
N SER H 51 -29.85 -16.40 14.89
CA SER H 51 -31.21 -16.20 14.40
C SER H 51 -31.74 -17.21 13.37
N ASN H 52 -30.89 -18.06 12.82
CA ASN H 52 -31.32 -18.91 11.70
C ASN H 52 -31.93 -20.23 12.13
N LEU H 53 -32.92 -20.69 11.38
CA LEU H 53 -33.54 -21.97 11.69
C LEU H 53 -32.84 -23.12 11.02
N ALA H 54 -32.60 -24.17 11.79
CA ALA H 54 -31.96 -25.37 11.30
C ALA H 54 -32.93 -26.14 10.40
N SER H 55 -32.41 -27.17 9.76
CA SER H 55 -33.10 -27.93 8.71
C SER H 55 -34.58 -28.26 8.90
N GLY H 56 -34.93 -28.89 10.02
CA GLY H 56 -36.30 -29.36 10.22
C GLY H 56 -37.08 -28.54 11.24
N VAL H 57 -36.57 -27.37 11.57
CA VAL H 57 -37.13 -26.56 12.65
C VAL H 57 -38.37 -25.76 12.26
N PRO H 58 -39.48 -25.89 13.01
CA PRO H 58 -40.73 -25.16 12.84
C PRO H 58 -40.55 -23.65 12.92
N SER H 59 -41.40 -22.94 12.19
CA SER H 59 -41.42 -21.49 12.09
C SER H 59 -41.75 -20.81 13.43
N ARG H 60 -42.18 -21.61 14.40
CA ARG H 60 -42.50 -21.12 15.74
C ARG H 60 -41.28 -20.55 16.44
N PHE H 61 -40.11 -21.03 16.06
CA PHE H 61 -38.88 -20.64 16.73
C PHE H 61 -38.26 -19.43 16.06
N SER H 62 -37.56 -18.62 16.85
CA SER H 62 -36.74 -17.53 16.34
C SER H 62 -35.72 -17.15 17.39
N GLY H 63 -34.78 -16.27 17.06
CA GLY H 63 -33.84 -15.83 18.09
C GLY H 63 -33.09 -14.58 17.70
N SER H 64 -32.40 -14.02 18.70
CA SER H 64 -31.62 -12.80 18.56
C SER H 64 -30.67 -12.63 19.72
N GLY H 65 -29.90 -11.55 19.69
CA GLY H 65 -28.96 -11.24 20.75
C GLY H 65 -27.60 -10.85 20.23
N SER H 66 -26.72 -10.50 21.15
CA SER H 66 -25.36 -10.08 20.84
C SER H 66 -24.51 -10.10 22.09
N GLY H 67 -23.19 -10.12 21.93
CA GLY H 67 -22.33 -9.94 23.08
C GLY H 67 -22.53 -11.02 24.13
N THR H 68 -23.01 -10.60 25.29
CA THR H 68 -23.23 -11.51 26.41
C THR H 68 -24.68 -11.85 26.68
N PHE H 69 -25.62 -11.38 25.85
CA PHE H 69 -27.00 -11.73 26.12
C PHE H 69 -27.77 -12.18 24.88
N TYR H 70 -28.31 -13.39 24.96
CA TYR H 70 -29.04 -14.02 23.86
C TYR H 70 -30.38 -14.58 24.28
N SER H 71 -31.28 -14.72 23.32
CA SER H 71 -32.55 -15.35 23.60
C SER H 71 -33.09 -16.19 22.45
N LEU H 72 -33.84 -17.22 22.86
CA LEU H 72 -34.58 -18.12 22.00
C LEU H 72 -36.06 -17.90 22.22
N THR H 73 -36.76 -17.47 21.18
CA THR H 73 -38.16 -17.16 21.35
C THR H 73 -39.01 -18.24 20.71
N ILE H 74 -39.97 -18.73 21.46
CA ILE H 74 -40.90 -19.70 20.90
C ILE H 74 -42.28 -19.09 20.86
N SER H 75 -42.77 -18.85 19.66
CA SER H 75 -44.08 -18.26 19.49
C SER H 75 -45.08 -19.38 19.41
N SER H 76 -46.32 -19.15 19.81
CA SER H 76 -47.34 -20.16 19.67
C SER H 76 -46.89 -21.52 20.19
N VAL H 77 -46.43 -21.57 21.44
CA VAL H 77 -45.88 -22.79 22.02
C VAL H 77 -46.85 -23.97 21.92
N GLU H 78 -46.35 -25.12 21.48
CA GLU H 78 -47.17 -26.31 21.37
C GLU H 78 -46.58 -27.49 22.13
N ALA H 79 -47.29 -28.61 22.14
CA ALA H 79 -46.91 -29.79 22.91
C ALA H 79 -45.54 -30.35 22.53
N GLU H 80 -45.12 -30.19 21.28
CA GLU H 80 -43.84 -30.73 20.83
C GLU H 80 -42.65 -29.93 21.37
N ASP H 81 -42.93 -28.82 22.05
CA ASP H 81 -41.88 -27.95 22.53
C ASP H 81 -41.47 -28.30 23.96
N ALA H 82 -41.97 -29.42 24.47
CA ALA H 82 -41.62 -29.87 25.82
C ALA H 82 -40.23 -30.52 25.82
N ALA H 83 -39.20 -29.69 25.88
CA ALA H 83 -37.81 -30.13 25.74
C ALA H 83 -36.84 -29.28 26.53
N ASP H 84 -35.62 -29.81 26.69
CA ASP H 84 -34.53 -29.06 27.31
C ASP H 84 -33.82 -28.26 26.23
N TYR H 85 -33.86 -26.95 26.35
CA TYR H 85 -33.23 -26.09 25.35
C TYR H 85 -31.87 -25.62 25.84
N TYR H 86 -30.85 -25.92 25.06
CA TYR H 86 -29.49 -25.58 25.44
C TYR H 86 -28.93 -24.42 24.65
N CYS H 87 -28.21 -23.55 25.37
CA CYS H 87 -27.46 -22.43 24.84
C CYS H 87 -26.02 -22.91 24.56
N HIS H 88 -25.51 -22.75 23.32
CA HIS H 88 -24.18 -23.22 22.91
C HIS H 88 -23.34 -22.18 22.20
N GLN H 89 -22.08 -22.05 22.60
CA GLN H 89 -21.15 -21.15 21.93
C GLN H 89 -19.96 -21.93 21.41
N TRP H 90 -19.42 -21.50 20.28
CA TRP H 90 -18.25 -22.14 19.69
C TRP H 90 -17.16 -21.11 19.44
N TYR H 91 -17.39 -19.90 19.96
CA TYR H 91 -16.52 -18.77 19.75
C TYR H 91 -15.11 -19.03 20.28
N SER H 92 -15.02 -19.53 21.50
CA SER H 92 -13.70 -19.80 22.08
C SER H 92 -13.63 -21.21 22.59
N TYR H 93 -12.41 -21.74 22.71
CA TYR H 93 -12.23 -23.09 23.21
C TYR H 93 -12.12 -23.10 24.73
N PRO H 94 -12.70 -24.12 25.36
CA PRO H 94 -13.49 -25.21 24.84
C PRO H 94 -14.85 -24.71 24.39
N TRP H 95 -15.47 -25.42 23.47
CA TRP H 95 -16.84 -25.07 23.09
C TRP H 95 -17.70 -25.42 24.28
N THR H 96 -18.70 -24.59 24.58
CA THR H 96 -19.49 -24.85 25.78
C THR H 96 -20.99 -24.76 25.59
N PHE H 97 -21.69 -25.39 26.53
CA PHE H 97 -23.14 -25.38 26.61
C PHE H 97 -23.56 -24.79 27.94
N GLY H 98 -24.75 -24.23 27.99
CA GLY H 98 -25.32 -23.80 29.26
C GLY H 98 -25.90 -25.03 29.94
N GLY H 99 -26.47 -24.88 31.12
CA GLY H 99 -27.03 -26.02 31.83
C GLY H 99 -28.30 -26.53 31.16
N GLY H 100 -28.94 -25.67 30.37
CA GLY H 100 -30.16 -26.00 29.67
C GLY H 100 -31.39 -25.62 30.48
N THR H 101 -32.44 -25.19 29.79
CA THR H 101 -33.69 -24.87 30.46
C THR H 101 -34.78 -25.78 29.96
N LYS H 102 -35.58 -26.28 30.89
CA LYS H 102 -36.70 -27.14 30.49
C LYS H 102 -37.97 -26.35 30.34
N LEU H 103 -38.61 -26.49 29.18
CA LEU H 103 -39.88 -25.84 28.98
C LEU H 103 -41.01 -26.82 29.23
N GLU H 104 -41.84 -26.50 30.21
CA GLU H 104 -42.97 -27.31 30.56
C GLU H 104 -44.20 -26.76 29.86
N ILE H 105 -45.13 -27.64 29.53
CA ILE H 105 -46.36 -27.20 28.89
C ILE H 105 -47.49 -27.29 29.90
N LYS H 106 -48.19 -26.19 30.11
CA LYS H 106 -49.25 -26.18 31.11
C LYS H 106 -50.48 -26.89 30.57
N ARG H 107 -51.08 -27.72 31.42
CA ARG H 107 -52.31 -28.41 31.08
C ARG H 107 -53.24 -28.45 32.29
N ALA H 108 -54.56 -28.31 32.04
CA ALA H 108 -55.60 -28.36 33.08
C ALA H 108 -55.59 -29.72 33.79
N ASP I 1 -26.20 -36.53 4.13
CA ASP I 1 -26.96 -37.64 4.70
C ASP I 1 -26.02 -38.53 5.51
N VAL I 2 -25.63 -38.04 6.71
CA VAL I 2 -24.69 -38.78 7.57
C VAL I 2 -25.35 -39.32 8.81
N GLN I 3 -25.13 -40.59 9.03
CA GLN I 3 -25.64 -41.29 10.17
C GLN I 3 -24.47 -41.59 11.07
N LEU I 4 -24.42 -40.95 12.23
CA LEU I 4 -23.29 -41.18 13.11
C LEU I 4 -23.73 -42.19 14.14
N GLN I 5 -23.02 -43.29 14.22
CA GLN I 5 -23.43 -44.33 15.14
C GLN I 5 -22.31 -44.72 16.08
N GLU I 6 -22.47 -44.39 17.35
CA GLU I 6 -21.44 -44.70 18.31
C GLU I 6 -21.73 -45.99 19.07
N SER I 7 -20.65 -46.69 19.42
CA SER I 7 -20.74 -47.92 20.17
C SER I 7 -19.52 -48.13 21.06
N GLY I 8 -19.68 -48.96 22.07
CA GLY I 8 -18.60 -49.27 22.98
C GLY I 8 -19.18 -49.99 24.18
N PRO I 9 -18.36 -50.32 25.17
CA PRO I 9 -18.75 -51.01 26.37
C PRO I 9 -19.68 -50.11 27.14
N GLY I 10 -20.73 -50.68 27.71
CA GLY I 10 -21.66 -49.89 28.52
C GLY I 10 -21.22 -49.91 29.97
N LEU I 11 -20.13 -50.61 30.23
CA LEU I 11 -19.59 -50.73 31.57
C LEU I 11 -18.10 -51.00 31.55
N VAL I 12 -17.37 -50.14 32.24
CA VAL I 12 -15.93 -50.32 32.41
C VAL I 12 -15.64 -50.10 33.88
N LYS I 13 -14.53 -50.64 34.35
CA LYS I 13 -14.15 -50.45 35.73
C LYS I 13 -13.33 -49.17 35.86
N PRO I 14 -13.24 -48.57 37.04
CA PRO I 14 -12.37 -47.45 37.33
C PRO I 14 -10.97 -47.89 36.99
N SER I 15 -10.17 -46.95 36.51
CA SER I 15 -8.77 -47.19 36.14
C SER I 15 -8.59 -48.02 34.86
N GLN I 16 -9.68 -48.34 34.17
CA GLN I 16 -9.54 -48.98 32.86
C GLN I 16 -9.52 -47.94 31.78
N SER I 17 -9.01 -48.32 30.61
CA SER I 17 -9.05 -47.41 29.48
C SER I 17 -10.33 -47.62 28.71
N LEU I 18 -11.02 -46.52 28.41
CA LEU I 18 -12.28 -46.55 27.68
C LEU I 18 -12.03 -46.27 26.21
N SER I 19 -12.68 -47.03 25.34
CA SER I 19 -12.59 -46.73 23.92
C SER I 19 -13.95 -46.79 23.24
N LEU I 20 -14.42 -45.64 22.78
CA LEU I 20 -15.69 -45.58 22.06
C LEU I 20 -15.45 -45.36 20.59
N THR I 21 -16.23 -46.05 19.78
CA THR I 21 -16.13 -45.94 18.34
C THR I 21 -17.33 -45.24 17.73
N CYS I 22 -17.10 -44.26 16.85
CA CYS I 22 -18.15 -43.60 16.09
C CYS I 22 -18.01 -43.96 14.60
N SER I 23 -18.95 -44.77 14.10
CA SER I 23 -18.98 -45.25 12.73
C SER I 23 -19.76 -44.27 11.92
N VAL I 24 -19.19 -43.81 10.82
CA VAL I 24 -19.90 -42.84 10.04
C VAL I 24 -20.22 -43.36 8.68
N THR I 25 -21.48 -43.29 8.32
CA THR I 25 -21.87 -43.67 6.98
C THR I 25 -22.47 -42.45 6.31
N GLY I 26 -22.30 -42.35 4.99
CA GLY I 26 -22.86 -41.25 4.22
C GLY I 26 -21.83 -40.17 3.84
N TYR I 27 -20.66 -40.18 4.49
CA TYR I 27 -19.61 -39.22 4.18
C TYR I 27 -18.27 -39.76 4.66
N SER I 28 -17.20 -39.45 3.94
CA SER I 28 -15.87 -39.87 4.36
C SER I 28 -15.32 -39.04 5.49
N ILE I 29 -14.80 -39.73 6.50
CA ILE I 29 -14.30 -39.12 7.71
C ILE I 29 -13.03 -38.29 7.42
N THR I 30 -12.42 -38.55 6.26
CA THR I 30 -11.18 -37.89 5.87
C THR I 30 -11.33 -36.75 4.88
N SER I 31 -12.52 -36.57 4.29
CA SER I 31 -12.60 -35.56 3.24
C SER I 31 -13.00 -34.18 3.74
N ASP I 32 -13.71 -34.12 4.86
CA ASP I 32 -14.19 -32.84 5.36
C ASP I 32 -14.62 -32.92 6.82
N TYR I 33 -15.02 -31.77 7.34
CA TYR I 33 -15.63 -31.60 8.65
C TYR I 33 -14.72 -31.87 9.83
N TYR I 34 -15.23 -31.55 11.01
CA TYR I 34 -14.55 -31.82 12.28
C TYR I 34 -15.41 -32.87 12.94
N TRP I 35 -14.77 -33.89 13.52
CA TRP I 35 -15.49 -34.99 14.15
C TRP I 35 -15.38 -34.95 15.66
N ASN I 36 -16.49 -34.56 16.30
CA ASN I 36 -16.57 -34.22 17.71
C ASN I 36 -17.06 -35.31 18.63
N TRP I 37 -16.64 -35.20 19.88
CA TRP I 37 -17.21 -35.94 20.98
C TRP I 37 -17.77 -34.98 22.03
N ILE I 38 -18.96 -35.32 22.52
CA ILE I 38 -19.68 -34.57 23.55
C ILE I 38 -20.22 -35.59 24.54
N ARG I 39 -20.29 -35.24 25.81
CA ARG I 39 -20.90 -36.17 26.75
C ARG I 39 -21.93 -35.48 27.62
N GLN I 40 -22.98 -36.21 27.95
CA GLN I 40 -24.02 -35.68 28.81
C GLN I 40 -24.08 -36.41 30.13
N PHE I 41 -23.89 -35.66 31.19
CA PHE I 41 -23.86 -36.21 32.53
C PHE I 41 -25.28 -36.52 33.00
N PRO I 42 -25.47 -37.34 34.05
CA PRO I 42 -26.75 -37.71 34.64
C PRO I 42 -27.64 -36.52 34.99
N GLY I 43 -27.03 -35.35 35.19
CA GLY I 43 -27.77 -34.13 35.52
C GLY I 43 -28.18 -33.37 34.25
N ASN I 44 -27.94 -34.00 33.10
CA ASN I 44 -28.21 -33.49 31.76
C ASN I 44 -27.35 -32.30 31.34
N LYS I 45 -26.25 -32.10 32.06
CA LYS I 45 -25.29 -31.07 31.68
C LYS I 45 -24.36 -31.56 30.57
N LEU I 46 -24.37 -30.83 29.45
CA LEU I 46 -23.56 -31.20 28.26
C LEU I 46 -22.15 -30.64 28.32
N GLU I 47 -21.19 -31.48 27.98
CA GLU I 47 -19.80 -31.08 27.91
C GLU I 47 -19.16 -31.49 26.60
N TRP I 48 -18.55 -30.53 25.92
CA TRP I 48 -17.81 -30.81 24.70
C TRP I 48 -16.46 -31.38 25.09
N MET I 49 -16.03 -32.46 24.46
CA MET I 49 -14.78 -33.09 24.84
C MET I 49 -13.64 -32.78 23.88
N GLY I 50 -13.95 -32.65 22.60
CA GLY I 50 -12.91 -32.42 21.62
C GLY I 50 -13.29 -32.94 20.25
N TYR I 51 -12.36 -32.82 19.32
CA TYR I 51 -12.55 -33.32 17.96
C TYR I 51 -11.26 -33.69 17.28
N VAL I 52 -11.41 -34.47 16.22
CA VAL I 52 -10.34 -34.74 15.29
C VAL I 52 -10.78 -34.20 13.94
N THR I 53 -9.93 -33.46 13.26
CA THR I 53 -10.33 -32.90 11.97
C THR I 53 -10.17 -33.89 10.83
N TYR I 54 -10.48 -33.44 9.62
CA TYR I 54 -10.36 -34.27 8.44
C TYR I 54 -8.91 -34.68 8.15
N ASP I 55 -7.95 -33.82 8.49
CA ASP I 55 -6.54 -34.13 8.32
C ASP I 55 -5.89 -34.87 9.50
N GLY I 56 -6.62 -35.06 10.60
CA GLY I 56 -6.04 -35.78 11.75
C GLY I 56 -5.65 -34.90 12.93
N SER I 57 -5.80 -33.60 12.79
CA SER I 57 -5.44 -32.68 13.88
C SER I 57 -6.43 -32.77 15.02
N ASN I 58 -5.95 -32.54 16.24
CA ASN I 58 -6.82 -32.60 17.41
C ASN I 58 -7.04 -31.28 18.12
N ASN I 59 -8.19 -31.16 18.78
CA ASN I 59 -8.50 -30.05 19.66
C ASN I 59 -9.36 -30.58 20.80
N TYR I 60 -8.88 -30.45 22.04
CA TYR I 60 -9.56 -31.05 23.18
C TYR I 60 -9.99 -30.03 24.22
N ASN I 61 -10.96 -30.41 25.04
CA ASN I 61 -11.37 -29.63 26.19
C ASN I 61 -10.26 -29.68 27.24
N PRO I 62 -9.67 -28.54 27.62
CA PRO I 62 -8.56 -28.42 28.56
C PRO I 62 -8.76 -29.19 29.87
N SER I 63 -10.00 -29.30 30.35
CA SER I 63 -10.24 -29.96 31.63
C SER I 63 -9.87 -31.44 31.66
N LEU I 64 -9.86 -32.08 30.49
CA LEU I 64 -9.52 -33.48 30.37
C LEU I 64 -8.44 -33.71 29.32
N LYS I 65 -7.70 -32.65 29.02
CA LYS I 65 -6.72 -32.65 27.93
C LYS I 65 -5.69 -33.76 28.04
N ASN I 66 -5.29 -34.10 29.26
CA ASN I 66 -4.23 -35.06 29.46
C ASN I 66 -4.71 -36.51 29.59
N ARG I 67 -6.01 -36.72 29.43
CA ARG I 67 -6.55 -38.07 29.50
C ARG I 67 -7.21 -38.48 28.19
N ILE I 68 -7.27 -37.55 27.25
CA ILE I 68 -8.05 -37.78 26.04
C ILE I 68 -7.23 -37.86 24.77
N SER I 69 -7.61 -38.78 23.92
CA SER I 69 -7.04 -38.91 22.59
C SER I 69 -8.15 -39.25 21.59
N ILE I 70 -8.30 -38.43 20.55
CA ILE I 70 -9.30 -38.72 19.53
C ILE I 70 -8.60 -39.09 18.23
N THR I 71 -8.83 -40.31 17.77
CA THR I 71 -8.13 -40.85 16.62
C THR I 71 -9.06 -41.27 15.51
N ARG I 72 -8.49 -41.66 14.38
CA ARG I 72 -9.27 -42.12 13.23
C ARG I 72 -8.75 -43.43 12.66
N ASP I 73 -9.65 -44.14 12.00
CA ASP I 73 -9.34 -45.32 11.21
C ASP I 73 -10.05 -45.16 9.87
N SER I 74 -9.30 -44.68 8.89
CA SER I 74 -9.89 -44.32 7.62
C SER I 74 -10.47 -45.50 6.87
N SER I 75 -9.86 -46.68 7.04
CA SER I 75 -10.27 -47.89 6.31
C SER I 75 -11.66 -48.41 6.71
N LYS I 76 -12.13 -48.00 7.89
CA LYS I 76 -13.43 -48.40 8.42
C LYS I 76 -14.37 -47.21 8.46
N ASN I 77 -13.82 -46.04 8.08
CA ASN I 77 -14.50 -44.76 8.15
C ASN I 77 -15.01 -44.49 9.58
N GLN I 78 -14.15 -44.73 10.56
CA GLN I 78 -14.49 -44.55 11.98
C GLN I 78 -13.57 -43.57 12.68
N PHE I 79 -14.05 -42.99 13.78
CA PHE I 79 -13.17 -42.23 14.66
C PHE I 79 -13.44 -42.65 16.09
N PHE I 80 -12.44 -42.47 16.95
CA PHE I 80 -12.55 -43.06 18.28
C PHE I 80 -12.24 -42.09 19.40
N LEU I 81 -12.96 -42.26 20.49
CA LEU I 81 -12.67 -41.54 21.71
C LEU I 81 -11.97 -42.43 22.71
N LYS I 82 -10.74 -42.10 23.04
CA LYS I 82 -10.03 -42.90 24.00
C LYS I 82 -9.74 -42.09 25.25
N LEU I 83 -10.08 -42.67 26.40
CA LEU I 83 -9.74 -42.06 27.68
C LEU I 83 -8.73 -42.97 28.35
N ASN I 84 -7.57 -42.41 28.67
CA ASN I 84 -6.45 -43.19 29.19
C ASN I 84 -6.83 -43.93 30.46
N SER I 85 -7.67 -43.29 31.27
CA SER I 85 -8.16 -43.86 32.51
C SER I 85 -9.48 -43.20 32.88
N VAL I 86 -10.45 -43.99 33.33
CA VAL I 86 -11.73 -43.43 33.75
C VAL I 86 -11.93 -43.38 35.26
N ILE I 87 -12.73 -42.40 35.65
CA ILE I 87 -13.07 -42.10 37.03
C ILE I 87 -14.58 -42.21 37.15
N SER I 88 -15.10 -42.47 38.35
CA SER I 88 -16.55 -42.62 38.54
C SER I 88 -17.37 -41.48 37.92
N GLU I 89 -16.84 -40.26 37.94
CA GLU I 89 -17.53 -39.08 37.39
C GLU I 89 -17.72 -39.16 35.88
N ASP I 90 -16.98 -40.02 35.21
CA ASP I 90 -17.03 -40.14 33.75
C ASP I 90 -18.25 -40.91 33.28
N THR I 91 -19.12 -41.29 34.21
CA THR I 91 -20.39 -41.90 33.83
C THR I 91 -21.23 -40.86 33.10
N ALA I 92 -21.57 -41.16 31.85
CA ALA I 92 -22.27 -40.20 31.00
C ALA I 92 -22.74 -40.86 29.72
N THR I 93 -23.62 -40.18 28.99
CA THR I 93 -23.94 -40.64 27.64
C THR I 93 -23.03 -39.93 26.67
N TYR I 94 -22.28 -40.72 25.92
CA TYR I 94 -21.29 -40.17 25.00
C TYR I 94 -21.81 -40.12 23.59
N TYR I 95 -21.83 -38.92 23.05
CA TYR I 95 -22.31 -38.70 21.70
C TYR I 95 -21.15 -38.31 20.81
N CYS I 96 -21.20 -38.73 19.56
CA CYS I 96 -20.32 -38.21 18.52
C CYS I 96 -21.17 -37.27 17.65
N ALA I 97 -20.55 -36.24 17.07
CA ALA I 97 -21.26 -35.27 16.24
C ALA I 97 -20.39 -34.69 15.13
N ARG I 98 -21.04 -34.25 14.07
CA ARG I 98 -20.33 -33.60 12.97
C ARG I 98 -20.43 -32.10 13.07
N PHE I 99 -19.29 -31.42 12.98
CA PHE I 99 -19.25 -29.97 12.95
C PHE I 99 -18.81 -29.50 11.57
N GLY I 100 -19.47 -28.50 11.05
CA GLY I 100 -19.08 -28.00 9.75
C GLY I 100 -19.47 -26.57 9.53
N SER I 101 -19.07 -26.05 8.39
CA SER I 101 -19.26 -24.67 8.00
C SER I 101 -20.69 -24.28 7.64
N SER I 102 -21.56 -25.28 7.39
CA SER I 102 -22.92 -24.94 7.01
C SER I 102 -23.61 -24.16 8.12
N TYR I 103 -23.42 -24.62 9.36
CA TYR I 103 -24.04 -23.97 10.51
C TYR I 103 -23.03 -23.41 11.49
N TRP I 104 -21.77 -23.87 11.40
CA TRP I 104 -20.77 -23.59 12.43
C TRP I 104 -21.29 -24.11 13.73
N ALA I 105 -21.88 -25.29 13.67
CA ALA I 105 -22.50 -25.94 14.80
C ALA I 105 -22.46 -27.43 14.57
N MET I 106 -22.58 -28.18 15.64
CA MET I 106 -22.66 -29.63 15.52
C MET I 106 -24.10 -30.01 15.18
N ASP I 107 -24.32 -30.46 13.96
CA ASP I 107 -25.69 -30.70 13.48
C ASP I 107 -26.14 -32.16 13.58
N TYR I 108 -25.35 -33.05 13.01
CA TYR I 108 -25.68 -34.47 13.08
C TYR I 108 -25.06 -35.05 14.33
N TRP I 109 -25.91 -35.61 15.18
CA TRP I 109 -25.49 -36.24 16.42
C TRP I 109 -25.83 -37.72 16.35
N GLY I 110 -25.04 -38.53 17.03
CA GLY I 110 -25.37 -39.94 17.12
C GLY I 110 -26.43 -40.12 18.19
N GLN I 111 -26.72 -41.37 18.57
CA GLN I 111 -27.79 -41.63 19.53
C GLN I 111 -27.27 -41.56 20.94
N GLY I 112 -25.99 -41.88 21.09
CA GLY I 112 -25.31 -41.81 22.37
C GLY I 112 -25.10 -43.16 23.02
N THR I 113 -23.87 -43.41 23.46
CA THR I 113 -23.54 -44.64 24.16
C THR I 113 -23.56 -44.36 25.64
N SER I 114 -24.41 -45.05 26.37
CA SER I 114 -24.51 -44.81 27.80
C SER I 114 -23.47 -45.63 28.53
N LEU I 115 -22.50 -44.94 29.13
CA LEU I 115 -21.39 -45.61 29.78
C LEU I 115 -21.43 -45.52 31.30
N THR I 116 -21.32 -46.68 31.94
CA THR I 116 -21.23 -46.76 33.39
C THR I 116 -19.78 -47.02 33.85
N VAL I 117 -19.33 -46.29 34.88
CA VAL I 117 -18.01 -46.50 35.52
C VAL I 117 -18.26 -46.70 37.03
#